data_5N09
#
_entry.id   5N09
#
_cell.length_a   58.902
_cell.length_b   180.598
_cell.length_c   205.043
_cell.angle_alpha   90.00
_cell.angle_beta   90.00
_cell.angle_gamma   90.00
#
_symmetry.space_group_name_H-M   'P 2 21 21'
#
loop_
_entity.id
_entity.type
_entity.pdbx_description
1 polymer 'Envelope Glycoprotein E'
2 polymer 'BROADLY NEUTRALIZING HUMAN ANTIBODY EDE2 A11 - Heavy chain'
3 polymer 'BROADLY NEUTRALIZING HUMAN ANTIBODY EDE2 A11 - Light chain'
4 branched alpha-D-mannopyranose-(1-3)-[alpha-D-mannopyranose-(1-6)]beta-D-mannopyranose-(1-4)-2-acetamido-2-deoxy-beta-D-glucopyranose-(1-4)-[alpha-L-fucopyranose-(1-6)]2-acetamido-2-deoxy-beta-D-glucopyranose
5 non-polymer 2-acetamido-2-deoxy-beta-D-glucopyranose
6 water water
#
loop_
_entity_poly.entity_id
_entity_poly.type
_entity_poly.pdbx_seq_one_letter_code
_entity_poly.pdbx_strand_id
1 'polypeptide(L)'
;MRCIGISNRDFVEGVSGGSWVDIVLEHGSCVTTMAKNKPTLDFELIKTEAKQPATLRKYCIEAKLTNTTTESRCPTQGEP
SLNEEQDKRFICKHSMVDRGWGNGCGCFGKGGIVTCAKFTCKKNMEGKIVQPENLEYTIVITPHSGEEHAVGNDTGKHGK
EIKITPQSSTTEAELTGYGTVTMECSPRTGLDFNEMVLLQMEDKAWLVHRQWFLDLPLPWLPGADTQGSNWIQKETLVTF
KNPHAKKQDVVVLGSQEGAMHTALTGATEIQMSSGNLLFTGHLKCRLRMDKLQLKGMSYSMCTGKFKIVKEICETQHGTI
VIRVQYEGDGSPCKIPFEITDLEKRHVLGRLITVNPIVTEKDSPVNIEAEPPFGDSYIIVGVEPGQLKLNWFKKGLVPRG
SSAWSHPQFEKGGSGGGSGGSAWSHPQFEK
;
A,B
2 'polypeptide(L)'
;EVQLVESGGGLVRPGGSLRLSCAASGFSYSNHWMHWVRQAPGKGLVWVSRINSDGSTRNYADFVKGRFTISRDNAENTLY
LEMNSLTADDTAVYYCVRDGVRFYYDSTGYYPDSFFKYGMDVWGQGTTVTVSSASTKGPSVFPLAPSSKSTSGGTAALGC
LVKDYFPEPVTVSWNSGALTSGVHTFPAVLQSSGLYSLSSVVTVPSSSLGTQTYICNVNHKPSNTKVDKRVEPKSCDKTH
TCPPCPLEDDDDKAGWSHPQFEKGGGSGGGSGGGSWSHPQFEK
;
H,I
3 'polypeptide(L)'
;RSQSVLTQPVSVSGSPGQSITISCTGTSSNADTYNLVSWYQQRPGKAPKLMIYEGTKRPSGVSNRFSASKSATAASLTIS
GLQPEDEADYYCCSYATSRTLVFGGGTKLTVVGQPKAAPSVTLFPPSSEELQANKATLVCLISDFYPGAVTVAWKADSSP
VKAGVETTTPSKQSNNKYAASSYLSLTPEQWKSHRSYSCQVTHEGSTVEKTVAPTECS
;
L,M
#
# COMPACT_ATOMS: atom_id res chain seq x y z
N MET A 1 30.89 30.59 -24.68
CA MET A 1 31.33 29.26 -25.09
C MET A 1 30.24 28.22 -24.78
N ARG A 2 29.21 28.68 -24.05
CA ARG A 2 28.12 27.79 -23.66
C ARG A 2 27.33 27.34 -24.91
N CYS A 3 27.14 28.24 -25.88
CA CYS A 3 26.42 27.96 -27.13
C CYS A 3 27.03 26.83 -27.95
N ILE A 4 28.33 26.60 -27.85
CA ILE A 4 29.02 25.57 -28.61
C ILE A 4 28.47 24.16 -28.39
N GLY A 5 27.82 23.63 -29.43
CA GLY A 5 27.21 22.31 -29.44
C GLY A 5 25.70 22.30 -29.64
N ILE A 6 25.04 23.43 -29.46
CA ILE A 6 23.60 23.57 -29.68
C ILE A 6 23.34 23.93 -31.15
N SER A 7 22.43 23.17 -31.78
CA SER A 7 22.11 23.41 -33.19
C SER A 7 21.43 24.76 -33.40
N ASN A 8 20.46 25.15 -32.56
CA ASN A 8 19.78 26.42 -32.77
C ASN A 8 20.63 27.54 -32.17
N ARG A 9 21.71 27.88 -32.87
CA ARG A 9 22.68 28.89 -32.46
C ARG A 9 22.75 29.99 -33.52
N ASP A 10 22.82 31.25 -33.08
CA ASP A 10 22.88 32.39 -33.99
C ASP A 10 24.20 33.13 -33.82
N PHE A 11 24.78 33.59 -34.94
CA PHE A 11 26.03 34.37 -34.90
C PHE A 11 25.74 35.83 -35.29
N VAL A 12 25.56 36.69 -34.29
CA VAL A 12 25.30 38.12 -34.49
C VAL A 12 26.56 38.97 -34.33
N GLU A 13 26.91 39.76 -35.35
CA GLU A 13 28.05 40.68 -35.29
C GLU A 13 27.57 42.12 -35.41
N GLY A 14 28.01 42.99 -34.51
CA GLY A 14 27.60 44.40 -34.57
C GLY A 14 28.43 45.24 -35.51
N VAL A 15 27.75 45.93 -36.43
CA VAL A 15 28.40 46.80 -37.42
C VAL A 15 29.24 47.90 -36.76
N SER A 19 28.95 48.21 -32.06
CA SER A 19 28.91 48.84 -30.74
C SER A 19 27.59 48.51 -30.04
N TRP A 20 26.47 48.61 -30.76
CA TRP A 20 25.18 48.26 -30.20
C TRP A 20 24.75 47.07 -31.06
N VAL A 21 23.98 46.14 -30.49
CA VAL A 21 23.52 44.99 -31.29
C VAL A 21 22.21 44.39 -30.81
N ASP A 22 21.24 44.24 -31.71
CA ASP A 22 19.94 43.69 -31.35
C ASP A 22 20.01 42.16 -31.53
N ILE A 23 19.66 41.41 -30.47
CA ILE A 23 19.66 39.95 -30.48
C ILE A 23 18.27 39.46 -30.04
N VAL A 24 17.95 38.22 -30.43
CA VAL A 24 16.67 37.59 -30.10
C VAL A 24 16.87 36.27 -29.35
N LEU A 25 16.53 36.26 -28.06
CA LEU A 25 16.64 35.08 -27.21
C LEU A 25 15.29 34.37 -27.04
N GLU A 26 15.31 33.04 -27.10
CA GLU A 26 14.14 32.20 -26.87
C GLU A 26 14.66 30.91 -26.26
N HIS A 27 13.75 30.07 -25.77
CA HIS A 27 14.22 28.81 -25.18
C HIS A 27 14.76 27.89 -26.25
N GLY A 28 15.85 27.23 -25.90
CA GLY A 28 16.56 26.35 -26.79
C GLY A 28 17.28 27.05 -27.90
N SER A 29 17.52 28.36 -27.75
CA SER A 29 18.25 29.12 -28.74
C SER A 29 19.31 29.91 -28.00
N CYS A 30 20.53 29.88 -28.52
CA CYS A 30 21.68 30.61 -27.97
C CYS A 30 22.10 31.61 -29.02
N VAL A 31 22.70 32.72 -28.57
CA VAL A 31 23.14 33.75 -29.50
C VAL A 31 24.58 34.09 -29.16
N THR A 32 25.42 34.07 -30.19
CA THR A 32 26.83 34.40 -30.06
C THR A 32 27.01 35.76 -30.68
N THR A 33 27.51 36.70 -29.89
CA THR A 33 27.72 38.07 -30.32
C THR A 33 29.21 38.39 -30.38
N MET A 34 29.58 39.07 -31.44
CA MET A 34 30.94 39.48 -31.71
C MET A 34 30.98 40.94 -32.12
N ALA A 35 32.07 41.60 -31.80
CA ALA A 35 32.26 42.99 -32.17
C ALA A 35 33.76 43.24 -32.21
N LYS A 36 34.16 44.14 -33.11
CA LYS A 36 35.57 44.51 -33.26
C LYS A 36 36.16 44.98 -31.93
N ASN A 37 37.20 44.28 -31.47
CA ASN A 37 37.92 44.57 -30.23
C ASN A 37 36.99 44.51 -29.02
N LYS A 38 36.00 43.63 -29.08
CA LYS A 38 35.09 43.44 -27.97
C LYS A 38 35.03 41.93 -27.72
N PRO A 39 34.86 41.49 -26.48
CA PRO A 39 34.83 40.05 -26.24
C PRO A 39 33.62 39.41 -26.89
N THR A 40 33.80 38.17 -27.34
CA THR A 40 32.69 37.40 -27.90
C THR A 40 31.89 36.83 -26.75
N LEU A 41 30.57 37.02 -26.79
CA LEU A 41 29.71 36.58 -25.70
C LEU A 41 28.63 35.62 -26.16
N ASP A 42 28.26 34.72 -25.25
CA ASP A 42 27.23 33.72 -25.48
C ASP A 42 26.05 34.00 -24.55
N PHE A 43 24.87 34.18 -25.14
CA PHE A 43 23.63 34.46 -24.42
C PHE A 43 22.65 33.31 -24.55
N GLU A 44 21.98 32.97 -23.44
CA GLU A 44 20.97 31.91 -23.46
C GLU A 44 19.83 32.24 -22.51
N LEU A 45 18.60 32.01 -22.96
CA LEU A 45 17.45 32.14 -22.09
C LEU A 45 17.25 30.82 -21.35
N ILE A 46 17.63 30.80 -20.09
CA ILE A 46 17.61 29.59 -19.26
C ILE A 46 16.24 29.36 -18.62
N LYS A 47 15.52 30.42 -18.22
CA LYS A 47 14.21 30.19 -17.62
C LYS A 47 13.31 31.41 -17.70
N THR A 48 12.02 31.15 -17.89
CA THR A 48 10.95 32.15 -17.90
C THR A 48 9.97 31.87 -16.77
N GLU A 49 9.63 32.89 -15.99
CA GLU A 49 8.72 32.69 -14.86
C GLU A 49 7.70 33.81 -14.68
N ALA A 50 6.45 33.40 -14.43
CA ALA A 50 5.33 34.28 -14.14
C ALA A 50 5.29 34.30 -12.61
N LYS A 51 5.57 35.45 -12.00
CA LYS A 51 5.67 35.46 -10.55
C LYS A 51 4.44 35.98 -9.81
N GLN A 52 3.54 36.71 -10.46
CA GLN A 52 2.36 37.29 -9.81
C GLN A 52 1.11 36.86 -10.57
N PRO A 53 0.87 35.54 -10.67
CA PRO A 53 -0.30 35.06 -11.41
C PRO A 53 -1.50 34.94 -10.50
N ALA A 54 -2.58 35.61 -10.88
CA ALA A 54 -3.80 35.62 -10.09
C ALA A 54 -4.73 34.51 -10.57
N THR A 55 -4.95 33.51 -9.74
CA THR A 55 -5.89 32.46 -10.09
C THR A 55 -7.27 33.06 -10.33
N LEU A 56 -7.78 32.90 -11.55
CA LEU A 56 -9.10 33.41 -11.87
C LEU A 56 -10.19 32.45 -11.39
N ARG A 57 -10.04 31.18 -11.74
CA ARG A 57 -11.01 30.13 -11.50
C ARG A 57 -10.29 28.80 -11.61
N LYS A 58 -10.74 27.83 -10.84
CA LYS A 58 -10.15 26.49 -10.85
C LYS A 58 -11.26 25.52 -11.24
N TYR A 59 -11.02 24.72 -12.26
CA TYR A 59 -12.06 23.80 -12.71
C TYR A 59 -11.68 22.37 -12.38
N CYS A 60 -12.69 21.57 -12.04
CA CYS A 60 -12.50 20.16 -11.83
C CYS A 60 -12.72 19.42 -13.14
N ILE A 61 -11.71 18.64 -13.52
CA ILE A 61 -11.76 17.88 -14.76
C ILE A 61 -11.90 16.40 -14.48
N GLU A 62 -11.59 15.95 -13.27
CA GLU A 62 -11.80 14.57 -12.86
C GLU A 62 -12.22 14.65 -11.40
N ALA A 63 -13.39 14.08 -11.08
CA ALA A 63 -13.94 14.12 -9.75
C ALA A 63 -14.21 12.72 -9.24
N LYS A 64 -14.48 12.64 -7.94
CA LYS A 64 -14.80 11.39 -7.27
C LYS A 64 -15.92 11.57 -6.25
N LEU A 65 -16.90 10.68 -6.27
CA LEU A 65 -17.99 10.73 -5.29
C LEU A 65 -17.76 9.64 -4.25
N THR A 66 -17.71 10.05 -2.99
CA THR A 66 -17.49 9.16 -1.85
C THR A 66 -18.54 9.45 -0.77
N ASN A 67 -18.44 8.73 0.35
CA ASN A 67 -19.30 8.93 1.52
C ASN A 67 -20.79 8.98 1.19
N THR A 68 -21.20 8.14 0.24
CA THR A 68 -22.59 8.08 -0.20
C THR A 68 -23.53 7.72 0.95
N THR A 69 -24.57 8.54 1.15
CA THR A 69 -25.55 8.33 2.21
C THR A 69 -26.95 8.51 1.62
N THR A 70 -27.88 7.65 2.03
CA THR A 70 -29.26 7.71 1.57
C THR A 70 -30.23 7.62 2.75
N GLU A 71 -31.35 8.34 2.63
CA GLU A 71 -32.44 8.23 3.59
C GLU A 71 -33.78 8.19 2.86
N SER A 72 -34.64 7.26 3.23
CA SER A 72 -35.98 7.27 2.64
C SER A 72 -37.03 7.36 3.75
N ARG A 73 -38.25 7.69 3.35
CA ARG A 73 -39.36 7.79 4.28
C ARG A 73 -40.57 7.07 3.67
N CYS A 74 -41.42 6.51 4.53
CA CYS A 74 -42.63 5.87 4.04
C CYS A 74 -43.63 6.93 3.61
N PRO A 75 -44.59 6.57 2.75
CA PRO A 75 -45.58 7.55 2.29
C PRO A 75 -46.29 8.19 3.47
N THR A 76 -46.58 9.49 3.35
CA THR A 76 -47.21 10.35 4.34
C THR A 76 -46.36 10.61 5.58
N GLN A 77 -45.12 10.13 5.63
CA GLN A 77 -44.25 10.35 6.77
C GLN A 77 -43.34 11.56 6.55
N GLY A 78 -43.65 12.38 5.55
CA GLY A 78 -42.93 13.59 5.25
C GLY A 78 -41.74 13.38 4.33
N GLU A 79 -40.95 14.43 4.25
CA GLU A 79 -39.77 14.51 3.42
C GLU A 79 -38.57 14.08 4.25
N PRO A 80 -37.71 13.21 3.74
CA PRO A 80 -36.54 12.83 4.54
C PRO A 80 -35.49 13.92 4.50
N SER A 81 -34.58 13.86 5.46
CA SER A 81 -33.53 14.86 5.50
C SER A 81 -32.27 14.28 6.10
N LEU A 82 -31.13 14.71 5.55
CA LEU A 82 -29.84 14.33 6.09
C LEU A 82 -29.07 15.61 6.42
N ASN A 83 -28.17 15.53 7.40
CA ASN A 83 -27.38 16.71 7.75
C ASN A 83 -26.46 17.07 6.60
N GLU A 84 -25.96 16.04 5.89
CA GLU A 84 -25.13 16.22 4.71
C GLU A 84 -25.70 17.26 3.74
N GLU A 85 -27.02 17.45 3.71
CA GLU A 85 -27.63 18.44 2.83
C GLU A 85 -27.22 19.87 3.16
N GLN A 86 -26.61 20.10 4.32
CA GLN A 86 -26.15 21.42 4.74
C GLN A 86 -24.64 21.53 4.65
N ASP A 87 -23.97 20.41 4.41
CA ASP A 87 -22.53 20.35 4.17
C ASP A 87 -22.29 20.67 2.71
N LYS A 88 -21.50 21.71 2.47
CA LYS A 88 -21.27 22.18 1.12
C LYS A 88 -20.32 21.31 0.32
N ARG A 89 -19.83 20.22 0.89
CA ARG A 89 -18.97 19.33 0.14
C ARG A 89 -19.76 18.16 -0.38
N PHE A 90 -21.06 18.13 -0.07
CA PHE A 90 -21.96 17.05 -0.43
C PHE A 90 -22.96 17.53 -1.48
N ILE A 91 -23.32 16.66 -2.41
CA ILE A 91 -24.31 16.94 -3.43
C ILE A 91 -25.50 16.03 -3.13
N CYS A 92 -26.67 16.61 -3.01
CA CYS A 92 -27.87 15.87 -2.62
C CYS A 92 -29.01 16.08 -3.61
N LYS A 93 -29.91 15.10 -3.63
CA LYS A 93 -31.09 15.16 -4.48
C LYS A 93 -32.21 14.34 -3.86
N HIS A 94 -33.41 14.92 -3.88
CA HIS A 94 -34.65 14.33 -3.42
C HIS A 94 -35.46 13.72 -4.57
N SER A 95 -36.04 12.55 -4.33
CA SER A 95 -36.88 11.94 -5.35
C SER A 95 -38.03 11.20 -4.65
N MET A 96 -38.79 10.43 -5.42
CA MET A 96 -39.92 9.66 -4.93
C MET A 96 -39.77 8.21 -5.39
N VAL A 97 -40.03 7.27 -4.48
CA VAL A 97 -40.01 5.86 -4.83
C VAL A 97 -41.35 5.21 -4.51
N ASP A 98 -41.62 4.09 -5.18
CA ASP A 98 -42.82 3.31 -4.88
C ASP A 98 -42.57 2.53 -3.59
N ARG A 99 -43.41 2.78 -2.59
CA ARG A 99 -43.41 2.13 -1.30
C ARG A 99 -44.68 1.31 -1.06
N GLY A 100 -44.56 0.34 -0.15
CA GLY A 100 -45.69 -0.52 0.19
C GLY A 100 -45.30 -1.63 1.13
N TRP A 101 -46.27 -2.54 1.38
CA TRP A 101 -46.06 -3.68 2.28
C TRP A 101 -44.81 -4.48 1.95
N GLY A 102 -44.61 -4.74 0.67
CA GLY A 102 -43.52 -5.51 0.11
C GLY A 102 -42.26 -4.70 0.08
N ASN A 103 -42.38 -3.47 0.61
CA ASN A 103 -41.26 -2.55 0.63
C ASN A 103 -41.08 -1.82 1.95
N GLY A 104 -41.56 -2.38 3.06
CA GLY A 104 -41.33 -1.88 4.40
C GLY A 104 -42.21 -0.75 4.85
N CYS A 105 -43.34 -0.53 4.20
CA CYS A 105 -44.31 0.48 4.58
C CYS A 105 -45.65 -0.16 4.90
N GLY A 106 -46.29 0.33 5.95
CA GLY A 106 -47.62 -0.15 6.27
C GLY A 106 -48.65 0.19 5.21
N CYS A 107 -48.44 1.26 4.46
CA CYS A 107 -49.33 1.64 3.37
C CYS A 107 -48.54 1.88 2.08
N PHE A 108 -49.30 2.02 0.99
CA PHE A 108 -48.78 2.07 -0.37
C PHE A 108 -48.78 3.49 -0.93
N GLY A 109 -47.62 3.96 -1.38
CA GLY A 109 -47.57 5.27 -2.01
C GLY A 109 -46.17 5.68 -2.39
N LYS A 110 -46.01 6.97 -2.69
CA LYS A 110 -44.72 7.52 -3.09
C LYS A 110 -44.00 8.01 -1.83
N GLY A 111 -42.98 7.26 -1.40
CA GLY A 111 -42.19 7.67 -0.25
C GLY A 111 -41.00 8.48 -0.73
N GLY A 112 -40.77 9.60 -0.06
CA GLY A 112 -39.64 10.45 -0.39
C GLY A 112 -38.30 9.81 -0.10
N ILE A 113 -37.34 10.03 -1.00
CA ILE A 113 -35.99 9.50 -0.84
C ILE A 113 -35.04 10.69 -1.01
N VAL A 114 -33.85 10.55 -0.43
CA VAL A 114 -32.82 11.59 -0.57
C VAL A 114 -31.43 10.94 -0.57
N THR A 115 -30.63 11.27 -1.58
CA THR A 115 -29.29 10.72 -1.73
C THR A 115 -28.27 11.86 -1.75
N CYS A 116 -27.23 11.72 -0.92
CA CYS A 116 -26.14 12.67 -0.75
C CYS A 116 -24.80 11.98 -0.98
N ALA A 117 -23.87 12.66 -1.64
CA ALA A 117 -22.53 12.11 -1.81
C ALA A 117 -21.49 13.22 -1.71
N LYS A 118 -20.29 12.84 -1.25
CA LYS A 118 -19.20 13.79 -1.05
C LYS A 118 -18.43 13.96 -2.35
N PHE A 119 -18.50 15.17 -2.91
CA PHE A 119 -17.81 15.51 -4.15
C PHE A 119 -16.34 15.82 -3.90
N THR A 120 -15.46 14.94 -4.38
CA THR A 120 -14.02 15.06 -4.21
C THR A 120 -13.37 15.14 -5.58
N CYS A 121 -12.60 16.20 -5.82
CA CYS A 121 -11.91 16.38 -7.09
C CYS A 121 -10.59 15.62 -7.13
N LYS A 122 -10.37 14.87 -8.21
CA LYS A 122 -9.14 14.09 -8.33
C LYS A 122 -8.11 14.79 -9.21
N LYS A 123 -8.59 15.60 -10.15
CA LYS A 123 -7.74 16.30 -11.10
C LYS A 123 -8.48 17.59 -11.39
N ASN A 124 -7.73 18.69 -11.44
CA ASN A 124 -8.28 20.00 -11.71
C ASN A 124 -7.46 20.73 -12.75
N MET A 125 -8.04 21.84 -13.19
CA MET A 125 -7.44 22.77 -14.11
C MET A 125 -7.49 24.14 -13.47
N GLU A 126 -6.39 24.88 -13.54
CA GLU A 126 -6.34 26.23 -13.02
C GLU A 126 -6.13 27.24 -14.13
N GLY A 127 -6.89 28.33 -14.10
CA GLY A 127 -6.73 29.41 -15.04
C GLY A 127 -5.99 30.53 -14.35
N LYS A 128 -4.89 30.98 -14.92
CA LYS A 128 -4.19 32.04 -14.21
C LYS A 128 -4.09 33.26 -15.11
N ILE A 129 -4.36 34.43 -14.54
CA ILE A 129 -4.20 35.70 -15.24
C ILE A 129 -2.82 36.22 -14.87
N VAL A 130 -1.99 36.49 -15.87
CA VAL A 130 -0.62 36.92 -15.65
C VAL A 130 -0.40 38.28 -16.29
N GLN A 131 0.21 39.18 -15.52
CA GLN A 131 0.47 40.51 -16.05
C GLN A 131 1.79 40.47 -16.81
N PRO A 132 1.81 40.97 -18.05
CA PRO A 132 3.02 40.87 -18.88
C PRO A 132 4.31 41.32 -18.21
N GLU A 133 4.26 42.45 -17.50
CA GLU A 133 5.41 42.99 -16.78
C GLU A 133 5.91 42.12 -15.64
N ASN A 134 5.17 41.09 -15.24
CA ASN A 134 5.58 40.23 -14.14
C ASN A 134 6.26 38.96 -14.62
N LEU A 135 6.57 38.87 -15.91
CA LEU A 135 7.23 37.73 -16.55
C LEU A 135 8.74 37.85 -16.37
N GLU A 136 9.31 37.12 -15.40
CA GLU A 136 10.73 37.21 -15.15
C GLU A 136 11.47 36.26 -16.08
N TYR A 137 12.52 36.76 -16.72
CA TYR A 137 13.41 36.01 -17.59
C TYR A 137 14.77 35.86 -16.94
N THR A 138 15.41 34.71 -17.12
CA THR A 138 16.75 34.46 -16.59
C THR A 138 17.66 34.16 -17.76
N ILE A 139 18.56 35.09 -18.07
CA ILE A 139 19.52 34.98 -19.15
C ILE A 139 20.90 34.65 -18.57
N VAL A 140 21.64 33.77 -19.23
CA VAL A 140 22.98 33.38 -18.81
C VAL A 140 23.94 33.89 -19.86
N ILE A 141 24.87 34.74 -19.41
CA ILE A 141 25.91 35.33 -20.26
C ILE A 141 27.22 34.61 -20.00
N THR A 142 27.74 33.90 -20.99
CA THR A 142 29.00 33.19 -20.82
C THR A 142 30.00 33.81 -21.78
N PRO A 143 31.06 34.45 -21.29
CA PRO A 143 32.06 35.02 -22.20
C PRO A 143 32.91 33.93 -22.82
N HIS A 144 33.43 34.22 -24.00
CA HIS A 144 34.33 33.30 -24.68
C HIS A 144 35.69 33.50 -24.04
N SER A 145 35.86 32.93 -22.85
CA SER A 145 37.12 33.10 -22.13
C SER A 145 38.14 32.02 -22.41
N GLY A 146 37.84 31.08 -23.32
CA GLY A 146 38.79 30.03 -23.61
C GLY A 146 39.07 29.03 -22.51
N GLU A 147 38.63 29.30 -21.27
CA GLU A 147 38.85 28.43 -20.12
C GLU A 147 38.77 26.97 -20.53
N GLU A 148 39.59 26.13 -19.87
CA GLU A 148 39.70 24.72 -20.23
C GLU A 148 38.38 23.95 -20.16
N HIS A 149 37.51 24.26 -19.20
CA HIS A 149 36.21 23.61 -19.16
C HIS A 149 35.04 24.46 -19.62
N ALA A 150 35.24 25.76 -19.88
CA ALA A 150 34.20 26.69 -20.31
C ALA A 150 33.30 26.23 -21.46
N VAL A 151 33.68 25.17 -22.17
CA VAL A 151 33.01 24.78 -23.41
C VAL A 151 31.69 24.07 -23.11
N GLY A 152 30.57 24.74 -23.40
CA GLY A 152 29.27 24.10 -23.28
C GLY A 152 28.88 23.67 -21.88
N ASN A 153 29.52 24.24 -20.86
CA ASN A 153 29.30 23.85 -19.48
C ASN A 153 27.99 24.44 -18.98
N ASP A 154 26.98 23.58 -18.78
CA ASP A 154 25.65 24.04 -18.39
C ASP A 154 25.63 24.60 -16.97
N THR A 155 26.54 24.14 -16.11
CA THR A 155 26.56 24.59 -14.71
C THR A 155 26.46 26.09 -14.58
N GLY A 156 27.09 26.82 -15.51
CA GLY A 156 27.07 28.26 -15.46
C GLY A 156 28.03 28.85 -14.47
N LYS A 157 28.98 28.05 -13.94
CA LYS A 157 29.98 28.64 -13.05
C LYS A 157 30.93 29.57 -13.79
N HIS A 158 30.56 29.81 -15.05
CA HIS A 158 31.36 30.52 -16.03
C HIS A 158 30.62 31.71 -16.60
N GLY A 159 29.30 31.61 -16.71
CA GLY A 159 28.43 32.70 -17.14
C GLY A 159 27.69 33.40 -16.00
N LYS A 160 27.55 34.71 -16.13
CA LYS A 160 26.79 35.54 -15.20
C LYS A 160 25.29 35.45 -15.48
N GLU A 161 24.54 34.93 -14.50
CA GLU A 161 23.09 34.86 -14.60
C GLU A 161 22.51 36.25 -14.34
N ILE A 162 21.47 36.63 -15.08
CA ILE A 162 20.80 37.92 -14.91
C ILE A 162 19.30 37.78 -15.16
N LYS A 163 18.49 38.43 -14.33
CA LYS A 163 17.03 38.34 -14.47
C LYS A 163 16.51 39.70 -14.91
N ILE A 164 15.60 39.68 -15.90
CA ILE A 164 14.97 40.85 -16.49
C ILE A 164 13.46 40.67 -16.59
N THR A 165 12.75 41.79 -16.74
CA THR A 165 11.30 41.79 -16.91
C THR A 165 10.93 42.83 -17.96
N PRO A 166 9.80 42.63 -18.70
CA PRO A 166 9.39 43.61 -19.73
C PRO A 166 9.44 45.09 -19.39
N GLN A 167 9.24 45.45 -18.12
CA GLN A 167 9.44 46.82 -17.64
C GLN A 167 10.89 47.12 -17.33
N SER A 168 11.48 46.38 -16.40
CA SER A 168 12.85 46.58 -15.98
C SER A 168 13.76 45.95 -17.02
N SER A 169 13.47 46.41 -18.24
CA SER A 169 14.11 46.03 -19.50
C SER A 169 15.60 46.33 -19.54
N THR A 170 16.07 47.36 -18.83
CA THR A 170 17.48 47.73 -18.93
C THR A 170 18.23 47.33 -17.66
N THR A 171 19.28 46.53 -17.88
CA THR A 171 20.14 46.03 -16.81
C THR A 171 21.58 46.02 -17.27
N GLU A 172 22.48 46.40 -16.37
CA GLU A 172 23.92 46.35 -16.62
C GLU A 172 24.40 45.07 -15.97
N ALA A 173 25.12 44.23 -16.70
CA ALA A 173 25.64 43.01 -16.10
C ALA A 173 27.16 43.03 -16.21
N GLU A 174 27.81 42.82 -15.06
CA GLU A 174 29.25 42.84 -14.98
C GLU A 174 29.78 41.43 -15.25
N LEU A 175 30.79 41.35 -16.11
CA LEU A 175 31.46 40.13 -16.48
C LEU A 175 32.89 40.26 -15.95
N THR A 176 33.23 39.38 -15.00
CA THR A 176 34.48 39.41 -14.28
C THR A 176 35.69 39.28 -15.20
N GLY A 177 36.31 40.42 -15.47
CA GLY A 177 37.49 40.54 -16.31
C GLY A 177 37.20 41.16 -17.64
N TYR A 178 35.94 41.46 -17.94
CA TYR A 178 35.56 42.05 -19.22
C TYR A 178 34.77 43.34 -19.08
N GLY A 179 34.36 43.71 -17.87
CA GLY A 179 33.59 44.93 -17.68
C GLY A 179 32.08 44.72 -17.70
N THR A 180 31.31 45.73 -18.07
CA THR A 180 29.86 45.62 -18.05
C THR A 180 29.26 45.63 -19.46
N VAL A 181 28.08 45.03 -19.57
CA VAL A 181 27.32 44.98 -20.81
C VAL A 181 25.90 45.46 -20.50
N THR A 182 25.44 46.47 -21.24
CA THR A 182 24.10 47.02 -21.04
C THR A 182 23.07 46.33 -21.92
N MET A 183 22.00 45.83 -21.31
CA MET A 183 20.94 45.13 -22.02
C MET A 183 19.60 45.84 -21.86
N GLU A 184 19.00 46.21 -22.98
CA GLU A 184 17.70 46.89 -23.04
C GLU A 184 16.79 45.98 -23.84
N CYS A 185 16.06 45.11 -23.15
CA CYS A 185 15.24 44.04 -23.71
C CYS A 185 13.78 44.42 -23.90
N SER A 186 13.08 43.57 -24.66
CA SER A 186 11.66 43.77 -24.89
C SER A 186 10.95 42.50 -25.35
N PRO A 187 9.85 42.18 -24.70
CA PRO A 187 9.05 40.99 -25.04
C PRO A 187 8.22 41.12 -26.31
N ARG A 188 8.26 40.05 -27.10
CA ARG A 188 7.52 39.87 -28.34
C ARG A 188 6.94 38.46 -28.28
N THR A 189 5.95 38.32 -27.42
CA THR A 189 5.28 37.06 -27.20
C THR A 189 4.40 36.79 -28.42
N GLY A 190 3.89 35.57 -28.49
CA GLY A 190 3.08 35.26 -29.65
C GLY A 190 1.78 35.97 -29.40
N LEU A 191 1.22 35.84 -28.21
CA LEU A 191 -0.03 36.54 -27.99
C LEU A 191 0.13 37.44 -26.77
N ASP A 192 -0.58 38.56 -26.82
CA ASP A 192 -0.61 39.53 -25.74
C ASP A 192 -1.44 38.98 -24.59
N PHE A 193 -0.91 39.08 -23.39
CA PHE A 193 -1.50 38.56 -22.17
C PHE A 193 -2.78 39.27 -21.76
N ASN A 194 -3.24 40.30 -22.49
CA ASN A 194 -4.45 41.01 -22.12
C ASN A 194 -5.62 40.26 -22.76
N GLU A 195 -6.51 39.74 -21.90
CA GLU A 195 -7.68 38.92 -22.23
C GLU A 195 -7.31 37.47 -22.45
N MET A 196 -6.07 37.11 -22.22
CA MET A 196 -5.69 35.71 -22.29
C MET A 196 -5.56 35.16 -20.88
N VAL A 197 -5.89 33.89 -20.76
CA VAL A 197 -5.82 33.17 -19.50
C VAL A 197 -4.87 32.01 -19.76
N LEU A 198 -3.93 31.83 -18.84
CA LEU A 198 -2.93 30.78 -18.92
C LEU A 198 -3.56 29.56 -18.29
N LEU A 199 -4.18 28.75 -19.13
CA LEU A 199 -4.86 27.54 -18.69
C LEU A 199 -3.75 26.53 -18.41
N GLN A 200 -3.53 26.31 -17.12
CA GLN A 200 -2.58 25.38 -16.53
C GLN A 200 -3.35 24.16 -16.06
N MET A 201 -2.93 22.99 -16.51
CA MET A 201 -3.60 21.77 -16.08
C MET A 201 -2.66 20.93 -15.26
N GLU A 202 -1.72 20.25 -15.91
CA GLU A 202 -0.74 19.41 -15.26
C GLU A 202 0.58 19.96 -15.71
N ASP A 203 1.26 19.32 -16.64
CA ASP A 203 2.58 19.68 -17.12
C ASP A 203 2.49 20.42 -18.44
N LYS A 204 1.27 20.56 -18.94
CA LYS A 204 0.86 21.28 -20.14
C LYS A 204 0.24 22.63 -19.77
N ALA A 205 0.23 23.54 -20.75
CA ALA A 205 -0.30 24.88 -20.50
C ALA A 205 -0.72 25.50 -21.82
N TRP A 206 -1.68 26.43 -21.78
CA TRP A 206 -2.23 27.02 -23.00
C TRP A 206 -2.67 28.45 -22.72
N LEU A 207 -2.94 29.18 -23.80
CA LEU A 207 -3.40 30.55 -23.70
C LEU A 207 -4.77 30.65 -24.37
N VAL A 208 -5.80 30.98 -23.59
CA VAL A 208 -7.17 30.92 -24.11
C VAL A 208 -7.93 32.20 -23.77
N HIS A 209 -8.97 32.45 -24.56
CA HIS A 209 -9.85 33.60 -24.35
C HIS A 209 -10.54 33.56 -22.99
N ARG A 210 -10.54 34.72 -22.32
CA ARG A 210 -11.11 34.84 -20.98
C ARG A 210 -12.59 34.41 -20.94
N GLN A 211 -13.42 34.98 -21.81
CA GLN A 211 -14.84 34.62 -21.84
C GLN A 211 -15.03 33.13 -22.10
N TRP A 212 -14.24 32.56 -23.01
CA TRP A 212 -14.31 31.13 -23.28
C TRP A 212 -14.02 30.34 -22.00
N PHE A 213 -12.92 30.70 -21.32
CA PHE A 213 -12.55 30.05 -20.06
C PHE A 213 -13.71 30.07 -19.08
N LEU A 214 -14.22 31.26 -18.78
CA LEU A 214 -15.32 31.38 -17.82
C LEU A 214 -16.56 30.60 -18.24
N ASP A 215 -16.83 30.50 -19.54
CA ASP A 215 -17.99 29.76 -20.01
C ASP A 215 -17.81 28.24 -20.05
N LEU A 216 -16.74 27.70 -19.47
CA LEU A 216 -16.59 26.24 -19.44
C LEU A 216 -17.58 25.62 -18.46
N PRO A 217 -18.47 24.46 -18.94
CA PRO A 217 -19.46 23.78 -18.09
C PRO A 217 -18.84 22.71 -17.20
N LEU A 218 -18.08 23.16 -16.21
CA LEU A 218 -17.38 22.29 -15.29
C LEU A 218 -17.48 22.87 -13.89
N PRO A 219 -17.31 22.05 -12.86
CA PRO A 219 -17.31 22.57 -11.49
C PRO A 219 -16.12 23.48 -11.28
N TRP A 220 -16.31 24.57 -10.55
CA TRP A 220 -15.20 25.48 -10.36
C TRP A 220 -15.14 25.97 -8.93
N LEU A 221 -13.97 26.52 -8.58
CA LEU A 221 -13.73 27.18 -7.31
C LEU A 221 -13.20 28.56 -7.68
N PRO A 222 -13.74 29.63 -7.11
CA PRO A 222 -13.27 30.96 -7.50
C PRO A 222 -11.85 31.19 -7.02
N GLY A 223 -11.19 32.15 -7.65
CA GLY A 223 -9.84 32.49 -7.25
C GLY A 223 -9.77 32.81 -5.77
N ALA A 224 -10.82 33.46 -5.25
CA ALA A 224 -10.87 33.75 -3.83
C ALA A 224 -10.81 32.49 -2.99
N ASP A 225 -11.68 31.51 -3.23
CA ASP A 225 -11.54 30.30 -2.43
C ASP A 225 -10.60 29.31 -3.08
N THR A 226 -9.31 29.41 -2.75
CA THR A 226 -8.30 28.44 -3.20
C THR A 226 -8.17 27.48 -2.02
N GLN A 227 -7.95 26.19 -2.29
CA GLN A 227 -7.86 25.20 -1.21
C GLN A 227 -9.22 25.06 -0.56
N GLY A 228 -10.24 25.35 -1.36
CA GLY A 228 -11.62 25.44 -0.95
C GLY A 228 -12.31 24.12 -1.13
N SER A 229 -13.46 23.94 -0.51
CA SER A 229 -14.16 22.68 -0.67
C SER A 229 -15.59 22.83 -1.16
N ASN A 230 -16.07 24.06 -1.37
CA ASN A 230 -17.44 24.29 -1.84
C ASN A 230 -17.47 24.41 -3.37
N TRP A 231 -17.17 23.31 -4.06
CA TRP A 231 -17.18 23.34 -5.52
C TRP A 231 -18.54 23.75 -6.07
N ILE A 232 -18.55 24.84 -6.85
CA ILE A 232 -19.76 25.34 -7.50
C ILE A 232 -20.09 24.50 -8.74
N GLN A 233 -21.37 24.44 -9.08
CA GLN A 233 -21.89 23.71 -10.24
C GLN A 233 -21.57 22.22 -10.22
N LYS A 234 -21.47 21.61 -9.03
CA LYS A 234 -21.19 20.18 -8.99
C LYS A 234 -22.08 19.40 -9.93
N GLU A 235 -23.31 19.90 -10.17
CA GLU A 235 -24.25 19.28 -11.09
C GLU A 235 -23.62 18.97 -12.44
N THR A 236 -22.65 19.77 -12.88
CA THR A 236 -22.10 19.58 -14.22
C THR A 236 -21.35 18.26 -14.39
N LEU A 237 -20.93 17.62 -13.29
CA LEU A 237 -20.28 16.32 -13.37
C LEU A 237 -21.00 15.26 -12.57
N VAL A 238 -22.16 15.57 -11.99
CA VAL A 238 -22.88 14.60 -11.18
C VAL A 238 -24.29 14.47 -11.76
N THR A 239 -24.80 13.24 -11.76
CA THR A 239 -26.12 12.93 -12.30
C THR A 239 -26.84 11.95 -11.37
N PHE A 240 -28.10 12.24 -11.07
CA PHE A 240 -28.93 11.36 -10.26
C PHE A 240 -29.92 10.60 -11.14
N LYS A 241 -29.91 9.27 -11.02
CA LYS A 241 -30.76 8.39 -11.82
C LYS A 241 -31.74 7.62 -10.94
N ASN A 242 -33.02 7.82 -11.24
CA ASN A 242 -34.15 7.13 -10.60
C ASN A 242 -35.14 6.95 -11.73
N PRO A 243 -34.90 5.97 -12.64
CA PRO A 243 -35.78 5.86 -13.82
C PRO A 243 -37.11 5.14 -13.61
N HIS A 244 -37.17 4.23 -12.64
CA HIS A 244 -38.36 3.43 -12.38
C HIS A 244 -38.95 3.72 -11.01
N ALA A 245 -38.50 4.79 -10.36
CA ALA A 245 -38.97 5.13 -9.02
C ALA A 245 -38.74 4.00 -8.02
N LYS A 246 -37.72 3.18 -8.23
CA LYS A 246 -37.43 2.10 -7.31
C LYS A 246 -36.23 2.40 -6.40
N LYS A 247 -35.23 3.13 -6.89
CA LYS A 247 -34.00 3.38 -6.15
C LYS A 247 -33.31 4.55 -6.82
N GLN A 248 -32.64 5.39 -6.02
CA GLN A 248 -31.86 6.49 -6.58
C GLN A 248 -30.37 6.20 -6.53
N ASP A 249 -29.70 6.42 -7.66
CA ASP A 249 -28.27 6.20 -7.87
C ASP A 249 -27.57 7.49 -8.25
N VAL A 250 -26.35 7.72 -7.73
CA VAL A 250 -25.57 8.91 -8.05
C VAL A 250 -24.36 8.52 -8.90
N VAL A 251 -24.26 9.08 -10.11
CA VAL A 251 -23.20 8.72 -11.05
C VAL A 251 -22.42 9.92 -11.56
N VAL A 252 -21.09 9.80 -11.52
CA VAL A 252 -20.07 10.73 -12.04
C VAL A 252 -19.99 10.68 -13.57
N LEU A 253 -19.66 11.82 -14.18
CA LEU A 253 -19.67 11.96 -15.64
C LEU A 253 -18.32 11.67 -16.27
N GLY A 254 -17.31 11.28 -15.49
CA GLY A 254 -16.07 10.87 -16.11
C GLY A 254 -15.11 11.98 -16.54
N SER A 255 -13.82 11.72 -16.33
CA SER A 255 -12.76 12.69 -16.54
C SER A 255 -12.90 13.42 -17.88
N GLN A 256 -12.81 14.74 -17.83
CA GLN A 256 -12.93 15.62 -18.99
C GLN A 256 -11.56 16.07 -19.48
N GLU A 257 -10.51 15.42 -19.00
CA GLU A 257 -9.13 15.75 -19.35
C GLU A 257 -8.90 15.69 -20.86
N GLY A 258 -9.11 14.52 -21.46
CA GLY A 258 -8.91 14.40 -22.90
C GLY A 258 -9.89 15.25 -23.68
N ALA A 259 -11.12 15.40 -23.18
CA ALA A 259 -12.08 16.27 -23.84
C ALA A 259 -11.54 17.68 -23.92
N MET A 260 -10.98 18.16 -22.81
CA MET A 260 -10.39 19.48 -22.76
C MET A 260 -9.23 19.59 -23.74
N HIS A 261 -8.30 18.62 -23.71
CA HIS A 261 -7.20 18.62 -24.68
C HIS A 261 -7.72 18.76 -26.11
N THR A 262 -8.78 18.03 -26.45
CA THR A 262 -9.32 18.14 -27.80
C THR A 262 -9.86 19.55 -28.03
N ALA A 263 -10.53 20.11 -27.03
CA ALA A 263 -11.07 21.47 -27.15
C ALA A 263 -9.95 22.50 -27.27
N LEU A 264 -8.78 22.23 -26.69
CA LEU A 264 -7.65 23.14 -26.67
C LEU A 264 -6.70 22.95 -27.85
N THR A 265 -7.18 22.34 -28.94
CA THR A 265 -6.34 22.16 -30.13
C THR A 265 -6.02 23.49 -30.79
N GLY A 266 -7.05 24.28 -31.11
CA GLY A 266 -6.84 25.57 -31.74
C GLY A 266 -6.47 26.67 -30.77
N ALA A 267 -5.63 26.33 -29.78
CA ALA A 267 -5.13 27.28 -28.80
C ALA A 267 -3.62 27.23 -28.78
N THR A 268 -3.03 28.34 -28.36
CA THR A 268 -1.57 28.52 -28.24
C THR A 268 -1.02 27.69 -27.09
N GLU A 269 -0.37 26.57 -27.39
CA GLU A 269 0.16 25.75 -26.31
C GLU A 269 1.46 26.36 -25.79
N ILE A 270 1.61 26.27 -24.48
CA ILE A 270 2.75 26.68 -23.66
C ILE A 270 3.31 25.49 -22.90
N GLN A 271 4.64 25.38 -22.83
CA GLN A 271 5.10 24.22 -22.10
C GLN A 271 5.14 24.69 -20.65
N MET A 272 5.07 23.74 -19.73
CA MET A 272 5.03 24.08 -18.31
C MET A 272 5.95 23.26 -17.43
N SER A 273 6.30 23.86 -16.28
CA SER A 273 7.07 23.15 -15.27
C SER A 273 6.97 23.68 -13.83
N SER A 274 5.90 23.31 -13.12
CA SER A 274 5.68 23.69 -11.71
C SER A 274 5.78 25.19 -11.43
N GLY A 275 5.13 25.96 -12.27
CA GLY A 275 5.08 27.39 -12.16
C GLY A 275 6.15 28.15 -12.89
N ASN A 276 6.81 27.50 -13.86
CA ASN A 276 7.79 28.17 -14.69
C ASN A 276 7.33 27.81 -16.10
N LEU A 277 7.71 28.59 -17.08
CA LEU A 277 7.17 28.32 -18.41
C LEU A 277 8.26 28.30 -19.44
N LEU A 278 8.16 27.36 -20.38
CA LEU A 278 9.11 27.37 -21.47
C LEU A 278 8.27 28.07 -22.53
N PHE A 279 8.49 29.36 -22.75
CA PHE A 279 7.58 30.02 -23.68
C PHE A 279 8.10 30.21 -25.10
N THR A 280 7.17 29.98 -26.02
CA THR A 280 7.36 30.05 -27.47
C THR A 280 7.90 31.39 -27.94
N GLY A 281 7.49 32.46 -27.28
CA GLY A 281 7.80 33.82 -27.69
C GLY A 281 9.28 34.12 -27.63
N HIS A 282 9.64 35.26 -28.21
CA HIS A 282 11.03 35.70 -28.15
C HIS A 282 11.20 37.05 -27.49
N LEU A 283 12.45 37.25 -27.03
CA LEU A 283 12.91 38.43 -26.32
C LEU A 283 13.90 39.18 -27.20
N LYS A 284 13.49 40.34 -27.69
CA LYS A 284 14.36 41.18 -28.51
C LYS A 284 15.11 42.17 -27.63
N CYS A 285 16.40 41.96 -27.43
CA CYS A 285 17.19 42.86 -26.61
C CYS A 285 18.12 43.69 -27.47
N ARG A 286 18.62 44.76 -26.88
CA ARG A 286 19.64 45.59 -27.49
C ARG A 286 20.80 45.55 -26.51
N LEU A 287 22.01 45.36 -27.01
CA LEU A 287 23.17 45.22 -26.13
C LEU A 287 24.28 46.21 -26.49
N ARG A 288 24.68 46.99 -25.51
CA ARG A 288 25.76 47.97 -25.58
C ARG A 288 27.01 47.43 -24.90
N MET A 289 28.11 47.45 -25.66
CA MET A 289 29.41 46.88 -25.32
C MET A 289 30.43 47.99 -25.16
N ASP A 290 29.98 49.25 -25.07
CA ASP A 290 30.91 50.35 -24.92
C ASP A 290 31.70 50.20 -23.62
N LYS A 291 31.11 49.59 -22.60
CA LYS A 291 31.82 49.36 -21.34
C LYS A 291 32.48 47.99 -21.31
N LEU A 292 32.38 47.20 -22.38
CA LEU A 292 33.03 45.90 -22.42
C LEU A 292 34.44 46.10 -22.97
N GLN A 293 35.37 45.32 -22.45
CA GLN A 293 36.75 45.44 -22.88
C GLN A 293 37.44 44.09 -22.98
N LEU A 294 38.34 43.98 -23.95
CA LEU A 294 39.11 42.77 -24.14
C LEU A 294 40.03 42.66 -22.95
N LYS A 295 40.00 41.53 -22.27
CA LYS A 295 40.85 41.38 -21.10
C LYS A 295 42.29 41.15 -21.52
N GLY A 296 43.16 42.03 -21.02
CA GLY A 296 44.54 42.03 -21.41
C GLY A 296 44.75 42.55 -22.82
N MET A 297 44.21 43.72 -23.19
CA MET A 297 44.54 44.16 -24.53
C MET A 297 46.01 44.57 -24.64
N SER A 298 46.67 44.82 -23.52
CA SER A 298 48.10 45.16 -23.45
C SER A 298 48.97 43.95 -23.07
N TYR A 299 48.90 42.81 -23.76
CA TYR A 299 49.73 41.65 -23.42
C TYR A 299 50.63 41.23 -24.57
N SER A 300 51.76 40.58 -24.24
CA SER A 300 52.66 40.11 -25.27
C SER A 300 52.31 38.72 -25.78
N MET A 301 52.88 38.41 -26.94
CA MET A 301 52.70 37.12 -27.60
C MET A 301 53.43 35.99 -26.88
N CYS A 302 52.82 34.83 -26.85
CA CYS A 302 53.45 33.66 -26.27
C CYS A 302 54.65 33.30 -27.12
N THR A 303 55.75 32.95 -26.46
CA THR A 303 56.98 32.65 -27.18
C THR A 303 57.17 31.17 -27.40
N GLY A 304 56.87 30.36 -26.40
CA GLY A 304 57.03 28.93 -26.49
C GLY A 304 56.11 28.31 -27.53
N LYS A 305 56.11 26.98 -27.57
CA LYS A 305 55.32 26.15 -28.47
C LYS A 305 54.09 25.60 -27.75
N PHE A 306 53.08 25.24 -28.54
CA PHE A 306 51.80 24.74 -28.07
C PHE A 306 51.59 23.27 -28.44
N LYS A 307 50.91 22.55 -27.56
CA LYS A 307 50.60 21.15 -27.79
C LYS A 307 49.10 21.00 -27.99
N ILE A 308 48.69 20.05 -28.84
CA ILE A 308 47.27 19.83 -29.13
C ILE A 308 46.71 18.73 -28.22
N VAL A 309 46.11 19.16 -27.12
CA VAL A 309 45.56 18.26 -26.10
C VAL A 309 44.36 17.45 -26.62
N LYS A 310 43.49 18.05 -27.45
CA LYS A 310 42.27 17.40 -27.93
C LYS A 310 42.06 17.61 -29.42
N GLU A 311 41.74 16.50 -30.10
CA GLU A 311 41.40 16.50 -31.53
C GLU A 311 40.37 17.53 -31.93
N ILE A 312 40.71 18.29 -32.98
CA ILE A 312 39.83 19.29 -33.55
C ILE A 312 38.47 18.67 -33.81
N CYS A 313 37.40 19.37 -33.44
CA CYS A 313 36.05 18.90 -33.76
C CYS A 313 35.31 20.00 -34.51
N GLU A 314 34.38 19.57 -35.36
CA GLU A 314 33.55 20.50 -36.11
C GLU A 314 32.18 20.61 -35.49
N THR A 315 31.69 21.85 -35.36
CA THR A 315 30.36 22.07 -34.84
C THR A 315 29.34 21.95 -35.96
N GLN A 316 28.07 21.93 -35.58
CA GLN A 316 27.01 21.82 -36.58
C GLN A 316 26.98 23.01 -37.53
N HIS A 317 27.66 24.12 -37.21
CA HIS A 317 27.63 25.31 -38.06
C HIS A 317 28.97 25.55 -38.76
N GLY A 318 29.77 24.50 -38.92
CA GLY A 318 31.03 24.57 -39.62
C GLY A 318 32.19 25.14 -38.84
N THR A 319 31.95 25.82 -37.72
CA THR A 319 33.09 26.33 -36.96
C THR A 319 33.81 25.17 -36.29
N ILE A 320 35.06 25.41 -35.90
CA ILE A 320 35.87 24.38 -35.26
C ILE A 320 36.36 24.86 -33.91
N VAL A 321 36.57 23.90 -33.01
CA VAL A 321 37.04 24.18 -31.67
C VAL A 321 38.33 23.39 -31.46
N ILE A 322 39.38 24.09 -31.05
CA ILE A 322 40.71 23.52 -30.85
C ILE A 322 41.10 23.80 -29.39
N ARG A 323 41.40 22.75 -28.65
CA ARG A 323 41.86 22.91 -27.28
C ARG A 323 43.35 22.62 -27.26
N VAL A 324 44.15 23.61 -26.90
CA VAL A 324 45.61 23.52 -26.95
C VAL A 324 46.20 23.91 -25.59
N GLN A 325 47.34 23.32 -25.27
CA GLN A 325 48.04 23.60 -24.02
C GLN A 325 49.40 24.23 -24.30
N TYR A 326 49.71 25.26 -23.52
CA TYR A 326 50.99 25.96 -23.62
C TYR A 326 52.08 25.23 -22.86
N GLU A 327 53.19 24.92 -23.55
CA GLU A 327 54.32 24.29 -22.90
C GLU A 327 55.47 25.25 -22.63
N GLY A 328 55.51 26.40 -23.30
CA GLY A 328 56.54 27.40 -23.09
C GLY A 328 56.46 28.15 -21.78
N ASP A 329 57.08 29.33 -21.73
CA ASP A 329 57.16 30.15 -20.55
C ASP A 329 56.71 31.56 -20.88
N GLY A 330 56.14 32.26 -19.90
CA GLY A 330 55.66 33.60 -20.16
C GLY A 330 54.31 33.89 -19.56
N SER A 331 53.47 32.87 -19.45
CA SER A 331 52.11 33.01 -18.93
C SER A 331 52.06 33.95 -17.74
N PRO A 332 51.07 34.85 -17.72
CA PRO A 332 50.00 35.07 -18.70
C PRO A 332 50.41 35.67 -20.07
N CYS A 333 50.03 35.06 -21.19
CA CYS A 333 50.46 35.56 -22.49
C CYS A 333 49.39 35.32 -23.55
N LYS A 334 49.43 36.17 -24.58
CA LYS A 334 48.55 36.12 -25.74
C LYS A 334 48.89 35.00 -26.73
N ILE A 335 47.90 34.17 -27.06
CA ILE A 335 48.08 33.11 -28.04
C ILE A 335 48.06 33.64 -29.48
N PRO A 336 49.11 33.40 -30.27
CA PRO A 336 49.07 33.79 -31.69
C PRO A 336 48.24 32.79 -32.50
N PHE A 337 47.26 33.28 -33.26
CA PHE A 337 46.39 32.35 -33.99
C PHE A 337 46.11 32.91 -35.38
N GLU A 338 46.12 32.01 -36.38
CA GLU A 338 45.86 32.41 -37.75
C GLU A 338 45.39 31.21 -38.58
N ILE A 339 44.49 31.46 -39.53
CA ILE A 339 44.03 30.42 -40.46
C ILE A 339 44.31 30.95 -41.87
N THR A 340 45.37 30.48 -42.50
CA THR A 340 45.73 30.94 -43.85
C THR A 340 45.63 29.79 -44.86
N ASP A 341 45.85 30.14 -46.13
CA ASP A 341 45.82 29.19 -47.23
C ASP A 341 46.94 28.17 -47.10
N LEU A 342 46.97 27.22 -48.04
CA LEU A 342 48.03 26.22 -48.04
C LEU A 342 49.39 26.84 -48.30
N GLU A 343 49.43 27.96 -49.02
CA GLU A 343 50.67 28.66 -49.33
C GLU A 343 51.01 29.76 -48.33
N LYS A 344 50.21 29.93 -47.27
CA LYS A 344 50.48 30.88 -46.20
C LYS A 344 50.60 32.31 -46.72
N ARG A 345 49.73 32.67 -47.67
CA ARG A 345 49.83 33.98 -48.28
C ARG A 345 48.97 35.02 -47.56
N HIS A 346 47.73 34.67 -47.25
CA HIS A 346 46.79 35.59 -46.65
C HIS A 346 45.86 34.89 -45.66
N VAL A 347 45.57 35.59 -44.55
CA VAL A 347 44.65 35.10 -43.55
C VAL A 347 43.28 34.92 -44.21
N LEU A 348 42.63 33.78 -43.93
CA LEU A 348 41.36 33.41 -44.54
C LEU A 348 40.20 33.26 -43.58
N GLY A 349 40.24 32.30 -42.67
CA GLY A 349 39.13 32.11 -41.76
C GLY A 349 39.06 33.16 -40.68
N ARG A 350 37.90 33.22 -40.04
CA ARG A 350 37.61 34.18 -39.00
C ARG A 350 37.83 33.55 -37.64
N LEU A 351 38.06 34.41 -36.65
CA LEU A 351 38.21 33.96 -35.29
C LEU A 351 36.88 34.16 -34.60
N ILE A 352 36.43 33.16 -33.84
CA ILE A 352 35.26 33.30 -33.02
C ILE A 352 35.65 33.66 -31.61
N THR A 353 36.53 32.86 -31.02
CA THR A 353 37.11 33.09 -29.70
C THR A 353 38.18 34.17 -29.82
N VAL A 354 37.73 35.41 -30.05
CA VAL A 354 38.66 36.51 -30.25
C VAL A 354 39.58 36.69 -29.04
N ASN A 355 40.80 37.15 -29.34
CA ASN A 355 41.87 37.34 -28.37
C ASN A 355 42.17 36.16 -27.45
N PRO A 356 42.53 34.99 -27.99
CA PRO A 356 42.81 33.85 -27.13
C PRO A 356 44.06 34.11 -26.29
N ILE A 357 43.94 33.96 -24.97
CA ILE A 357 45.05 34.21 -24.05
C ILE A 357 45.28 33.02 -23.15
N VAL A 358 46.52 32.88 -22.67
CA VAL A 358 46.85 31.82 -21.70
C VAL A 358 46.90 32.44 -20.32
N THR A 359 46.35 31.73 -19.34
CA THR A 359 46.28 32.13 -17.94
C THR A 359 47.26 31.34 -17.09
N GLU A 360 47.31 30.03 -17.28
CA GLU A 360 48.23 29.12 -16.59
C GLU A 360 48.70 28.11 -17.63
N LYS A 361 49.97 27.73 -17.54
CA LYS A 361 50.52 26.77 -18.48
C LYS A 361 49.79 25.42 -18.43
N ASP A 362 49.46 24.96 -17.23
CA ASP A 362 48.73 23.69 -17.04
C ASP A 362 47.35 23.70 -17.68
N SER A 363 46.62 24.80 -17.53
CA SER A 363 45.26 24.91 -18.05
C SER A 363 45.22 25.21 -19.54
N PRO A 364 44.72 24.27 -20.33
CA PRO A 364 44.62 24.47 -21.78
C PRO A 364 43.53 25.49 -22.10
N VAL A 365 43.59 25.97 -23.34
CA VAL A 365 42.69 27.01 -23.83
C VAL A 365 41.89 26.45 -24.99
N ASN A 366 40.62 26.83 -25.03
CA ASN A 366 39.70 26.43 -26.09
C ASN A 366 39.47 27.60 -27.03
N ILE A 367 39.88 27.46 -28.29
CA ILE A 367 39.68 28.50 -29.29
C ILE A 367 38.74 28.00 -30.38
N GLU A 368 37.69 28.76 -30.64
CA GLU A 368 36.69 28.48 -31.68
C GLU A 368 36.87 29.46 -32.82
N ALA A 369 36.98 28.95 -34.04
CA ALA A 369 37.18 29.79 -35.20
C ALA A 369 36.38 29.25 -36.39
N GLU A 370 36.06 30.17 -37.33
CA GLU A 370 35.34 29.82 -38.55
C GLU A 370 36.37 29.58 -39.63
N PRO A 371 36.70 28.33 -39.96
CA PRO A 371 37.66 28.12 -41.04
C PRO A 371 37.01 28.38 -42.39
N PRO A 372 37.79 28.66 -43.43
CA PRO A 372 37.21 28.86 -44.76
C PRO A 372 36.88 27.54 -45.44
N PHE A 373 36.01 27.66 -46.45
CA PHE A 373 35.58 26.53 -47.28
C PHE A 373 36.73 25.93 -48.08
N GLY A 374 36.91 24.62 -47.92
CA GLY A 374 37.97 23.88 -48.57
C GLY A 374 39.21 23.67 -47.73
N ASP A 375 40.38 23.61 -48.37
CA ASP A 375 41.62 23.36 -47.64
C ASP A 375 42.10 24.61 -46.94
N SER A 376 42.50 24.46 -45.68
CA SER A 376 42.91 25.57 -44.84
C SER A 376 44.08 25.13 -43.97
N TYR A 377 44.75 26.11 -43.37
CA TYR A 377 45.88 25.88 -42.48
C TYR A 377 45.65 26.61 -41.17
N ILE A 378 45.59 25.84 -40.09
CA ILE A 378 45.40 26.35 -38.74
C ILE A 378 46.79 26.46 -38.15
N ILE A 379 47.26 27.68 -38.00
CA ILE A 379 48.57 28.00 -37.47
C ILE A 379 48.37 28.57 -36.08
N VAL A 380 48.79 27.84 -35.06
CA VAL A 380 48.72 28.32 -33.68
C VAL A 380 50.12 28.30 -33.11
N GLY A 381 50.53 29.43 -32.54
CA GLY A 381 51.86 29.63 -32.03
C GLY A 381 52.77 30.31 -33.04
N VAL A 382 54.06 30.35 -32.69
CA VAL A 382 55.07 30.98 -33.52
C VAL A 382 56.27 30.05 -33.62
N GLU A 383 57.04 30.23 -34.69
CA GLU A 383 58.25 29.45 -34.89
C GLU A 383 59.24 29.68 -33.75
N PRO A 384 59.94 28.63 -33.32
CA PRO A 384 59.85 27.25 -33.79
C PRO A 384 58.68 26.48 -33.18
N GLY A 385 58.44 25.27 -33.67
CA GLY A 385 57.33 24.46 -33.17
C GLY A 385 55.97 25.07 -33.37
N GLN A 386 55.83 25.93 -34.38
CA GLN A 386 54.55 26.55 -34.68
C GLN A 386 53.58 25.52 -35.27
N LEU A 387 52.46 25.31 -34.57
CA LEU A 387 51.52 24.26 -34.94
C LEU A 387 50.87 24.56 -36.28
N LYS A 388 51.02 23.62 -37.20
CA LYS A 388 50.48 23.67 -38.55
C LYS A 388 49.54 22.49 -38.74
N LEU A 389 48.23 22.76 -38.82
CA LEU A 389 47.25 21.70 -38.98
C LEU A 389 46.44 21.99 -40.23
N ASN A 390 46.20 20.99 -41.07
CA ASN A 390 45.48 21.22 -42.31
C ASN A 390 44.04 20.81 -42.07
N TRP A 391 43.11 21.64 -42.53
CA TRP A 391 41.71 21.33 -42.31
C TRP A 391 40.95 21.35 -43.63
N PHE A 392 39.93 20.50 -43.69
CA PHE A 392 39.07 20.32 -44.84
C PHE A 392 37.69 20.88 -44.54
N LYS A 393 37.06 21.55 -45.51
CA LYS A 393 35.72 22.07 -45.30
C LYS A 393 34.86 21.86 -46.55
N LYS A 394 34.01 20.85 -46.54
CA LYS A 394 33.10 20.64 -47.67
C LYS A 394 31.97 21.66 -47.66
N MET B 1 -49.27 -11.32 -6.75
CA MET B 1 -49.37 -10.36 -5.65
C MET B 1 -48.15 -9.44 -5.63
N ARG B 2 -47.15 -9.80 -6.45
CA ARG B 2 -45.91 -9.03 -6.53
C ARG B 2 -46.15 -7.62 -7.07
N CYS B 3 -47.06 -7.46 -8.03
CA CYS B 3 -47.36 -6.14 -8.60
C CYS B 3 -47.85 -5.13 -7.58
N ILE B 4 -48.46 -5.58 -6.49
CA ILE B 4 -49.03 -4.70 -5.47
C ILE B 4 -47.97 -3.80 -4.83
N GLY B 5 -48.09 -2.50 -5.12
CA GLY B 5 -47.20 -1.45 -4.63
C GLY B 5 -46.39 -0.72 -5.68
N ILE B 6 -46.30 -1.25 -6.89
CA ILE B 6 -45.60 -0.62 -8.01
C ILE B 6 -46.57 0.30 -8.74
N SER B 7 -46.18 1.57 -8.91
CA SER B 7 -47.02 2.53 -9.61
C SER B 7 -47.23 2.15 -11.08
N ASN B 8 -46.20 1.70 -11.79
CA ASN B 8 -46.39 1.34 -13.20
C ASN B 8 -46.96 -0.07 -13.29
N ARG B 9 -48.25 -0.19 -12.99
CA ARG B 9 -48.96 -1.46 -12.96
C ARG B 9 -50.12 -1.38 -13.93
N ASP B 10 -50.37 -2.48 -14.65
CA ASP B 10 -51.45 -2.55 -15.62
C ASP B 10 -52.47 -3.60 -15.21
N PHE B 11 -53.75 -3.31 -15.40
CA PHE B 11 -54.83 -4.26 -15.13
C PHE B 11 -55.47 -4.73 -16.43
N VAL B 12 -54.97 -5.83 -16.97
CA VAL B 12 -55.41 -6.40 -18.23
C VAL B 12 -56.43 -7.51 -18.01
N GLU B 13 -57.60 -7.41 -18.64
CA GLU B 13 -58.65 -8.43 -18.55
C GLU B 13 -58.90 -9.06 -19.91
N GLY B 14 -58.97 -10.40 -19.96
CA GLY B 14 -59.21 -11.07 -21.22
C GLY B 14 -60.48 -11.90 -21.31
N VAL B 15 -61.29 -11.63 -22.34
CA VAL B 15 -62.53 -12.36 -22.60
C VAL B 15 -62.26 -13.85 -22.70
N SER B 16 -62.81 -14.63 -21.76
CA SER B 16 -62.68 -16.10 -21.78
C SER B 16 -61.23 -16.55 -21.90
N TRP B 20 -57.53 -15.93 -24.10
CA TRP B 20 -56.24 -15.44 -24.55
C TRP B 20 -56.18 -13.95 -24.23
N VAL B 21 -54.99 -13.42 -23.91
CA VAL B 21 -54.84 -12.00 -23.61
C VAL B 21 -53.43 -11.48 -23.91
N ASP B 22 -53.33 -10.40 -24.69
CA ASP B 22 -52.02 -9.86 -25.07
C ASP B 22 -51.57 -8.86 -24.00
N ILE B 23 -50.34 -9.03 -23.50
CA ILE B 23 -49.76 -8.15 -22.49
C ILE B 23 -48.40 -7.63 -22.96
N VAL B 24 -47.96 -6.51 -22.37
CA VAL B 24 -46.67 -5.90 -22.68
C VAL B 24 -45.83 -5.72 -21.42
N LEU B 25 -44.72 -6.47 -21.32
CA LEU B 25 -43.81 -6.42 -20.19
C LEU B 25 -42.58 -5.58 -20.52
N GLU B 26 -42.15 -4.76 -19.57
CA GLU B 26 -40.94 -3.97 -19.69
C GLU B 26 -40.38 -3.84 -18.29
N HIS B 27 -39.14 -3.37 -18.19
CA HIS B 27 -38.57 -3.21 -16.87
C HIS B 27 -39.31 -2.12 -16.10
N GLY B 28 -39.55 -2.42 -14.83
CA GLY B 28 -40.30 -1.57 -13.93
C GLY B 28 -41.78 -1.47 -14.25
N SER B 29 -42.33 -2.44 -14.97
CA SER B 29 -43.74 -2.46 -15.28
C SER B 29 -44.22 -3.87 -14.95
N CYS B 30 -45.33 -3.97 -14.24
CA CYS B 30 -45.95 -5.23 -13.86
C CYS B 30 -47.32 -5.27 -14.52
N VAL B 31 -47.82 -6.46 -14.81
CA VAL B 31 -49.12 -6.59 -15.44
C VAL B 31 -49.93 -7.58 -14.63
N THR B 32 -51.15 -7.18 -14.27
CA THR B 32 -52.07 -8.01 -13.53
C THR B 32 -53.12 -8.46 -14.54
N THR B 33 -53.26 -9.76 -14.68
CA THR B 33 -54.20 -10.36 -15.60
C THR B 33 -55.29 -11.07 -14.83
N MET B 34 -56.52 -10.90 -15.31
CA MET B 34 -57.70 -11.50 -14.70
C MET B 34 -58.53 -12.11 -15.82
N ALA B 35 -59.23 -13.19 -15.48
CA ALA B 35 -60.12 -13.84 -16.43
C ALA B 35 -61.18 -14.58 -15.64
N LYS B 36 -62.37 -14.65 -16.22
CA LYS B 36 -63.49 -15.32 -15.57
C LYS B 36 -63.15 -16.77 -15.24
N ASN B 37 -63.25 -17.11 -13.96
CA ASN B 37 -62.99 -18.45 -13.43
C ASN B 37 -61.56 -18.89 -13.66
N LYS B 38 -60.67 -17.93 -13.71
CA LYS B 38 -59.26 -18.21 -13.90
C LYS B 38 -58.47 -17.45 -12.84
N PRO B 39 -57.33 -17.97 -12.39
CA PRO B 39 -56.64 -17.24 -11.32
C PRO B 39 -56.03 -15.92 -11.86
N THR B 40 -55.98 -14.95 -10.98
CA THR B 40 -55.40 -13.66 -11.30
C THR B 40 -53.89 -13.79 -11.16
N LEU B 41 -53.19 -13.35 -12.20
CA LEU B 41 -51.75 -13.49 -12.22
C LEU B 41 -51.01 -12.16 -12.34
N ASP B 42 -49.82 -12.12 -11.75
CA ASP B 42 -48.95 -10.95 -11.75
C ASP B 42 -47.70 -11.30 -12.54
N PHE B 43 -47.41 -10.54 -13.59
CA PHE B 43 -46.23 -10.75 -14.42
C PHE B 43 -45.27 -9.57 -14.27
N GLU B 44 -43.98 -9.89 -14.21
CA GLU B 44 -42.96 -8.84 -14.11
C GLU B 44 -41.68 -9.26 -14.83
N LEU B 45 -41.13 -8.36 -15.64
CA LEU B 45 -39.83 -8.62 -16.25
C LEU B 45 -38.74 -8.28 -15.24
N ILE B 46 -38.15 -9.31 -14.66
CA ILE B 46 -37.15 -9.18 -13.61
C ILE B 46 -35.74 -9.00 -14.16
N LYS B 47 -35.41 -9.63 -15.29
CA LYS B 47 -34.07 -9.45 -15.83
C LYS B 47 -33.97 -9.78 -17.31
N THR B 48 -33.12 -9.02 -18.01
CA THR B 48 -32.78 -9.23 -19.40
C THR B 48 -31.29 -9.50 -19.46
N GLU B 49 -30.89 -10.55 -20.17
CA GLU B 49 -29.46 -10.87 -20.28
C GLU B 49 -29.04 -11.27 -21.68
N ALA B 50 -27.93 -10.69 -22.12
CA ALA B 50 -27.30 -10.97 -23.41
C ALA B 50 -26.32 -12.07 -23.03
N LYS B 51 -26.55 -13.29 -23.52
CA LYS B 51 -25.72 -14.41 -23.06
C LYS B 51 -24.56 -14.82 -23.94
N GLN B 52 -24.56 -14.58 -25.24
CA GLN B 52 -23.46 -15.05 -26.11
C GLN B 52 -22.88 -13.87 -26.89
N PRO B 53 -22.34 -12.89 -26.17
CA PRO B 53 -21.80 -11.68 -26.82
C PRO B 53 -20.33 -11.83 -27.15
N ALA B 54 -19.99 -11.61 -28.41
CA ALA B 54 -18.62 -11.76 -28.85
C ALA B 54 -17.96 -10.38 -28.77
N THR B 55 -16.98 -10.27 -27.87
CA THR B 55 -16.23 -9.05 -27.75
C THR B 55 -15.54 -8.74 -29.08
N LEU B 56 -15.90 -7.59 -29.65
CA LEU B 56 -15.30 -7.17 -30.91
C LEU B 56 -13.94 -6.53 -30.69
N ARG B 57 -13.87 -5.59 -29.75
CA ARG B 57 -12.69 -4.78 -29.51
C ARG B 57 -12.81 -4.15 -28.14
N LYS B 58 -11.67 -3.97 -27.49
CA LYS B 58 -11.61 -3.35 -26.18
C LYS B 58 -10.72 -2.13 -26.31
N TYR B 59 -11.21 -0.96 -25.92
CA TYR B 59 -10.42 0.25 -26.07
C TYR B 59 -9.97 0.78 -24.71
N CYS B 60 -8.78 1.36 -24.70
CA CYS B 60 -8.28 2.02 -23.49
C CYS B 60 -8.69 3.47 -23.53
N ILE B 61 -9.35 3.91 -22.47
CA ILE B 61 -9.80 5.29 -22.35
C ILE B 61 -8.99 6.04 -21.32
N GLU B 62 -8.32 5.34 -20.39
CA GLU B 62 -7.44 5.98 -19.43
C GLU B 62 -6.27 5.02 -19.27
N ALA B 63 -5.06 5.52 -19.53
CA ALA B 63 -3.83 4.75 -19.47
C ALA B 63 -2.83 5.37 -18.51
N LYS B 64 -1.81 4.59 -18.19
CA LYS B 64 -0.72 5.02 -17.32
C LYS B 64 0.62 4.57 -17.87
N LEU B 65 1.60 5.47 -17.89
CA LEU B 65 2.96 5.12 -18.30
C LEU B 65 3.85 4.99 -17.07
N THR B 66 4.56 3.87 -16.95
CA THR B 66 5.45 3.62 -15.82
C THR B 66 6.79 3.05 -16.34
N ASN B 67 7.70 2.76 -15.41
CA ASN B 67 9.00 2.12 -15.74
C ASN B 67 9.74 2.76 -16.90
N THR B 68 9.71 4.10 -16.95
CA THR B 68 10.37 4.84 -18.02
C THR B 68 11.87 4.57 -18.02
N THR B 69 12.42 4.27 -19.19
CA THR B 69 13.84 3.98 -19.35
C THR B 69 14.33 4.68 -20.60
N THR B 70 15.53 5.26 -20.52
CA THR B 70 16.13 5.98 -21.64
C THR B 70 17.57 5.54 -21.85
N GLU B 71 18.00 5.56 -23.11
CA GLU B 71 19.39 5.34 -23.48
C GLU B 71 19.79 6.28 -24.60
N SER B 72 20.96 6.93 -24.49
CA SER B 72 21.42 7.74 -25.60
C SER B 72 22.80 7.28 -26.03
N ARG B 73 23.19 7.72 -27.23
CA ARG B 73 24.49 7.38 -27.79
C ARG B 73 25.15 8.65 -28.32
N CYS B 74 26.48 8.70 -28.33
CA CYS B 74 27.20 9.83 -28.90
C CYS B 74 27.18 9.80 -30.43
N PRO B 75 27.38 10.96 -31.07
CA PRO B 75 27.34 11.02 -32.53
C PRO B 75 28.33 10.02 -33.11
N THR B 76 27.91 9.37 -34.20
CA THR B 76 28.66 8.35 -34.92
C THR B 76 28.82 7.03 -34.15
N GLN B 77 28.24 6.89 -32.97
CA GLN B 77 28.36 5.68 -32.18
C GLN B 77 27.18 4.73 -32.41
N GLY B 78 26.40 4.98 -33.45
CA GLY B 78 25.28 4.15 -33.81
C GLY B 78 24.00 4.49 -33.10
N GLU B 79 23.04 3.58 -33.26
CA GLU B 79 21.69 3.70 -32.72
C GLU B 79 21.62 3.03 -31.38
N PRO B 80 21.05 3.67 -30.36
CA PRO B 80 20.96 3.01 -29.06
C PRO B 80 19.85 1.97 -29.09
N SER B 81 19.88 1.08 -28.10
CA SER B 81 18.86 0.05 -28.06
C SER B 81 18.60 -0.39 -26.64
N LEU B 82 17.34 -0.66 -26.34
CA LEU B 82 16.94 -1.18 -25.05
C LEU B 82 16.16 -2.46 -25.25
N ASN B 83 16.23 -3.36 -24.27
CA ASN B 83 15.49 -4.62 -24.40
C ASN B 83 13.99 -4.36 -24.39
N GLU B 84 13.57 -3.33 -23.63
CA GLU B 84 12.17 -2.91 -23.56
C GLU B 84 11.56 -2.73 -24.95
N GLU B 85 12.39 -2.42 -25.95
CA GLU B 85 11.90 -2.26 -27.32
C GLU B 85 11.34 -3.56 -27.88
N GLN B 86 11.60 -4.69 -27.23
CA GLN B 86 11.14 -5.99 -27.68
C GLN B 86 10.00 -6.50 -26.81
N ASP B 87 9.72 -5.80 -25.72
CA ASP B 87 8.60 -6.06 -24.83
C ASP B 87 7.39 -5.33 -25.40
N LYS B 88 6.36 -6.08 -25.69
CA LYS B 88 5.16 -5.55 -26.32
C LYS B 88 4.30 -4.74 -25.36
N ARG B 89 4.71 -4.59 -24.10
CA ARG B 89 3.98 -3.75 -23.16
C ARG B 89 4.61 -2.37 -23.08
N PHE B 90 5.69 -2.15 -23.80
CA PHE B 90 6.45 -0.92 -23.77
C PHE B 90 6.25 -0.15 -25.07
N ILE B 91 6.18 1.18 -24.97
CA ILE B 91 6.10 2.05 -26.12
C ILE B 91 7.42 2.81 -26.17
N CYS B 92 8.10 2.74 -27.32
CA CYS B 92 9.43 3.31 -27.46
C CYS B 92 9.50 4.23 -28.66
N LYS B 93 10.47 5.15 -28.62
CA LYS B 93 10.68 6.07 -29.71
C LYS B 93 12.12 6.56 -29.72
N HIS B 94 12.69 6.60 -30.91
CA HIS B 94 14.03 7.08 -31.21
C HIS B 94 14.00 8.52 -31.71
N SER B 95 14.97 9.31 -31.25
CA SER B 95 15.07 10.69 -31.69
C SER B 95 16.53 11.07 -31.75
N MET B 96 16.80 12.36 -31.94
CA MET B 96 18.15 12.88 -32.04
C MET B 96 18.30 14.04 -31.07
N VAL B 97 19.45 14.11 -30.37
CA VAL B 97 19.73 15.22 -29.49
C VAL B 97 21.06 15.86 -29.89
N ASP B 98 21.22 17.13 -29.52
CA ASP B 98 22.49 17.82 -29.72
C ASP B 98 23.51 17.33 -28.69
N ARG B 99 24.61 16.79 -29.18
CA ARG B 99 25.72 16.29 -28.40
C ARG B 99 27.00 17.10 -28.67
N GLY B 100 27.92 17.03 -27.70
CA GLY B 100 29.19 17.72 -27.83
C GLY B 100 30.02 17.64 -26.55
N TRP B 101 31.13 18.39 -26.55
CA TRP B 101 32.07 18.38 -25.41
C TRP B 101 31.38 18.65 -24.09
N GLY B 102 30.47 19.61 -24.08
CA GLY B 102 29.71 20.07 -22.95
C GLY B 102 28.60 19.12 -22.62
N ASN B 103 28.44 18.10 -23.45
CA ASN B 103 27.39 17.12 -23.27
C ASN B 103 27.88 15.67 -23.29
N GLY B 104 29.14 15.43 -22.96
CA GLY B 104 29.67 14.08 -22.78
C GLY B 104 30.03 13.34 -24.05
N CYS B 105 30.29 14.05 -25.13
CA CYS B 105 30.73 13.48 -26.41
C CYS B 105 32.05 14.09 -26.79
N GLY B 106 32.95 13.28 -27.36
CA GLY B 106 34.19 13.83 -27.88
C GLY B 106 34.06 14.78 -29.05
N CYS B 107 33.06 14.60 -29.90
CA CYS B 107 32.84 15.53 -31.01
C CYS B 107 31.38 15.98 -31.03
N PHE B 108 31.11 16.95 -31.90
CA PHE B 108 29.85 17.69 -31.91
C PHE B 108 28.91 17.17 -32.98
N GLY B 109 27.72 16.72 -32.57
CA GLY B 109 26.77 16.28 -33.58
C GLY B 109 25.47 15.79 -32.98
N LYS B 110 24.68 15.13 -33.81
CA LYS B 110 23.39 14.56 -33.40
C LYS B 110 23.54 13.14 -32.88
N GLY B 111 23.41 12.96 -31.57
CA GLY B 111 23.45 11.62 -30.99
C GLY B 111 22.06 11.04 -30.85
N GLY B 112 21.91 9.79 -31.27
CA GLY B 112 20.62 9.11 -31.15
C GLY B 112 20.22 8.88 -29.69
N ILE B 113 18.91 9.02 -29.44
CA ILE B 113 18.33 8.77 -28.12
C ILE B 113 17.15 7.81 -28.31
N VAL B 114 16.81 7.08 -27.25
CA VAL B 114 15.65 6.19 -27.28
C VAL B 114 14.97 6.15 -25.91
N THR B 115 13.67 6.41 -25.89
CA THR B 115 12.88 6.42 -24.66
C THR B 115 11.75 5.39 -24.74
N CYS B 116 11.64 4.57 -23.69
CA CYS B 116 10.68 3.47 -23.56
C CYS B 116 9.88 3.62 -22.27
N ALA B 117 8.57 3.35 -22.34
CA ALA B 117 7.75 3.37 -21.12
C ALA B 117 6.70 2.27 -21.17
N LYS B 118 6.32 1.76 -20.00
CA LYS B 118 5.36 0.66 -19.90
C LYS B 118 3.94 1.20 -19.93
N PHE B 119 3.21 0.87 -21.00
CA PHE B 119 1.82 1.28 -21.17
C PHE B 119 0.88 0.39 -20.38
N THR B 120 0.21 0.96 -19.37
CA THR B 120 -0.71 0.24 -18.51
C THR B 120 -2.06 0.93 -18.57
N CYS B 121 -3.10 0.17 -18.91
CA CYS B 121 -4.45 0.71 -18.99
C CYS B 121 -5.12 0.77 -17.62
N LYS B 122 -5.72 1.92 -17.29
CA LYS B 122 -6.36 2.09 -16.00
C LYS B 122 -7.88 2.00 -16.10
N LYS B 123 -8.41 2.28 -17.28
CA LYS B 123 -9.84 2.28 -17.56
C LYS B 123 -9.96 1.95 -19.03
N ASN B 124 -10.87 1.02 -19.34
CA ASN B 124 -11.13 0.58 -20.71
C ASN B 124 -12.62 0.59 -21.02
N MET B 125 -12.87 0.38 -22.30
CA MET B 125 -14.19 0.25 -22.88
C MET B 125 -14.22 -1.03 -23.69
N GLU B 126 -15.30 -1.80 -23.55
CA GLU B 126 -15.47 -3.00 -24.34
C GLU B 126 -16.66 -2.90 -25.29
N GLY B 127 -16.45 -3.33 -26.53
CA GLY B 127 -17.50 -3.38 -27.51
C GLY B 127 -18.01 -4.81 -27.60
N LYS B 128 -19.29 -5.02 -27.39
CA LYS B 128 -19.76 -6.39 -27.47
C LYS B 128 -20.77 -6.51 -28.60
N ILE B 129 -20.67 -7.57 -29.40
CA ILE B 129 -21.65 -7.86 -30.44
C ILE B 129 -22.62 -8.86 -29.83
N VAL B 130 -23.91 -8.55 -29.85
CA VAL B 130 -24.92 -9.43 -29.26
C VAL B 130 -25.92 -9.86 -30.33
N GLN B 131 -26.18 -11.16 -30.38
CA GLN B 131 -27.12 -11.70 -31.36
C GLN B 131 -28.54 -11.60 -30.80
N PRO B 132 -29.47 -11.01 -31.56
CA PRO B 132 -30.82 -10.79 -31.02
C PRO B 132 -31.49 -11.99 -30.37
N GLU B 133 -31.43 -13.15 -31.01
CA GLU B 133 -32.03 -14.37 -30.47
C GLU B 133 -31.42 -14.84 -29.15
N ASN B 134 -30.27 -14.32 -28.74
CA ASN B 134 -29.61 -14.77 -27.52
C ASN B 134 -29.91 -13.87 -26.32
N LEU B 135 -30.83 -12.94 -26.45
CA LEU B 135 -31.22 -12.04 -25.37
C LEU B 135 -32.22 -12.77 -24.48
N GLU B 136 -31.74 -13.26 -23.35
CA GLU B 136 -32.59 -14.03 -22.45
C GLU B 136 -33.33 -13.07 -21.51
N TYR B 137 -34.63 -13.27 -21.40
CA TYR B 137 -35.48 -12.51 -20.51
C TYR B 137 -35.91 -13.41 -19.37
N THR B 138 -36.03 -12.83 -18.17
CA THR B 138 -36.49 -13.59 -17.01
C THR B 138 -37.76 -12.93 -16.50
N ILE B 139 -38.89 -13.60 -16.71
CA ILE B 139 -40.21 -13.13 -16.29
C ILE B 139 -40.61 -13.90 -15.05
N VAL B 140 -41.20 -13.20 -14.08
CA VAL B 140 -41.69 -13.83 -12.86
C VAL B 140 -43.20 -13.74 -12.85
N ILE B 141 -43.84 -14.92 -12.78
CA ILE B 141 -45.28 -15.04 -12.73
C ILE B 141 -45.65 -15.39 -11.29
N THR B 142 -46.34 -14.48 -10.61
CA THR B 142 -46.77 -14.70 -9.25
C THR B 142 -48.28 -14.76 -9.21
N PRO B 143 -48.87 -15.89 -8.84
CA PRO B 143 -50.32 -15.97 -8.76
C PRO B 143 -50.80 -15.23 -7.53
N HIS B 144 -52.05 -14.79 -7.59
CA HIS B 144 -52.67 -14.10 -6.48
C HIS B 144 -53.11 -15.19 -5.52
N SER B 145 -52.15 -15.75 -4.78
CA SER B 145 -52.50 -16.86 -3.91
C SER B 145 -52.88 -16.44 -2.50
N GLY B 146 -52.91 -15.15 -2.19
CA GLY B 146 -53.26 -14.73 -0.85
C GLY B 146 -52.32 -15.01 0.30
N GLU B 147 -51.32 -15.89 0.15
CA GLU B 147 -50.40 -16.23 1.25
C GLU B 147 -50.04 -14.97 2.05
N GLU B 148 -49.80 -15.12 3.36
CA GLU B 148 -49.58 -13.98 4.24
C GLU B 148 -48.52 -13.00 3.72
N HIS B 149 -47.39 -13.49 3.26
CA HIS B 149 -46.29 -12.60 2.89
C HIS B 149 -46.09 -12.49 1.38
N ALA B 150 -46.86 -13.22 0.59
CA ALA B 150 -46.75 -13.14 -0.87
C ALA B 150 -46.79 -11.71 -1.39
N VAL B 151 -47.37 -10.77 -0.64
CA VAL B 151 -47.70 -9.46 -1.17
C VAL B 151 -46.43 -8.64 -1.38
N GLY B 152 -46.12 -8.37 -2.66
CA GLY B 152 -44.98 -7.56 -3.04
C GLY B 152 -43.63 -8.14 -2.72
N ASN B 153 -43.56 -9.45 -2.51
CA ASN B 153 -42.32 -10.12 -2.13
C ASN B 153 -41.43 -10.27 -3.37
N ASP B 154 -40.34 -9.49 -3.43
CA ASP B 154 -39.47 -9.50 -4.59
C ASP B 154 -38.75 -10.84 -4.75
N THR B 155 -38.53 -11.56 -3.66
CA THR B 155 -37.83 -12.84 -3.73
C THR B 155 -38.38 -13.75 -4.81
N GLY B 156 -39.71 -13.79 -4.94
CA GLY B 156 -40.29 -14.69 -5.92
C GLY B 156 -40.29 -16.13 -5.50
N LYS B 157 -40.07 -16.41 -4.22
CA LYS B 157 -40.05 -17.79 -3.73
C LYS B 157 -41.43 -18.44 -3.84
N HIS B 158 -42.37 -17.67 -4.37
CA HIS B 158 -43.76 -18.07 -4.57
C HIS B 158 -44.13 -17.96 -6.04
N GLY B 159 -43.35 -17.19 -6.80
CA GLY B 159 -43.57 -16.90 -8.20
C GLY B 159 -42.68 -17.76 -9.09
N LYS B 160 -43.28 -18.39 -10.08
CA LYS B 160 -42.50 -19.22 -10.98
C LYS B 160 -41.77 -18.37 -12.01
N GLU B 161 -40.44 -18.42 -11.93
CA GLU B 161 -39.53 -17.76 -12.85
C GLU B 161 -39.50 -18.53 -14.18
N ILE B 162 -39.41 -17.80 -15.29
CA ILE B 162 -39.35 -18.38 -16.62
C ILE B 162 -38.42 -17.55 -17.51
N LYS B 163 -37.54 -18.22 -18.25
CA LYS B 163 -36.61 -17.54 -19.15
C LYS B 163 -37.05 -17.79 -20.59
N ILE B 164 -37.06 -16.72 -21.38
CA ILE B 164 -37.49 -16.71 -22.77
C ILE B 164 -36.45 -16.01 -23.64
N THR B 165 -36.52 -16.25 -24.96
CA THR B 165 -35.67 -15.60 -25.94
C THR B 165 -36.52 -15.29 -27.17
N PRO B 166 -36.16 -14.25 -27.93
CA PRO B 166 -36.93 -13.90 -29.16
C PRO B 166 -37.30 -15.04 -30.09
N GLN B 167 -36.55 -16.13 -30.12
CA GLN B 167 -36.87 -17.36 -30.85
C GLN B 167 -37.76 -18.30 -30.06
N SER B 168 -37.29 -18.74 -28.90
CA SER B 168 -38.04 -19.67 -28.05
C SER B 168 -39.11 -18.91 -27.29
N SER B 169 -39.89 -18.21 -28.11
CA SER B 169 -41.01 -17.34 -27.75
C SER B 169 -42.14 -18.08 -27.03
N THR B 170 -42.37 -19.34 -27.32
CA THR B 170 -43.51 -20.04 -26.73
C THR B 170 -43.03 -21.01 -25.66
N THR B 171 -43.53 -20.77 -24.44
CA THR B 171 -43.19 -21.57 -23.28
C THR B 171 -44.42 -21.81 -22.43
N GLU B 172 -44.54 -23.03 -21.91
CA GLU B 172 -45.61 -23.39 -21.00
C GLU B 172 -45.00 -23.29 -19.61
N ALA B 173 -45.68 -22.60 -18.70
CA ALA B 173 -45.15 -22.52 -17.35
C ALA B 173 -46.19 -23.08 -16.40
N GLU B 174 -45.76 -24.04 -15.59
CA GLU B 174 -46.66 -24.70 -14.65
C GLU B 174 -46.62 -23.93 -13.33
N LEU B 175 -47.79 -23.64 -12.81
CA LEU B 175 -47.99 -22.93 -11.56
C LEU B 175 -48.62 -23.93 -10.59
N THR B 176 -47.88 -24.23 -9.52
CA THR B 176 -48.22 -25.23 -8.52
C THR B 176 -49.56 -24.98 -7.85
N GLY B 177 -50.56 -25.71 -8.31
CA GLY B 177 -51.92 -25.66 -7.79
C GLY B 177 -52.88 -24.98 -8.72
N TYR B 178 -52.39 -24.42 -9.82
CA TYR B 178 -53.22 -23.70 -10.77
C TYR B 178 -53.12 -24.22 -12.18
N GLY B 179 -52.20 -25.15 -12.46
CA GLY B 179 -52.05 -25.69 -13.79
C GLY B 179 -51.03 -24.96 -14.64
N THR B 180 -51.17 -24.96 -15.96
CA THR B 180 -50.18 -24.35 -16.83
C THR B 180 -50.74 -23.12 -17.55
N VAL B 181 -49.84 -22.21 -17.91
CA VAL B 181 -50.17 -21.00 -18.66
C VAL B 181 -49.23 -20.93 -19.86
N THR B 182 -49.79 -20.81 -21.07
CA THR B 182 -48.98 -20.73 -22.28
C THR B 182 -48.64 -19.28 -22.64
N MET B 183 -47.36 -18.99 -22.84
CA MET B 183 -46.88 -17.65 -23.18
C MET B 183 -46.20 -17.66 -24.54
N GLU B 184 -46.68 -16.80 -25.45
CA GLU B 184 -46.08 -16.76 -26.79
C GLU B 184 -45.68 -15.27 -27.00
N CYS B 185 -44.44 -14.96 -26.65
CA CYS B 185 -43.85 -13.62 -26.64
C CYS B 185 -43.16 -13.26 -27.95
N SER B 186 -42.71 -12.00 -28.02
CA SER B 186 -42.14 -11.39 -29.20
C SER B 186 -41.32 -10.20 -28.71
N PRO B 187 -40.14 -9.95 -29.28
CA PRO B 187 -39.40 -8.74 -28.93
C PRO B 187 -39.88 -7.51 -29.68
N ARG B 188 -39.78 -6.38 -28.97
CA ARG B 188 -40.18 -5.04 -29.40
C ARG B 188 -39.08 -4.12 -28.86
N THR B 189 -37.87 -4.31 -29.38
CA THR B 189 -36.77 -3.47 -28.97
C THR B 189 -36.86 -2.14 -29.70
N GLY B 190 -36.00 -1.20 -29.32
CA GLY B 190 -35.99 0.09 -29.99
C GLY B 190 -35.14 0.03 -31.22
N LEU B 191 -34.06 -0.72 -31.16
CA LEU B 191 -33.12 -0.78 -32.26
C LEU B 191 -32.86 -2.27 -32.48
N ASP B 192 -32.50 -2.61 -33.70
CA ASP B 192 -32.16 -3.99 -33.97
C ASP B 192 -30.65 -4.12 -33.79
N PHE B 193 -30.24 -5.29 -33.35
CA PHE B 193 -28.86 -5.60 -33.04
C PHE B 193 -28.00 -5.81 -34.29
N ASN B 194 -28.60 -5.71 -35.48
CA ASN B 194 -27.90 -5.89 -36.75
C ASN B 194 -27.24 -4.58 -37.14
N GLU B 195 -25.90 -4.61 -37.20
CA GLU B 195 -24.96 -3.50 -37.46
C GLU B 195 -24.77 -2.59 -36.26
N MET B 196 -25.28 -2.95 -35.10
CA MET B 196 -25.03 -2.22 -33.87
C MET B 196 -24.04 -2.95 -32.98
N VAL B 197 -23.30 -2.18 -32.19
CA VAL B 197 -22.35 -2.70 -31.22
C VAL B 197 -22.78 -2.15 -29.87
N LEU B 198 -22.80 -3.01 -28.86
CA LEU B 198 -23.16 -2.62 -27.50
C LEU B 198 -21.90 -2.13 -26.81
N LEU B 199 -21.70 -0.82 -26.84
CA LEU B 199 -20.53 -0.20 -26.25
C LEU B 199 -20.80 -0.16 -24.75
N GLN B 200 -20.06 -1.00 -24.04
CA GLN B 200 -20.10 -1.21 -22.59
C GLN B 200 -18.87 -0.59 -21.99
N MET B 201 -19.05 0.27 -21.00
CA MET B 201 -17.93 0.94 -20.37
C MET B 201 -17.78 0.57 -18.90
N GLU B 202 -18.61 1.13 -18.04
CA GLU B 202 -18.59 0.83 -16.62
C GLU B 202 -19.99 0.36 -16.31
N ASP B 203 -20.85 1.18 -15.73
CA ASP B 203 -22.20 0.80 -15.34
C ASP B 203 -23.20 1.27 -16.36
N LYS B 204 -22.70 2.02 -17.34
CA LYS B 204 -23.41 2.59 -18.49
C LYS B 204 -23.19 1.72 -19.72
N ALA B 205 -24.07 1.85 -20.71
CA ALA B 205 -23.98 1.05 -21.95
C ALA B 205 -24.74 1.78 -23.03
N TRP B 206 -24.37 1.55 -24.29
CA TRP B 206 -24.97 2.25 -25.41
C TRP B 206 -24.97 1.36 -26.64
N LEU B 207 -25.71 1.78 -27.65
CA LEU B 207 -25.79 1.04 -28.91
C LEU B 207 -25.30 1.97 -30.03
N VAL B 208 -24.20 1.59 -30.68
CA VAL B 208 -23.53 2.47 -31.62
C VAL B 208 -23.21 1.76 -32.94
N HIS B 209 -23.02 2.58 -33.96
CA HIS B 209 -22.67 2.12 -35.30
C HIS B 209 -21.34 1.36 -35.35
N ARG B 210 -21.34 0.21 -36.03
CA ARG B 210 -20.15 -0.64 -36.09
C ARG B 210 -18.95 0.12 -36.67
N GLN B 211 -19.13 0.72 -37.84
CA GLN B 211 -18.04 1.45 -38.48
C GLN B 211 -17.53 2.58 -37.60
N TRP B 212 -18.44 3.31 -36.97
CA TRP B 212 -18.05 4.36 -36.03
C TRP B 212 -17.19 3.76 -34.92
N PHE B 213 -17.65 2.67 -34.32
CA PHE B 213 -16.90 1.98 -33.26
C PHE B 213 -15.48 1.69 -33.73
N LEU B 214 -15.34 1.01 -34.87
CA LEU B 214 -14.01 0.69 -35.40
C LEU B 214 -13.18 1.93 -35.69
N ASP B 215 -13.81 3.06 -36.04
CA ASP B 215 -13.04 4.26 -36.34
C ASP B 215 -12.58 5.05 -35.11
N LEU B 216 -12.77 4.55 -33.89
CA LEU B 216 -12.30 5.30 -32.73
C LEU B 216 -10.78 5.28 -32.66
N PRO B 217 -10.09 6.52 -32.52
CA PRO B 217 -8.61 6.60 -32.43
C PRO B 217 -8.13 6.42 -30.99
N LEU B 218 -8.23 5.20 -30.49
CA LEU B 218 -7.81 4.86 -29.14
C LEU B 218 -7.07 3.54 -29.16
N PRO B 219 -6.23 3.28 -28.16
CA PRO B 219 -5.54 1.98 -28.11
C PRO B 219 -6.56 0.87 -27.90
N TRP B 220 -6.37 -0.25 -28.60
CA TRP B 220 -7.35 -1.32 -28.47
C TRP B 220 -6.67 -2.69 -28.40
N LEU B 221 -7.46 -3.66 -27.93
CA LEU B 221 -7.11 -5.06 -27.87
C LEU B 221 -8.20 -5.82 -28.60
N PRO B 222 -7.84 -6.73 -29.50
CA PRO B 222 -8.86 -7.48 -30.25
C PRO B 222 -9.61 -8.45 -29.35
N GLY B 223 -10.76 -8.89 -29.86
CA GLY B 223 -11.56 -9.85 -29.12
C GLY B 223 -10.74 -11.07 -28.77
N ALA B 224 -9.87 -11.46 -29.70
CA ALA B 224 -9.00 -12.62 -29.45
C ALA B 224 -8.10 -12.41 -28.24
N ASP B 225 -7.60 -11.19 -28.03
CA ASP B 225 -6.67 -11.01 -26.92
C ASP B 225 -7.46 -10.22 -25.87
N THR B 226 -7.98 -10.92 -24.86
CA THR B 226 -8.72 -10.25 -23.79
C THR B 226 -8.02 -10.55 -22.48
N GLY B 228 -4.99 -9.70 -22.32
CA GLY B 228 -3.75 -9.50 -23.05
C GLY B 228 -3.05 -8.21 -22.66
N SER B 229 -1.79 -8.05 -23.09
CA SER B 229 -1.02 -6.88 -22.72
C SER B 229 -0.39 -6.13 -23.89
N ASN B 230 -0.51 -6.63 -25.12
CA ASN B 230 0.06 -5.97 -26.30
C ASN B 230 -0.95 -4.99 -26.91
N TRP B 231 -1.20 -3.89 -26.19
CA TRP B 231 -2.13 -2.88 -26.71
C TRP B 231 -1.67 -2.32 -28.04
N ILE B 232 -2.53 -2.43 -29.02
CA ILE B 232 -2.31 -1.91 -30.36
C ILE B 232 -2.63 -0.42 -30.41
N GLN B 233 -1.96 0.29 -31.33
CA GLN B 233 -2.11 1.72 -31.52
C GLN B 233 -1.83 2.55 -30.27
N LYS B 234 -0.88 2.11 -29.43
CA LYS B 234 -0.56 2.86 -28.21
C LYS B 234 -0.32 4.34 -28.50
N GLU B 235 0.20 4.65 -29.69
CA GLU B 235 0.49 6.03 -30.10
C GLU B 235 -0.68 6.97 -29.92
N THR B 236 -1.92 6.48 -30.03
CA THR B 236 -3.09 7.34 -29.96
C THR B 236 -3.25 8.00 -28.60
N LEU B 237 -2.63 7.45 -27.56
CA LEU B 237 -2.73 8.03 -26.23
C LEU B 237 -1.36 8.40 -25.65
N VAL B 238 -0.28 8.22 -26.40
CA VAL B 238 1.06 8.51 -25.92
C VAL B 238 1.70 9.49 -26.90
N THR B 239 2.51 10.40 -26.37
CA THR B 239 3.19 11.43 -27.16
C THR B 239 4.62 11.61 -26.68
N PHE B 240 5.55 11.66 -27.63
CA PHE B 240 6.97 11.92 -27.35
C PHE B 240 7.30 13.35 -27.75
N LYS B 241 7.89 14.10 -26.81
CA LYS B 241 8.24 15.50 -26.99
C LYS B 241 9.74 15.70 -26.84
N ASN B 242 10.35 16.23 -27.91
CA ASN B 242 11.76 16.60 -27.94
C ASN B 242 11.84 17.87 -28.76
N PRO B 243 11.50 19.02 -28.17
CA PRO B 243 11.44 20.28 -28.92
C PRO B 243 12.76 21.01 -29.13
N HIS B 244 13.73 20.82 -28.24
CA HIS B 244 14.99 21.58 -28.29
C HIS B 244 16.19 20.70 -28.58
N ALA B 245 15.97 19.44 -28.94
CA ALA B 245 17.02 18.46 -29.21
C ALA B 245 17.95 18.24 -28.01
N LYS B 246 17.44 18.44 -26.80
CA LYS B 246 18.22 18.22 -25.58
C LYS B 246 17.79 16.97 -24.81
N LYS B 247 16.51 16.60 -24.86
CA LYS B 247 15.96 15.53 -24.03
C LYS B 247 14.64 15.09 -24.62
N GLN B 248 14.33 13.80 -24.54
CA GLN B 248 13.04 13.27 -24.96
C GLN B 248 12.19 12.91 -23.76
N ASP B 249 10.93 13.35 -23.78
CA ASP B 249 9.94 13.14 -22.74
C ASP B 249 8.72 12.36 -23.27
N VAL B 250 8.16 11.47 -22.44
CA VAL B 250 6.98 10.68 -22.79
C VAL B 250 5.79 11.13 -21.95
N VAL B 251 4.71 11.56 -22.61
CA VAL B 251 3.54 12.13 -21.95
C VAL B 251 2.23 11.48 -22.42
N VAL B 252 1.39 11.08 -21.46
CA VAL B 252 0.05 10.55 -21.66
C VAL B 252 -0.93 11.65 -22.07
N LEU B 253 -1.94 11.30 -22.87
CA LEU B 253 -2.85 12.28 -23.45
C LEU B 253 -4.14 12.43 -22.62
N GLY B 254 -4.22 11.79 -21.46
CA GLY B 254 -5.36 12.02 -20.59
C GLY B 254 -6.69 11.36 -20.89
N SER B 255 -7.34 10.89 -19.83
CA SER B 255 -8.55 10.07 -19.88
C SER B 255 -9.57 10.62 -20.87
N GLN B 256 -10.08 9.74 -21.72
CA GLN B 256 -11.07 10.09 -22.75
C GLN B 256 -12.48 9.70 -22.33
N GLU B 257 -12.67 9.34 -21.06
CA GLU B 257 -13.95 8.91 -20.54
C GLU B 257 -15.05 9.93 -20.81
N GLY B 258 -14.87 11.16 -20.31
CA GLY B 258 -15.87 12.19 -20.54
C GLY B 258 -15.99 12.55 -22.01
N ALA B 259 -14.88 12.51 -22.75
CA ALA B 259 -14.95 12.81 -24.17
C ALA B 259 -15.85 11.80 -24.86
N MET B 260 -15.71 10.53 -24.49
CA MET B 260 -16.55 9.48 -25.06
C MET B 260 -18.01 9.73 -24.70
N HIS B 261 -18.30 9.96 -23.40
CA HIS B 261 -19.66 10.30 -22.99
C HIS B 261 -20.24 11.41 -23.86
N THR B 262 -19.47 12.46 -24.12
CA THR B 262 -19.97 13.54 -24.96
C THR B 262 -20.26 13.03 -26.36
N ALA B 263 -19.39 12.16 -26.87
CA ALA B 263 -19.55 11.61 -28.22
C ALA B 263 -20.76 10.69 -28.30
N LEU B 264 -21.14 10.07 -27.17
CA LEU B 264 -22.23 9.11 -27.10
C LEU B 264 -23.57 9.73 -26.76
N THR B 265 -23.72 11.04 -26.96
CA THR B 265 -24.98 11.69 -26.62
C THR B 265 -26.06 11.31 -27.62
N GLY B 266 -25.77 11.41 -28.92
CA GLY B 266 -26.73 11.03 -29.92
C GLY B 266 -26.80 9.53 -30.16
N ALA B 267 -26.69 8.74 -29.09
CA ALA B 267 -26.76 7.30 -29.17
C ALA B 267 -27.78 6.79 -28.16
N THR B 268 -28.34 5.62 -28.46
CA THR B 268 -29.33 4.95 -27.61
C THR B 268 -28.67 4.41 -26.34
N GLU B 269 -28.89 5.09 -25.21
CA GLU B 269 -28.28 4.62 -23.97
C GLU B 269 -29.09 3.46 -23.37
N ILE B 270 -28.36 2.50 -22.84
CA ILE B 270 -28.81 1.29 -22.15
C ILE B 270 -28.25 1.22 -20.74
N GLN B 271 -29.08 0.87 -19.75
CA GLN B 271 -28.41 0.79 -18.46
C GLN B 271 -27.84 -0.62 -18.37
N MET B 272 -26.82 -0.74 -17.52
CA MET B 272 -26.07 -1.96 -17.38
C MET B 272 -25.83 -2.36 -15.93
N SER B 273 -25.59 -3.67 -15.76
CA SER B 273 -25.22 -4.18 -14.45
C SER B 273 -24.45 -5.51 -14.48
N SER B 274 -23.13 -5.42 -14.67
CA SER B 274 -22.22 -6.59 -14.68
C SER B 274 -22.62 -7.68 -15.66
N GLY B 275 -23.00 -7.28 -16.86
CA GLY B 275 -23.37 -8.19 -17.91
C GLY B 275 -24.84 -8.49 -17.98
N ASN B 276 -25.68 -7.61 -17.45
CA ASN B 276 -27.12 -7.75 -17.55
C ASN B 276 -27.58 -6.37 -18.00
N LEU B 277 -28.77 -6.30 -18.61
CA LEU B 277 -29.23 -5.04 -19.13
C LEU B 277 -30.61 -4.71 -18.64
N LEU B 278 -30.86 -3.41 -18.63
CA LEU B 278 -32.09 -2.81 -18.12
C LEU B 278 -32.64 -2.14 -19.37
N PHE B 279 -32.79 -2.95 -20.40
CA PHE B 279 -33.22 -2.49 -21.73
C PHE B 279 -34.60 -1.88 -21.73
N THR B 280 -34.68 -0.72 -22.39
CA THR B 280 -35.85 0.10 -22.67
C THR B 280 -36.85 -0.56 -23.62
N GLY B 281 -36.51 -1.70 -24.22
CA GLY B 281 -37.45 -2.38 -25.11
C GLY B 281 -38.44 -3.28 -24.39
N HIS B 282 -39.70 -3.14 -24.79
CA HIS B 282 -40.92 -3.88 -24.44
C HIS B 282 -41.07 -5.23 -25.12
N LEU B 283 -41.53 -6.20 -24.36
CA LEU B 283 -41.66 -7.58 -24.78
C LEU B 283 -43.17 -7.77 -24.87
N LYS B 284 -43.67 -8.04 -26.08
CA LYS B 284 -45.09 -8.28 -26.33
C LYS B 284 -45.43 -9.76 -26.28
N CYS B 285 -46.14 -10.19 -25.23
CA CYS B 285 -46.50 -11.60 -25.10
C CYS B 285 -48.00 -11.83 -25.30
N ARG B 286 -48.34 -13.08 -25.57
CA ARG B 286 -49.74 -13.52 -25.65
C ARG B 286 -49.87 -14.61 -24.57
N LEU B 287 -50.93 -14.58 -23.78
CA LEU B 287 -51.05 -15.56 -22.69
C LEU B 287 -52.38 -16.32 -22.75
N ARG B 288 -52.27 -17.64 -22.79
CA ARG B 288 -53.38 -18.59 -22.81
C ARG B 288 -53.59 -19.28 -21.47
N MET B 289 -54.82 -19.19 -20.98
CA MET B 289 -55.25 -19.65 -19.66
C MET B 289 -56.23 -20.81 -19.75
N ASP B 290 -56.39 -21.43 -20.92
CA ASP B 290 -57.30 -22.56 -21.03
C ASP B 290 -56.89 -23.70 -20.11
N LYS B 291 -55.59 -23.86 -19.84
CA LYS B 291 -55.14 -24.89 -18.92
C LYS B 291 -54.99 -24.38 -17.49
N LEU B 292 -55.33 -23.12 -17.23
CA LEU B 292 -55.26 -22.59 -15.88
C LEU B 292 -56.56 -22.88 -15.16
N GLN B 293 -56.45 -23.12 -13.86
CA GLN B 293 -57.61 -23.45 -13.06
C GLN B 293 -57.51 -22.85 -11.67
N LEU B 294 -58.65 -22.45 -11.14
CA LEU B 294 -58.74 -21.90 -9.79
C LEU B 294 -58.48 -23.03 -8.81
N LYS B 295 -57.49 -22.87 -7.93
CA LYS B 295 -57.21 -23.94 -6.97
C LYS B 295 -58.30 -24.03 -5.93
N GLY B 296 -58.80 -25.24 -5.69
CA GLY B 296 -59.83 -25.33 -4.67
C GLY B 296 -61.23 -24.82 -4.95
N MET B 297 -61.70 -24.79 -6.20
CA MET B 297 -63.07 -24.31 -6.47
C MET B 297 -64.20 -25.22 -5.95
N SER B 298 -63.91 -26.43 -5.52
CA SER B 298 -64.91 -27.35 -4.99
C SER B 298 -65.08 -27.23 -3.47
N TYR B 299 -64.16 -26.58 -2.76
CA TYR B 299 -64.23 -26.45 -1.30
C TYR B 299 -65.44 -25.62 -0.87
N SER B 300 -65.87 -25.87 0.36
CA SER B 300 -67.01 -25.16 0.95
C SER B 300 -66.59 -23.89 1.67
N MET B 301 -67.60 -23.06 1.91
CA MET B 301 -67.45 -21.77 2.58
C MET B 301 -67.10 -21.91 4.05
N CYS B 302 -66.30 -20.96 4.52
CA CYS B 302 -65.86 -20.95 5.91
C CYS B 302 -67.02 -20.57 6.82
N THR B 303 -67.13 -21.29 7.93
CA THR B 303 -68.24 -21.08 8.85
C THR B 303 -67.86 -20.14 9.97
N GLY B 304 -66.66 -20.30 10.53
CA GLY B 304 -66.23 -19.46 11.61
C GLY B 304 -66.06 -18.01 11.17
N LYS B 305 -65.50 -17.24 12.09
CA LYS B 305 -65.24 -15.81 12.01
C LYS B 305 -63.77 -15.57 11.62
N PHE B 306 -63.52 -14.38 11.05
CA PHE B 306 -62.21 -13.94 10.60
C PHE B 306 -61.71 -12.75 11.42
N LYS B 307 -60.40 -12.66 11.57
CA LYS B 307 -59.80 -11.55 12.30
C LYS B 307 -58.98 -10.69 11.34
N ILE B 308 -58.96 -9.37 11.60
CA ILE B 308 -58.22 -8.43 10.77
C ILE B 308 -56.83 -8.18 11.35
N VAL B 309 -55.84 -8.91 10.82
CA VAL B 309 -54.46 -8.85 11.29
C VAL B 309 -53.73 -7.54 10.91
N LYS B 310 -54.04 -6.95 9.75
CA LYS B 310 -53.36 -5.73 9.30
C LYS B 310 -54.30 -4.68 8.73
N GLU B 311 -54.08 -3.43 9.18
CA GLU B 311 -54.82 -2.27 8.72
C GLU B 311 -54.98 -2.18 7.21
N ILE B 312 -56.23 -1.95 6.78
CA ILE B 312 -56.57 -1.77 5.38
C ILE B 312 -55.71 -0.66 4.80
N CYS B 313 -55.15 -0.88 3.62
CA CYS B 313 -54.44 0.17 2.92
C CYS B 313 -54.93 0.31 1.49
N GLU B 314 -54.80 1.53 0.98
CA GLU B 314 -55.18 1.83 -0.40
C GLU B 314 -53.93 1.88 -1.27
N THR B 315 -53.99 1.24 -2.43
CA THR B 315 -52.88 1.25 -3.36
C THR B 315 -52.97 2.50 -4.24
N GLN B 316 -51.89 2.74 -4.98
CA GLN B 316 -51.87 3.91 -5.87
C GLN B 316 -52.97 3.86 -6.92
N HIS B 317 -53.58 2.70 -7.16
CA HIS B 317 -54.61 2.57 -8.19
C HIS B 317 -56.01 2.42 -7.60
N GLY B 318 -56.21 2.84 -6.36
CA GLY B 318 -57.51 2.78 -5.70
C GLY B 318 -57.89 1.44 -5.13
N THR B 319 -57.19 0.37 -5.47
CA THR B 319 -57.49 -0.96 -4.93
C THR B 319 -57.06 -1.03 -3.46
N ILE B 320 -57.62 -1.99 -2.72
CA ILE B 320 -57.31 -2.14 -1.31
C ILE B 320 -56.81 -3.55 -1.04
N VAL B 321 -55.93 -3.66 -0.03
CA VAL B 321 -55.35 -4.95 0.34
C VAL B 321 -55.71 -5.16 1.81
N ILE B 322 -56.36 -6.29 2.09
CA ILE B 322 -56.84 -6.67 3.42
C ILE B 322 -56.21 -7.99 3.84
N ARG B 323 -55.50 -7.98 4.97
CA ARG B 323 -54.94 -9.21 5.54
C ARG B 323 -55.82 -9.65 6.70
N VAL B 324 -56.41 -10.85 6.56
CA VAL B 324 -57.33 -11.38 7.56
C VAL B 324 -56.87 -12.77 7.98
N GLN B 325 -57.16 -13.14 9.23
CA GLN B 325 -56.81 -14.45 9.75
C GLN B 325 -58.07 -15.21 10.15
N TYR B 326 -58.09 -16.50 9.81
CA TYR B 326 -59.22 -17.36 10.17
C TYR B 326 -59.07 -17.88 11.59
N GLU B 327 -60.10 -17.64 12.42
CA GLU B 327 -60.08 -18.17 13.78
C GLU B 327 -60.91 -19.44 13.94
N GLY B 328 -61.90 -19.65 13.07
CA GLY B 328 -62.75 -20.82 13.06
C GLY B 328 -62.10 -22.13 12.65
N ASP B 329 -62.92 -23.11 12.27
CA ASP B 329 -62.44 -24.45 11.91
C ASP B 329 -63.05 -24.87 10.58
N GLY B 330 -62.30 -25.71 9.86
CA GLY B 330 -62.71 -26.18 8.55
C GLY B 330 -61.59 -26.17 7.53
N SER B 331 -60.57 -25.34 7.77
CA SER B 331 -59.42 -25.20 6.86
C SER B 331 -58.95 -26.55 6.34
N PRO B 332 -58.64 -26.65 5.04
CA PRO B 332 -58.71 -25.64 3.97
C PRO B 332 -60.12 -25.21 3.54
N CYS B 333 -60.42 -23.92 3.52
CA CYS B 333 -61.79 -23.52 3.18
C CYS B 333 -61.83 -22.13 2.54
N LYS B 334 -62.89 -21.92 1.74
CA LYS B 334 -63.17 -20.67 1.03
C LYS B 334 -63.68 -19.53 1.89
N ILE B 335 -63.00 -18.40 1.83
CA ILE B 335 -63.43 -17.19 2.54
C ILE B 335 -64.59 -16.52 1.80
N PRO B 336 -65.72 -16.27 2.45
CA PRO B 336 -66.82 -15.53 1.81
C PRO B 336 -66.46 -14.05 1.78
N PHE B 337 -66.51 -13.43 0.59
CA PHE B 337 -66.10 -12.03 0.47
C PHE B 337 -67.09 -11.29 -0.41
N GLU B 338 -67.42 -10.08 0.03
CA GLU B 338 -68.39 -9.18 -0.61
C GLU B 338 -68.10 -7.73 -0.30
N ILE B 339 -68.44 -6.84 -1.25
CA ILE B 339 -68.28 -5.40 -1.03
C ILE B 339 -69.51 -4.76 -1.67
N THR B 340 -70.44 -4.38 -0.80
CA THR B 340 -71.77 -3.89 -1.13
C THR B 340 -71.95 -2.46 -0.64
N ASP B 341 -73.10 -1.87 -0.96
CA ASP B 341 -73.42 -0.53 -0.49
C ASP B 341 -73.69 -0.53 1.01
N LEU B 342 -73.93 0.66 1.54
CA LEU B 342 -74.20 0.80 2.96
C LEU B 342 -75.47 0.06 3.39
N GLU B 343 -76.44 -0.10 2.49
CA GLU B 343 -77.67 -0.79 2.84
C GLU B 343 -77.65 -2.28 2.51
N LYS B 344 -76.52 -2.82 2.03
CA LYS B 344 -76.42 -4.24 1.68
C LYS B 344 -77.42 -4.66 0.62
N ARG B 345 -77.66 -3.80 -0.37
CA ARG B 345 -78.66 -4.15 -1.36
C ARG B 345 -78.07 -4.86 -2.58
N HIS B 346 -76.95 -4.35 -3.08
CA HIS B 346 -76.28 -4.95 -4.23
C HIS B 346 -74.76 -4.80 -4.21
N VAL B 347 -74.09 -5.91 -4.56
CA VAL B 347 -72.63 -5.97 -4.60
C VAL B 347 -72.11 -4.93 -5.60
N LEU B 348 -71.06 -4.20 -5.22
CA LEU B 348 -70.53 -3.14 -6.06
C LEU B 348 -69.07 -3.28 -6.45
N GLY B 349 -68.17 -3.55 -5.52
CA GLY B 349 -66.79 -3.61 -5.94
C GLY B 349 -66.44 -4.89 -6.65
N ARG B 350 -65.25 -4.91 -7.20
CA ARG B 350 -64.74 -6.05 -7.93
C ARG B 350 -63.72 -6.78 -7.08
N LEU B 351 -63.54 -8.07 -7.35
CA LEU B 351 -62.51 -8.81 -6.64
C LEU B 351 -61.30 -8.88 -7.54
N ILE B 352 -60.12 -8.65 -6.99
CA ILE B 352 -58.89 -8.84 -7.74
C ILE B 352 -58.30 -10.20 -7.46
N THR B 353 -58.10 -10.50 -6.18
CA THR B 353 -57.63 -11.80 -5.70
C THR B 353 -58.83 -12.75 -5.74
N VAL B 354 -59.21 -13.14 -6.97
CA VAL B 354 -60.37 -14.00 -7.13
C VAL B 354 -60.19 -15.31 -6.37
N ASN B 355 -61.33 -15.84 -5.92
CA ASN B 355 -61.41 -17.05 -5.10
C ASN B 355 -60.46 -17.10 -3.93
N PRO B 356 -60.52 -16.14 -3.00
CA PRO B 356 -59.60 -16.16 -1.85
C PRO B 356 -59.92 -17.37 -0.97
N ILE B 357 -58.90 -18.17 -0.67
CA ILE B 357 -59.08 -19.38 0.11
C ILE B 357 -58.11 -19.43 1.29
N VAL B 358 -58.51 -20.12 2.36
CA VAL B 358 -57.64 -20.34 3.51
C VAL B 358 -57.02 -21.71 3.38
N THR B 359 -55.74 -21.80 3.72
CA THR B 359 -54.95 -23.02 3.69
C THR B 359 -54.69 -23.56 5.09
N GLU B 360 -54.31 -22.67 6.00
CA GLU B 360 -54.05 -23.00 7.40
C GLU B 360 -54.63 -21.86 8.22
N LYS B 361 -55.22 -22.21 9.37
CA LYS B 361 -55.82 -21.20 10.25
C LYS B 361 -54.81 -20.16 10.71
N ASP B 362 -53.59 -20.61 11.02
CA ASP B 362 -52.53 -19.68 11.47
C ASP B 362 -52.12 -18.69 10.39
N SER B 363 -51.99 -19.16 9.16
CA SER B 363 -51.57 -18.30 8.06
C SER B 363 -52.69 -17.43 7.51
N PRO B 364 -52.56 -16.11 7.69
CA PRO B 364 -53.56 -15.18 7.17
C PRO B 364 -53.50 -15.07 5.66
N VAL B 365 -54.58 -14.52 5.10
CA VAL B 365 -54.75 -14.40 3.66
C VAL B 365 -54.82 -12.92 3.30
N ASN B 366 -54.19 -12.57 2.17
CA ASN B 366 -54.15 -11.23 1.61
C ASN B 366 -55.14 -11.18 0.44
N ILE B 367 -56.20 -10.38 0.58
CA ILE B 367 -57.18 -10.21 -0.47
C ILE B 367 -57.10 -8.79 -1.01
N GLU B 368 -56.95 -8.67 -2.32
CA GLU B 368 -56.90 -7.39 -3.02
C GLU B 368 -58.20 -7.21 -3.78
N ALA B 369 -58.89 -6.09 -3.56
CA ALA B 369 -60.16 -5.88 -4.24
C ALA B 369 -60.30 -4.41 -4.66
N GLU B 370 -61.10 -4.20 -5.73
CA GLU B 370 -61.36 -2.85 -6.20
C GLU B 370 -62.68 -2.38 -5.58
N PRO B 371 -62.63 -1.53 -4.57
CA PRO B 371 -63.86 -0.99 -3.99
C PRO B 371 -64.51 0.02 -4.92
N PRO B 372 -65.81 0.23 -4.79
CA PRO B 372 -66.46 1.25 -5.61
C PRO B 372 -66.18 2.64 -5.06
N PHE B 373 -66.39 3.61 -5.92
CA PHE B 373 -66.20 5.02 -5.58
C PHE B 373 -67.19 5.45 -4.50
N GLY B 374 -66.67 6.01 -3.42
CA GLY B 374 -67.49 6.43 -2.30
C GLY B 374 -67.62 5.51 -1.10
N ASP B 375 -68.76 5.56 -0.43
CA ASP B 375 -68.93 4.72 0.75
C ASP B 375 -69.25 3.30 0.33
N SER B 376 -68.58 2.36 0.96
CA SER B 376 -68.69 0.94 0.64
C SER B 376 -68.61 0.15 1.94
N TYR B 377 -69.02 -1.10 1.84
CA TYR B 377 -69.00 -2.02 2.98
C TYR B 377 -68.25 -3.26 2.56
N ILE B 378 -67.15 -3.52 3.26
CA ILE B 378 -66.30 -4.68 3.05
C ILE B 378 -66.77 -5.73 4.04
N ILE B 379 -67.43 -6.76 3.53
CA ILE B 379 -67.97 -7.84 4.35
C ILE B 379 -67.13 -9.08 4.08
N VAL B 380 -66.43 -9.54 5.10
CA VAL B 380 -65.57 -10.72 4.99
C VAL B 380 -66.10 -11.74 5.99
N GLY B 381 -66.38 -12.95 5.48
CA GLY B 381 -66.90 -14.07 6.24
C GLY B 381 -68.40 -14.03 6.25
N VAL B 382 -69.00 -14.84 7.12
CA VAL B 382 -70.44 -14.86 7.25
C VAL B 382 -70.83 -14.82 8.72
N GLU B 383 -72.03 -14.30 8.99
CA GLU B 383 -72.51 -14.21 10.36
C GLU B 383 -72.48 -15.65 10.90
N PRO B 384 -72.18 -15.83 12.20
CA PRO B 384 -71.86 -14.78 13.16
C PRO B 384 -70.42 -14.28 13.02
N GLY B 385 -70.12 -13.19 13.71
CA GLY B 385 -68.80 -12.57 13.72
C GLY B 385 -68.30 -12.19 12.34
N GLN B 386 -69.21 -11.97 11.40
CA GLN B 386 -68.89 -11.54 10.04
C GLN B 386 -68.35 -10.12 10.03
N LEU B 387 -67.10 -9.95 9.62
CA LEU B 387 -66.45 -8.65 9.61
C LEU B 387 -67.15 -7.66 8.67
N LYS B 388 -67.47 -6.50 9.23
CA LYS B 388 -68.14 -5.39 8.54
C LYS B 388 -67.23 -4.18 8.69
N LEU B 389 -66.63 -3.77 7.58
CA LEU B 389 -65.70 -2.65 7.56
C LEU B 389 -66.25 -1.59 6.62
N ASN B 390 -65.90 -0.34 6.89
CA ASN B 390 -66.42 0.80 6.14
C ASN B 390 -65.30 1.43 5.32
N TRP B 391 -65.61 1.70 4.05
CA TRP B 391 -64.71 2.33 3.09
C TRP B 391 -65.21 3.61 2.45
N PHE B 392 -64.23 4.49 2.23
CA PHE B 392 -64.39 5.81 1.64
C PHE B 392 -63.74 5.84 0.27
N GLU C 1 -29.71 -26.31 6.28
CA GLU C 1 -30.11 -24.93 6.53
C GLU C 1 -29.26 -23.86 5.81
N VAL C 2 -28.72 -22.96 6.63
CA VAL C 2 -28.26 -21.61 6.28
C VAL C 2 -27.08 -21.31 7.20
N GLN C 3 -25.93 -20.98 6.62
CA GLN C 3 -24.73 -20.67 7.40
C GLN C 3 -23.87 -19.63 6.67
N LEU C 4 -23.01 -18.98 7.45
CA LEU C 4 -22.08 -17.96 7.02
C LEU C 4 -20.68 -18.30 7.51
N VAL C 5 -19.72 -18.33 6.59
CA VAL C 5 -18.34 -18.70 6.88
C VAL C 5 -17.37 -17.58 6.52
N GLU C 6 -16.69 -17.03 7.52
CA GLU C 6 -15.76 -15.93 7.33
C GLU C 6 -14.36 -16.45 7.01
N SER C 7 -13.59 -15.61 6.32
CA SER C 7 -12.22 -15.92 5.95
C SER C 7 -11.41 -14.63 5.96
N GLY C 8 -10.08 -14.79 5.97
CA GLY C 8 -9.18 -13.68 5.80
C GLY C 8 -8.54 -13.17 7.08
N GLY C 9 -8.90 -13.74 8.22
CA GLY C 9 -8.33 -13.30 9.48
C GLY C 9 -6.94 -13.86 9.71
N GLY C 10 -6.11 -13.08 10.38
CA GLY C 10 -4.76 -13.52 10.66
C GLY C 10 -3.92 -12.36 11.19
N LEU C 11 -2.61 -12.60 11.20
CA LEU C 11 -1.67 -11.60 11.70
C LEU C 11 -1.46 -10.50 10.66
N VAL C 12 -1.51 -9.26 11.13
CA VAL C 12 -1.33 -8.08 10.30
C VAL C 12 -0.45 -7.13 11.08
N ARG C 13 0.44 -6.42 10.40
CA ARG C 13 1.30 -5.49 11.09
C ARG C 13 0.55 -4.19 11.36
N PRO C 14 0.96 -3.42 12.37
CA PRO C 14 0.28 -2.15 12.64
C PRO C 14 0.40 -1.22 11.44
N GLY C 15 -0.71 -0.59 11.10
CA GLY C 15 -0.78 0.23 9.92
C GLY C 15 -1.09 -0.56 8.67
N GLY C 16 -1.10 -1.89 8.79
CA GLY C 16 -1.33 -2.77 7.66
C GLY C 16 -2.79 -2.86 7.24
N SER C 17 -3.00 -3.58 6.15
CA SER C 17 -4.31 -3.77 5.57
C SER C 17 -4.65 -5.25 5.54
N LEU C 18 -5.94 -5.55 5.54
CA LEU C 18 -6.44 -6.92 5.46
C LEU C 18 -7.80 -6.87 4.80
N ARG C 19 -8.16 -7.93 4.08
CA ARG C 19 -9.51 -8.04 3.51
C ARG C 19 -10.22 -9.28 4.05
N LEU C 20 -11.28 -9.09 4.81
CA LEU C 20 -12.11 -10.18 5.30
C LEU C 20 -13.18 -10.51 4.28
N SER C 21 -13.50 -11.80 4.15
CA SER C 21 -14.43 -12.26 3.11
C SER C 21 -15.33 -13.35 3.68
N CYS C 22 -16.63 -13.15 3.61
CA CYS C 22 -17.61 -14.05 4.18
C CYS C 22 -18.43 -14.68 3.07
N ALA C 23 -18.53 -16.00 3.08
CA ALA C 23 -19.33 -16.73 2.10
C ALA C 23 -20.66 -17.15 2.70
N ALA C 24 -21.74 -16.74 2.04
CA ALA C 24 -23.11 -17.01 2.44
C ALA C 24 -23.72 -18.04 1.51
N SER C 25 -24.53 -18.95 2.04
CA SER C 25 -25.23 -19.91 1.20
C SER C 25 -26.53 -20.37 1.85
N GLY C 26 -27.47 -20.81 1.01
CA GLY C 26 -28.73 -21.38 1.44
C GLY C 26 -29.88 -20.44 1.72
N PHE C 27 -29.78 -19.16 1.40
CA PHE C 27 -30.88 -18.24 1.61
C PHE C 27 -30.74 -17.10 0.62
N SER C 28 -31.86 -16.43 0.32
CA SER C 28 -31.81 -15.39 -0.71
C SER C 28 -30.94 -14.23 -0.22
N TYR C 29 -29.64 -14.39 -0.44
CA TYR C 29 -28.62 -13.45 0.02
C TYR C 29 -28.82 -12.04 -0.53
N SER C 30 -29.10 -11.93 -1.82
CA SER C 30 -29.16 -10.62 -2.47
C SER C 30 -30.22 -9.69 -1.86
N ASN C 31 -31.22 -10.23 -1.18
CA ASN C 31 -32.27 -9.43 -0.58
C ASN C 31 -32.06 -9.14 0.91
N HIS C 32 -30.94 -9.52 1.51
CA HIS C 32 -30.71 -9.30 2.93
C HIS C 32 -29.66 -8.25 3.22
N TRP C 33 -29.88 -7.49 4.29
CA TRP C 33 -28.85 -6.62 4.83
C TRP C 33 -27.78 -7.48 5.53
N MET C 34 -26.53 -7.02 5.46
CA MET C 34 -25.45 -7.74 6.11
C MET C 34 -24.63 -6.80 6.99
N HIS C 35 -24.17 -7.32 8.11
CA HIS C 35 -23.42 -6.54 9.08
C HIS C 35 -22.09 -7.22 9.38
N TRP C 36 -21.14 -6.42 9.85
CA TRP C 36 -19.90 -6.90 10.45
C TRP C 36 -19.91 -6.45 11.90
N VAL C 37 -19.61 -7.38 12.80
CA VAL C 37 -19.53 -7.15 14.24
C VAL C 37 -18.19 -7.68 14.70
N ARG C 38 -17.60 -7.07 15.73
CA ARG C 38 -16.35 -7.59 16.23
C ARG C 38 -16.40 -7.76 17.74
N GLN C 39 -15.42 -8.50 18.24
CA GLN C 39 -15.31 -8.81 19.67
C GLN C 39 -13.85 -8.97 20.05
N ALA C 40 -13.33 -8.03 20.85
CA ALA C 40 -11.97 -8.17 21.33
C ALA C 40 -11.92 -9.39 22.25
N PRO C 41 -10.78 -10.09 22.33
CA PRO C 41 -10.72 -11.29 23.17
C PRO C 41 -11.15 -11.06 24.60
N GLY C 42 -12.13 -11.85 25.04
CA GLY C 42 -12.67 -11.77 26.38
C GLY C 42 -13.54 -10.58 26.66
N LYS C 43 -13.84 -9.76 25.65
CA LYS C 43 -14.60 -8.53 25.82
C LYS C 43 -15.94 -8.62 25.09
N GLY C 44 -16.67 -7.51 25.06
CA GLY C 44 -18.01 -7.52 24.50
C GLY C 44 -18.08 -7.31 23.00
N LEU C 45 -19.30 -7.49 22.49
CA LEU C 45 -19.61 -7.26 21.08
C LEU C 45 -19.64 -5.78 20.72
N VAL C 46 -19.07 -5.47 19.55
CA VAL C 46 -18.96 -4.11 19.05
C VAL C 46 -19.42 -4.10 17.61
N TRP C 47 -20.50 -3.37 17.32
CA TRP C 47 -21.02 -3.28 15.96
C TRP C 47 -20.05 -2.48 15.09
N VAL C 48 -19.76 -2.99 13.90
CA VAL C 48 -18.78 -2.37 13.01
C VAL C 48 -19.43 -1.72 11.80
N SER C 49 -20.26 -2.47 11.05
CA SER C 49 -20.70 -1.91 9.78
C SER C 49 -21.90 -2.67 9.23
N ARG C 50 -22.60 -2.03 8.29
CA ARG C 50 -23.67 -2.72 7.56
C ARG C 50 -23.72 -2.25 6.11
N ILE C 51 -24.29 -3.13 5.25
CA ILE C 51 -24.49 -2.85 3.83
C ILE C 51 -25.83 -3.44 3.40
N ASN C 52 -26.56 -2.67 2.59
CA ASN C 52 -27.85 -3.10 2.05
C ASN C 52 -27.66 -3.97 0.81
N SER C 53 -28.80 -4.37 0.22
CA SER C 53 -28.79 -5.26 -0.93
C SER C 53 -27.98 -4.67 -2.08
N ASP C 54 -28.26 -3.42 -2.42
CA ASP C 54 -27.61 -2.76 -3.54
C ASP C 54 -26.14 -2.48 -3.25
N GLY C 55 -25.83 -2.12 -2.01
CA GLY C 55 -24.56 -1.51 -1.71
C GLY C 55 -24.60 0.00 -1.75
N SER C 56 -25.75 0.58 -2.10
CA SER C 56 -25.90 2.03 -2.12
C SER C 56 -25.85 2.65 -0.73
N THR C 57 -26.14 1.86 0.31
CA THR C 57 -26.08 2.32 1.68
C THR C 57 -25.09 1.46 2.44
N ARG C 58 -24.03 2.09 2.93
CA ARG C 58 -22.97 1.43 3.68
C ARG C 58 -22.70 2.29 4.92
N ASN C 59 -22.94 1.74 6.10
CA ASN C 59 -22.75 2.49 7.32
C ASN C 59 -21.63 1.89 8.16
N TYR C 60 -20.96 2.75 8.91
CA TYR C 60 -19.79 2.39 9.70
C TYR C 60 -19.87 3.00 11.09
N ALA C 61 -19.27 2.31 12.06
CA ALA C 61 -19.16 2.83 13.41
C ALA C 61 -18.18 4.00 13.49
N ASP C 62 -18.36 4.83 14.52
CA ASP C 62 -17.51 6.00 14.71
C ASP C 62 -16.03 5.66 14.82
N PHE C 63 -15.67 4.50 15.37
CA PHE C 63 -14.24 4.23 15.51
C PHE C 63 -13.55 3.95 14.18
N VAL C 64 -14.30 3.74 13.10
CA VAL C 64 -13.69 3.45 11.81
C VAL C 64 -13.90 4.74 11.02
N LYS C 65 -13.01 5.70 11.26
CA LYS C 65 -12.99 7.01 10.61
C LYS C 65 -12.92 6.97 9.08
N GLY C 66 -12.98 5.78 8.48
CA GLY C 66 -12.92 5.75 7.04
C GLY C 66 -11.95 4.68 6.62
N ARG C 67 -11.45 3.95 7.61
CA ARG C 67 -10.42 2.94 7.41
C ARG C 67 -10.96 1.62 6.86
N PHE C 68 -12.24 1.31 7.06
CA PHE C 68 -12.79 0.06 6.55
C PHE C 68 -13.85 0.40 5.50
N THR C 69 -13.93 -0.44 4.47
CA THR C 69 -14.93 -0.34 3.42
C THR C 69 -15.66 -1.68 3.34
N ILE C 70 -16.96 -1.65 3.52
CA ILE C 70 -17.76 -2.86 3.39
C ILE C 70 -18.19 -3.00 1.94
N SER C 71 -18.31 -4.23 1.46
CA SER C 71 -18.77 -4.42 0.09
C SER C 71 -19.36 -5.81 -0.04
N ARG C 72 -20.01 -6.06 -1.18
CA ARG C 72 -20.67 -7.34 -1.37
C ARG C 72 -20.70 -7.70 -2.84
N ASP C 73 -20.80 -9.00 -3.12
CA ASP C 73 -20.96 -9.53 -4.46
C ASP C 73 -22.12 -10.53 -4.41
N ASN C 74 -23.30 -10.06 -4.82
CA ASN C 74 -24.52 -10.85 -4.67
C ASN C 74 -24.44 -12.17 -5.44
N ALA C 75 -24.04 -12.12 -6.71
CA ALA C 75 -23.98 -13.36 -7.49
C ALA C 75 -22.97 -14.32 -6.92
N GLU C 76 -21.95 -13.84 -6.22
CA GLU C 76 -21.00 -14.75 -5.60
C GLU C 76 -21.37 -15.03 -4.16
N ASN C 77 -22.47 -14.43 -3.67
CA ASN C 77 -22.92 -14.61 -2.30
C ASN C 77 -21.77 -14.35 -1.33
N THR C 78 -21.06 -13.26 -1.57
CA THR C 78 -19.87 -12.93 -0.80
C THR C 78 -19.98 -11.53 -0.20
N LEU C 79 -19.43 -11.38 1.01
CA LEU C 79 -19.37 -10.12 1.73
C LEU C 79 -17.91 -9.81 2.00
N TYR C 80 -17.53 -8.54 1.89
CA TYR C 80 -16.14 -8.19 2.15
C TYR C 80 -16.08 -7.05 3.16
N LEU C 81 -14.92 -6.99 3.82
CA LEU C 81 -14.53 -5.88 4.68
C LEU C 81 -13.07 -5.55 4.43
N GLU C 82 -12.82 -4.44 3.76
CA GLU C 82 -11.47 -3.97 3.48
C GLU C 82 -11.03 -3.09 4.65
N MET C 83 -9.90 -3.42 5.25
CA MET C 83 -9.41 -2.71 6.42
C MET C 83 -8.02 -2.15 6.19
N ASN C 84 -7.86 -0.86 6.44
CA ASN C 84 -6.58 -0.17 6.36
C ASN C 84 -6.25 0.47 7.70
N SER C 85 -5.01 0.95 7.81
CA SER C 85 -4.53 1.67 9.00
C SER C 85 -4.94 0.99 10.30
N LEU C 86 -4.70 -0.32 10.37
CA LEU C 86 -5.09 -1.09 11.55
C LEU C 86 -4.19 -0.77 12.74
N THR C 87 -4.77 -0.74 13.94
CA THR C 87 -4.03 -0.50 15.17
C THR C 87 -4.39 -1.59 16.18
N ALA C 88 -3.67 -1.62 17.31
CA ALA C 88 -3.94 -2.59 18.37
C ALA C 88 -5.36 -2.56 18.91
N ASP C 89 -6.05 -1.42 18.84
CA ASP C 89 -7.45 -1.36 19.29
C ASP C 89 -8.36 -2.25 18.46
N ASP C 90 -7.94 -2.61 17.24
CA ASP C 90 -8.75 -3.40 16.31
C ASP C 90 -8.53 -4.90 16.41
N THR C 91 -7.61 -5.39 17.24
CA THR C 91 -7.45 -6.84 17.37
C THR C 91 -8.75 -7.42 17.90
N ALA C 92 -9.30 -8.41 17.20
CA ALA C 92 -10.58 -8.96 17.61
C ALA C 92 -10.99 -10.10 16.68
N VAL C 93 -12.05 -10.80 17.07
CA VAL C 93 -12.74 -11.73 16.20
C VAL C 93 -13.79 -10.93 15.43
N TYR C 94 -13.86 -11.16 14.13
CA TYR C 94 -14.82 -10.47 13.27
C TYR C 94 -15.87 -11.47 12.80
N TYR C 95 -17.13 -11.14 13.07
CA TYR C 95 -18.29 -11.95 12.74
C TYR C 95 -19.06 -11.35 11.58
N CYS C 96 -19.43 -12.22 10.64
CA CYS C 96 -20.33 -11.91 9.54
C CYS C 96 -21.74 -12.19 10.03
N VAL C 97 -22.65 -11.25 9.84
CA VAL C 97 -23.98 -11.36 10.45
C VAL C 97 -25.07 -10.95 9.47
N ARG C 98 -26.17 -11.72 9.44
CA ARG C 98 -27.31 -11.43 8.59
C ARG C 98 -28.41 -10.74 9.38
N ASP C 99 -29.07 -9.74 8.76
CA ASP C 99 -30.26 -9.15 9.38
C ASP C 99 -31.47 -9.86 8.76
N GLY C 100 -31.88 -10.99 9.38
CA GLY C 100 -32.99 -11.74 8.83
C GLY C 100 -34.38 -11.15 9.04
N VAL C 101 -34.58 -10.37 10.12
CA VAL C 101 -35.92 -9.84 10.38
C VAL C 101 -36.30 -8.75 9.37
N ARG C 102 -35.38 -7.83 9.06
CA ARG C 102 -35.69 -6.77 8.12
C ARG C 102 -36.20 -7.35 6.81
N PHE C 103 -35.67 -8.52 6.45
CA PHE C 103 -36.14 -9.25 5.28
C PHE C 103 -37.65 -9.46 5.34
N TYR C 104 -38.21 -9.63 6.54
CA TYR C 104 -39.63 -9.88 6.71
C TYR C 104 -40.47 -8.63 6.42
N TYR C 105 -39.87 -7.44 6.49
CA TYR C 105 -40.54 -6.16 6.27
C TYR C 105 -40.23 -5.54 4.91
N ASP C 106 -38.99 -5.63 4.46
CA ASP C 106 -38.56 -5.14 3.15
C ASP C 106 -37.84 -6.28 2.47
N SER C 107 -38.57 -7.02 1.63
CA SER C 107 -37.99 -8.16 0.95
C SER C 107 -36.95 -7.77 -0.10
N THR C 108 -36.82 -6.48 -0.42
CA THR C 108 -35.76 -6.09 -1.36
C THR C 108 -34.43 -5.89 -0.65
N GLY C 109 -34.49 -5.52 0.64
CA GLY C 109 -33.31 -5.22 1.41
C GLY C 109 -32.58 -3.98 0.98
N TYR C 110 -33.23 -3.10 0.22
CA TYR C 110 -32.59 -1.90 -0.31
C TYR C 110 -32.80 -0.66 0.57
N TYR C 111 -34.04 -0.35 0.87
CA TYR C 111 -34.41 0.92 1.48
C TYR C 111 -33.79 1.14 2.86
N PRO C 112 -33.03 2.27 3.05
CA PRO C 112 -32.35 2.58 4.33
C PRO C 112 -33.20 3.47 5.24
N ASP C 113 -34.42 3.01 5.54
CA ASP C 113 -35.31 3.77 6.39
C ASP C 113 -34.69 3.98 7.76
N SER C 114 -34.90 5.17 8.32
CA SER C 114 -34.34 5.49 9.62
C SER C 114 -34.93 4.59 10.71
N PHE C 115 -34.05 4.05 11.54
CA PHE C 115 -34.43 3.26 12.71
C PHE C 115 -35.37 2.11 12.35
N PHE C 116 -35.07 1.39 11.29
CA PHE C 116 -35.97 0.31 10.88
C PHE C 116 -35.77 -0.92 11.76
N LYS C 117 -36.85 -1.69 11.90
CA LYS C 117 -36.80 -2.93 12.67
C LYS C 117 -35.78 -3.89 12.09
N TYR C 118 -34.92 -4.42 12.96
CA TYR C 118 -33.80 -5.24 12.54
C TYR C 118 -33.61 -6.35 13.55
N GLY C 119 -32.80 -7.34 13.17
CA GLY C 119 -32.49 -8.45 14.03
C GLY C 119 -31.34 -9.28 13.48
N MET C 120 -30.25 -9.40 14.23
CA MET C 120 -29.09 -10.14 13.75
C MET C 120 -29.25 -11.61 14.13
N ASP C 121 -29.95 -12.35 13.27
CA ASP C 121 -30.39 -13.71 13.58
C ASP C 121 -29.43 -14.82 13.14
N VAL C 122 -28.53 -14.54 12.21
CA VAL C 122 -27.56 -15.53 11.74
C VAL C 122 -26.15 -14.98 11.90
N TRP C 123 -25.29 -15.74 12.59
CA TRP C 123 -23.93 -15.32 12.85
C TRP C 123 -22.97 -16.39 12.34
N GLY C 124 -21.82 -15.96 11.80
CA GLY C 124 -20.75 -16.85 11.47
C GLY C 124 -19.96 -17.27 12.68
N GLN C 125 -19.00 -18.17 12.47
CA GLN C 125 -18.15 -18.57 13.58
C GLN C 125 -17.13 -17.52 13.94
N GLY C 126 -16.85 -16.59 13.03
CA GLY C 126 -15.92 -15.50 13.26
C GLY C 126 -14.51 -15.85 12.81
N THR C 127 -13.79 -14.83 12.34
CA THR C 127 -12.41 -15.00 11.93
C THR C 127 -11.54 -14.16 12.84
N THR C 128 -10.43 -14.71 13.31
CA THR C 128 -9.58 -13.97 14.24
C THR C 128 -8.63 -13.06 13.48
N VAL C 129 -8.64 -11.77 13.84
CA VAL C 129 -7.69 -10.79 13.33
C VAL C 129 -6.79 -10.36 14.47
N THR C 130 -5.48 -10.57 14.33
CA THR C 130 -4.52 -10.17 15.35
C THR C 130 -3.53 -9.18 14.77
N VAL C 131 -3.64 -7.92 15.19
CA VAL C 131 -2.76 -6.83 14.78
C VAL C 131 -1.66 -6.70 15.83
N SER C 132 -0.45 -7.16 15.53
CA SER C 132 0.57 -7.26 16.57
C SER C 132 1.92 -6.93 15.96
N SER C 133 2.98 -7.11 16.76
CA SER C 133 4.30 -6.68 16.35
C SER C 133 5.39 -7.49 17.05
N ALA C 134 5.34 -8.80 16.85
CA ALA C 134 6.44 -9.70 17.11
C ALA C 134 6.25 -10.86 16.14
N SER C 135 7.29 -11.67 15.97
CA SER C 135 7.24 -12.74 14.99
C SER C 135 7.29 -14.09 15.69
N THR C 136 8.32 -14.33 16.50
CA THR C 136 8.32 -15.42 17.45
C THR C 136 9.10 -14.90 18.65
N LYS C 137 8.73 -15.34 19.85
CA LYS C 137 9.50 -14.97 21.04
C LYS C 137 9.28 -15.96 22.17
N GLY C 138 10.35 -16.49 22.74
CA GLY C 138 10.20 -17.35 23.89
C GLY C 138 9.99 -16.49 25.13
N PRO C 139 9.37 -17.04 26.16
CA PRO C 139 9.06 -16.25 27.36
C PRO C 139 10.26 -16.09 28.29
N SER C 140 10.18 -15.04 29.11
CA SER C 140 11.01 -14.91 30.31
C SER C 140 10.19 -15.34 31.51
N VAL C 141 10.73 -16.24 32.32
CA VAL C 141 10.01 -16.82 33.45
C VAL C 141 10.61 -16.33 34.76
N PHE C 142 9.76 -15.82 35.65
CA PHE C 142 10.15 -15.27 36.93
C PHE C 142 9.39 -15.99 38.04
N PRO C 143 10.01 -16.21 39.20
CA PRO C 143 9.33 -16.90 40.31
C PRO C 143 8.41 -16.00 41.12
N LEU C 144 7.26 -16.55 41.53
CA LEU C 144 6.40 -15.81 42.45
C LEU C 144 6.52 -16.55 43.79
N ALA C 145 7.46 -16.08 44.62
CA ALA C 145 7.81 -16.74 45.87
C ALA C 145 6.67 -16.77 46.90
N PRO C 146 6.56 -17.84 47.69
CA PRO C 146 5.47 -17.93 48.66
C PRO C 146 5.61 -16.80 49.67
N SER C 147 4.51 -16.25 50.16
CA SER C 147 4.64 -15.32 51.29
C SER C 147 3.91 -15.81 52.54
N THR C 155 -1.82 -23.19 54.54
CA THR C 155 -1.33 -23.39 53.17
C THR C 155 -0.75 -22.10 52.61
N ALA C 156 0.06 -22.24 51.55
CA ALA C 156 0.63 -21.10 50.85
C ALA C 156 0.53 -21.33 49.35
N ALA C 157 0.37 -20.23 48.62
CA ALA C 157 0.34 -20.24 47.16
C ALA C 157 1.67 -19.73 46.61
N LEU C 158 2.25 -20.48 45.67
CA LEU C 158 3.46 -20.04 44.99
C LEU C 158 3.30 -20.28 43.49
N GLY C 159 4.15 -19.66 42.69
CA GLY C 159 3.91 -19.81 41.26
C GLY C 159 5.07 -19.37 40.39
N CYS C 160 4.77 -19.29 39.09
CA CYS C 160 5.70 -18.82 38.06
C CYS C 160 4.97 -17.90 37.10
N LEU C 161 5.61 -16.78 36.79
CA LEU C 161 5.11 -15.79 35.84
C LEU C 161 5.87 -15.94 34.52
N VAL C 162 5.14 -16.13 33.43
CA VAL C 162 5.70 -16.36 32.10
C VAL C 162 5.37 -15.17 31.22
N LYS C 163 6.37 -14.29 31.06
CA LYS C 163 6.25 -12.95 30.51
C LYS C 163 6.74 -12.88 29.07
N ASP C 164 5.95 -12.21 28.24
CA ASP C 164 6.38 -11.71 26.93
C ASP C 164 6.80 -12.82 25.95
N TYR C 165 5.85 -13.68 25.61
CA TYR C 165 6.10 -14.71 24.61
C TYR C 165 5.12 -14.55 23.47
N PHE C 166 5.42 -15.16 22.33
CA PHE C 166 4.51 -15.09 21.20
C PHE C 166 4.91 -16.19 20.22
N PRO C 167 3.93 -16.90 19.62
CA PRO C 167 2.49 -16.90 19.86
C PRO C 167 2.09 -17.83 20.98
N GLU C 168 0.78 -18.10 21.07
CA GLU C 168 0.26 -19.13 21.96
C GLU C 168 0.49 -20.50 21.31
N PRO C 169 0.55 -21.57 22.13
CA PRO C 169 0.40 -21.60 23.59
C PRO C 169 1.69 -21.88 24.36
N VAL C 170 1.61 -21.73 25.67
CA VAL C 170 2.65 -22.15 26.59
C VAL C 170 2.06 -23.20 27.51
N THR C 171 2.84 -24.26 27.78
CA THR C 171 2.42 -25.24 28.77
C THR C 171 3.34 -25.15 29.99
N VAL C 172 2.77 -25.43 31.15
CA VAL C 172 3.50 -25.42 32.42
C VAL C 172 3.20 -26.71 33.17
N SER C 173 4.24 -27.37 33.66
CA SER C 173 4.07 -28.42 34.65
C SER C 173 4.86 -28.06 35.90
N TRP C 174 4.68 -28.84 36.95
CA TRP C 174 5.38 -28.66 38.21
C TRP C 174 6.08 -29.94 38.59
N ASN C 175 7.34 -29.83 39.00
CA ASN C 175 8.16 -30.96 39.40
C ASN C 175 8.12 -32.06 38.34
N SER C 176 8.25 -31.65 37.08
CA SER C 176 8.29 -32.57 35.95
C SER C 176 6.99 -33.38 35.85
N GLY C 177 5.88 -32.80 36.32
CA GLY C 177 4.59 -33.47 36.27
C GLY C 177 4.22 -34.18 37.55
N ALA C 178 5.13 -34.21 38.54
CA ALA C 178 4.85 -34.88 39.80
C ALA C 178 3.88 -34.11 40.68
N LEU C 179 3.84 -32.80 40.56
CA LEU C 179 2.95 -31.99 41.38
C LEU C 179 1.78 -31.59 40.50
N THR C 180 0.61 -32.17 40.79
CA THR C 180 -0.58 -31.93 39.99
C THR C 180 -1.71 -31.45 40.86
N SER C 181 -1.73 -31.88 42.13
CA SER C 181 -2.77 -31.42 43.03
C SER C 181 -2.56 -29.94 43.29
N GLY C 182 -3.63 -29.16 43.21
CA GLY C 182 -3.59 -27.76 43.53
C GLY C 182 -2.91 -26.90 42.49
N VAL C 183 -2.61 -27.43 41.30
CA VAL C 183 -1.98 -26.65 40.24
C VAL C 183 -3.07 -26.02 39.39
N HIS C 184 -2.94 -24.72 39.12
CA HIS C 184 -3.80 -23.99 38.20
C HIS C 184 -2.98 -23.10 37.27
N THR C 185 -2.93 -23.45 35.98
CA THR C 185 -2.30 -22.63 34.96
C THR C 185 -3.37 -21.76 34.31
N PHE C 186 -3.19 -20.42 34.41
CA PHE C 186 -4.16 -19.39 34.02
C PHE C 186 -4.09 -19.08 32.53
N PRO C 187 -5.24 -18.73 31.92
CA PRO C 187 -5.23 -18.24 30.53
C PRO C 187 -4.31 -17.05 30.34
N ALA C 188 -3.68 -16.98 29.17
CA ALA C 188 -2.77 -15.87 28.91
C ALA C 188 -3.54 -14.57 28.68
N VAL C 189 -2.90 -13.45 29.02
CA VAL C 189 -3.34 -12.10 28.66
C VAL C 189 -2.51 -11.62 27.48
N LEU C 190 -3.16 -10.92 26.53
CA LEU C 190 -2.42 -10.19 25.50
C LEU C 190 -2.21 -8.75 25.95
N GLN C 191 -0.94 -8.34 26.01
CA GLN C 191 -0.58 -6.99 26.47
C GLN C 191 -0.55 -6.00 25.31
N SER C 192 -0.43 -4.71 25.65
CA SER C 192 -0.33 -3.67 24.64
C SER C 192 0.90 -3.83 23.75
N SER C 193 1.93 -4.52 24.24
CA SER C 193 3.13 -4.79 23.47
C SER C 193 2.90 -5.81 22.35
N GLY C 194 1.78 -6.52 22.37
CA GLY C 194 1.53 -7.60 21.43
C GLY C 194 2.06 -8.94 21.86
N LEU C 195 2.64 -9.03 23.05
CA LEU C 195 3.16 -10.26 23.64
C LEU C 195 2.17 -10.80 24.68
N TYR C 196 2.24 -12.10 24.91
CA TYR C 196 1.36 -12.75 25.88
C TYR C 196 2.11 -12.96 27.19
N SER C 197 1.35 -13.02 28.29
CA SER C 197 1.88 -13.47 29.56
C SER C 197 0.82 -14.31 30.25
N LEU C 198 1.26 -15.30 31.02
CA LEU C 198 0.35 -16.07 31.86
C LEU C 198 1.06 -16.39 33.18
N SER C 199 0.31 -16.91 34.15
CA SER C 199 0.88 -17.38 35.39
C SER C 199 0.37 -18.77 35.72
N SER C 200 1.20 -19.54 36.42
CA SER C 200 0.80 -20.84 36.94
C SER C 200 1.07 -20.88 38.44
N VAL C 201 0.08 -21.33 39.20
CA VAL C 201 0.17 -21.32 40.66
C VAL C 201 -0.11 -22.71 41.20
N VAL C 202 0.45 -23.00 42.37
CA VAL C 202 0.11 -24.19 43.13
C VAL C 202 -0.01 -23.82 44.61
N THR C 203 -1.07 -24.32 45.23
CA THR C 203 -1.33 -24.15 46.66
C THR C 203 -0.86 -25.42 47.38
N VAL C 204 0.05 -25.25 48.33
CA VAL C 204 0.71 -26.38 49.00
C VAL C 204 0.59 -26.15 50.49
N PRO C 205 0.77 -27.20 51.31
CA PRO C 205 0.78 -26.97 52.77
C PRO C 205 1.94 -26.06 53.16
N SER C 206 1.64 -25.09 54.02
CA SER C 206 2.65 -24.15 54.49
C SER C 206 3.81 -24.85 55.19
N SER C 207 3.54 -25.98 55.84
CA SER C 207 4.61 -26.72 56.51
C SER C 207 5.65 -27.28 55.54
N SER C 208 5.30 -27.42 54.26
CA SER C 208 6.19 -28.01 53.26
C SER C 208 7.16 -26.99 52.65
N LEU C 209 6.95 -25.70 52.91
CA LEU C 209 7.69 -24.64 52.24
C LEU C 209 9.19 -24.72 52.51
N GLY C 210 9.59 -25.14 53.70
CA GLY C 210 11.01 -25.29 53.96
C GLY C 210 11.63 -26.57 53.44
N THR C 211 10.84 -27.61 53.18
CA THR C 211 11.39 -28.93 52.92
C THR C 211 11.32 -29.31 51.45
N GLN C 212 10.14 -29.22 50.85
CA GLN C 212 9.91 -29.69 49.49
C GLN C 212 10.33 -28.63 48.46
N THR C 213 11.15 -29.03 47.50
CA THR C 213 11.53 -28.15 46.40
C THR C 213 10.40 -28.10 45.38
N TYR C 214 10.14 -26.89 44.86
CA TYR C 214 9.11 -26.69 43.84
C TYR C 214 9.76 -26.10 42.59
N ILE C 215 9.65 -26.80 41.46
CA ILE C 215 10.23 -26.32 40.20
C ILE C 215 9.15 -26.32 39.14
N CYS C 216 9.01 -25.20 38.43
CA CYS C 216 8.06 -25.09 37.32
C CYS C 216 8.80 -25.29 36.00
N ASN C 217 8.18 -26.10 35.12
CA ASN C 217 8.71 -26.45 33.82
C ASN C 217 7.84 -25.81 32.74
N VAL C 218 8.36 -24.78 32.09
CA VAL C 218 7.63 -24.02 31.09
C VAL C 218 8.14 -24.50 29.73
N ASN C 219 7.20 -24.83 28.85
CA ASN C 219 7.50 -25.26 27.49
C ASN C 219 6.76 -24.36 26.51
N HIS C 220 7.51 -23.74 25.62
CA HIS C 220 7.00 -22.93 24.51
C HIS C 220 7.47 -23.54 23.19
N LYS C 221 6.67 -24.48 22.68
CA LYS C 221 7.02 -25.19 21.45
C LYS C 221 7.24 -24.27 20.25
N PRO C 222 6.44 -23.21 20.01
CA PRO C 222 6.68 -22.39 18.81
C PRO C 222 8.07 -21.80 18.73
N SER C 223 8.69 -21.48 19.85
CA SER C 223 10.04 -20.96 19.86
C SER C 223 11.07 -22.02 20.22
N ASN C 224 10.64 -23.27 20.43
CA ASN C 224 11.51 -24.37 20.83
C ASN C 224 12.28 -24.01 22.10
N THR C 225 11.55 -23.46 23.08
CA THR C 225 12.15 -23.05 24.35
C THR C 225 11.57 -23.82 25.52
N LYS C 226 12.44 -24.28 26.42
CA LYS C 226 12.04 -24.87 27.69
C LYS C 226 12.85 -24.20 28.79
N VAL C 227 12.17 -23.86 29.89
CA VAL C 227 12.78 -23.22 31.06
C VAL C 227 12.33 -23.95 32.32
N ASP C 228 13.28 -24.29 33.21
CA ASP C 228 12.99 -24.85 34.52
C ASP C 228 13.36 -23.91 35.67
N LYS C 229 12.37 -23.28 36.29
CA LYS C 229 12.60 -22.26 37.30
C LYS C 229 12.31 -22.83 38.69
N ARG C 230 13.28 -22.70 39.60
CA ARG C 230 13.07 -23.09 41.00
C ARG C 230 12.43 -21.96 41.79
N VAL C 231 11.38 -22.28 42.54
CA VAL C 231 10.63 -21.29 43.32
C VAL C 231 10.82 -21.60 44.79
N GLU C 232 11.47 -20.70 45.51
CA GLU C 232 11.74 -20.82 46.93
C GLU C 232 11.26 -19.58 47.66
N PRO C 233 10.96 -19.68 48.97
CA PRO C 233 10.49 -18.54 49.76
C PRO C 233 11.48 -17.39 49.82
N GLU D 1 34.53 20.33 3.28
CA GLU D 1 34.80 20.39 1.86
C GLU D 1 33.58 19.97 1.04
N VAL D 2 33.31 18.67 1.09
CA VAL D 2 32.36 17.94 0.24
C VAL D 2 31.90 16.82 1.16
N GLN D 3 30.60 16.71 1.42
CA GLN D 3 30.19 15.62 2.29
C GLN D 3 28.79 15.09 1.96
N LEU D 4 28.56 13.83 2.36
CA LEU D 4 27.31 13.10 2.21
C LEU D 4 26.92 12.43 3.52
N VAL D 5 25.70 12.68 4.01
CA VAL D 5 25.23 12.09 5.27
C VAL D 5 23.95 11.27 5.06
N GLU D 6 24.03 9.96 5.29
CA GLU D 6 22.89 9.07 5.10
C GLU D 6 22.06 8.97 6.38
N SER D 7 20.78 8.64 6.21
CA SER D 7 19.84 8.45 7.33
C SER D 7 18.81 7.39 6.97
N GLY D 8 18.14 6.90 8.02
CA GLY D 8 17.00 6.01 7.87
C GLY D 8 17.27 4.53 8.12
N GLY D 9 18.50 4.17 8.43
CA GLY D 9 18.83 2.78 8.69
C GLY D 9 18.44 2.31 10.07
N GLY D 10 18.08 1.03 10.18
CA GLY D 10 17.68 0.46 11.44
C GLY D 10 17.08 -0.92 11.26
N LEU D 11 16.43 -1.39 12.32
CA LEU D 11 15.81 -2.71 12.32
C LEU D 11 14.48 -2.70 11.57
N VAL D 12 14.31 -3.69 10.71
CA VAL D 12 13.10 -3.84 9.89
C VAL D 12 12.73 -5.32 9.90
N ARG D 13 11.44 -5.59 9.93
CA ARG D 13 10.97 -6.97 9.93
C ARG D 13 11.00 -7.54 8.52
N PRO D 14 11.08 -8.87 8.37
CA PRO D 14 11.09 -9.44 7.02
C PRO D 14 9.79 -9.10 6.30
N GLY D 15 9.94 -8.71 5.03
CA GLY D 15 8.81 -8.24 4.25
C GLY D 15 8.52 -6.77 4.46
N GLY D 16 9.20 -6.14 5.42
CA GLY D 16 8.96 -4.75 5.75
C GLY D 16 9.56 -3.77 4.76
N SER D 17 9.24 -2.51 4.98
CA SER D 17 9.71 -1.41 4.13
C SER D 17 10.51 -0.42 4.96
N LEU D 18 11.40 0.30 4.28
CA LEU D 18 12.22 1.35 4.90
C LEU D 18 12.54 2.37 3.82
N ARG D 19 12.70 3.63 4.22
CA ARG D 19 13.15 4.68 3.29
C ARG D 19 14.46 5.31 3.75
N LEU D 20 15.52 5.10 2.98
CA LEU D 20 16.81 5.73 3.24
C LEU D 20 16.88 7.12 2.59
N SER D 21 17.54 8.06 3.26
CA SER D 21 17.58 9.45 2.79
C SER D 21 18.97 10.03 3.01
N CYS D 22 19.59 10.55 1.94
CA CYS D 22 20.96 11.04 1.95
C CYS D 22 20.98 12.54 1.67
N ALA D 23 21.68 13.28 2.52
CA ALA D 23 21.84 14.73 2.38
C ALA D 23 23.23 15.02 1.80
N ALA D 24 23.25 15.77 0.70
CA ALA D 24 24.47 16.12 -0.02
C ALA D 24 24.83 17.59 0.21
N SER D 25 26.14 17.87 0.34
CA SER D 25 26.57 19.26 0.47
C SER D 25 27.97 19.44 -0.08
N GLY D 26 28.25 20.67 -0.48
CA GLY D 26 29.55 21.11 -0.97
C GLY D 26 29.82 20.92 -2.44
N PHE D 27 28.81 20.54 -3.24
CA PHE D 27 28.98 20.38 -4.68
C PHE D 27 27.64 20.59 -5.37
N SER D 28 27.70 20.88 -6.67
CA SER D 28 26.49 21.07 -7.47
C SER D 28 25.74 19.75 -7.61
N TYR D 29 24.88 19.46 -6.63
CA TYR D 29 24.16 18.19 -6.57
C TYR D 29 23.35 17.91 -7.83
N SER D 30 22.60 18.90 -8.31
CA SER D 30 21.70 18.70 -9.43
C SER D 30 22.39 18.25 -10.71
N ASN D 31 23.69 18.49 -10.86
CA ASN D 31 24.40 18.09 -12.06
C ASN D 31 25.15 16.75 -11.94
N HIS D 32 25.04 16.03 -10.83
CA HIS D 32 25.77 14.79 -10.64
C HIS D 32 24.87 13.55 -10.61
N TRP D 33 25.38 12.45 -11.16
CA TRP D 33 24.75 11.15 -10.98
C TRP D 33 24.97 10.68 -9.54
N MET D 34 23.99 9.97 -9.00
CA MET D 34 24.11 9.45 -7.64
C MET D 34 23.83 7.96 -7.61
N HIS D 35 24.54 7.25 -6.74
CA HIS D 35 24.42 5.81 -6.62
C HIS D 35 24.16 5.41 -5.17
N TRP D 36 23.58 4.22 -5.01
CA TRP D 36 23.49 3.54 -3.73
C TRP D 36 24.29 2.25 -3.85
N VAL D 37 25.14 2.00 -2.85
CA VAL D 37 25.97 0.80 -2.76
C VAL D 37 25.74 0.20 -1.38
N ARG D 38 25.83 -1.13 -1.26
CA ARG D 38 25.67 -1.72 0.05
C ARG D 38 26.80 -2.70 0.34
N GLN D 39 26.92 -3.05 1.63
CA GLN D 39 27.95 -3.94 2.12
C GLN D 39 27.44 -4.73 3.32
N ALA D 40 27.26 -6.04 3.15
CA ALA D 40 26.85 -6.85 4.27
C ALA D 40 27.99 -6.84 5.30
N PRO D 41 27.69 -6.95 6.59
CA PRO D 41 28.76 -6.89 7.60
C PRO D 41 29.89 -7.88 7.36
N GLY D 42 31.11 -7.35 7.28
CA GLY D 42 32.30 -8.13 7.06
C GLY D 42 32.45 -8.67 5.65
N LYS D 43 31.58 -8.27 4.72
CA LYS D 43 31.58 -8.79 3.37
C LYS D 43 31.93 -7.68 2.39
N GLY D 44 31.82 -7.95 1.09
CA GLY D 44 32.25 -6.98 0.09
C GLY D 44 31.19 -5.98 -0.33
N LEU D 45 31.64 -5.00 -1.12
CA LEU D 45 30.78 -3.98 -1.70
C LEU D 45 29.88 -4.53 -2.80
N VAL D 46 28.62 -4.10 -2.79
CA VAL D 46 27.62 -4.55 -3.75
C VAL D 46 26.88 -3.34 -4.29
N TRP D 47 27.00 -3.10 -5.60
CA TRP D 47 26.33 -1.97 -6.22
C TRP D 47 24.82 -2.21 -6.24
N VAL D 48 24.05 -1.19 -5.86
CA VAL D 48 22.60 -1.32 -5.76
C VAL D 48 21.88 -0.54 -6.85
N SER D 49 22.18 0.75 -7.01
CA SER D 49 21.33 1.53 -7.91
C SER D 49 21.99 2.85 -8.29
N ARG D 50 21.50 3.46 -9.37
CA ARG D 50 21.93 4.81 -9.74
C ARG D 50 20.78 5.60 -10.34
N ILE D 51 20.89 6.93 -10.24
CA ILE D 51 19.93 7.87 -10.80
C ILE D 51 20.67 9.07 -11.39
N ASN D 52 20.22 9.53 -12.56
CA ASN D 52 20.80 10.69 -13.22
C ASN D 52 20.20 11.99 -12.68
N SER D 53 20.66 13.10 -13.26
CA SER D 53 20.24 14.43 -12.81
C SER D 53 18.72 14.57 -12.87
N ASP D 54 18.14 14.23 -14.02
CA ASP D 54 16.71 14.41 -14.24
C ASP D 54 15.89 13.45 -13.39
N GLY D 55 16.38 12.23 -13.21
CA GLY D 55 15.57 11.15 -12.71
C GLY D 55 14.91 10.33 -13.81
N SER D 56 15.10 10.71 -15.07
CA SER D 56 14.54 9.96 -16.19
C SER D 56 15.21 8.59 -16.36
N THR D 57 16.43 8.43 -15.86
CA THR D 57 17.14 7.16 -15.92
C THR D 57 17.46 6.71 -14.51
N ARG D 58 16.92 5.56 -14.14
CA ARG D 58 17.10 4.96 -12.82
C ARG D 58 17.41 3.49 -13.04
N ASN D 59 18.62 3.05 -12.68
CA ASN D 59 19.00 1.67 -12.90
C ASN D 59 19.19 0.94 -11.58
N TYR D 60 18.94 -0.37 -11.63
CA TYR D 60 18.95 -1.21 -10.44
C TYR D 60 19.68 -2.51 -10.74
N ALA D 61 20.30 -3.09 -9.72
CA ALA D 61 20.92 -4.39 -9.83
C ALA D 61 19.87 -5.50 -9.95
N ASP D 62 20.30 -6.63 -10.53
CA ASP D 62 19.38 -7.76 -10.74
C ASP D 62 18.76 -8.27 -9.44
N PHE D 63 19.45 -8.18 -8.31
CA PHE D 63 18.83 -8.74 -7.11
C PHE D 63 17.66 -7.91 -6.61
N VAL D 64 17.47 -6.70 -7.12
CA VAL D 64 16.36 -5.86 -6.65
C VAL D 64 15.40 -5.90 -7.83
N LYS D 65 14.62 -6.97 -7.90
CA LYS D 65 13.61 -7.22 -8.93
C LYS D 65 12.55 -6.13 -9.04
N GLY D 66 12.68 -5.03 -8.30
CA GLY D 66 11.67 -4.01 -8.42
C GLY D 66 11.25 -3.56 -7.04
N ARG D 67 11.94 -4.09 -6.03
CA ARG D 67 11.60 -3.83 -4.64
C ARG D 67 12.08 -2.49 -4.14
N PHE D 68 13.11 -1.89 -4.75
CA PHE D 68 13.63 -0.61 -4.31
C PHE D 68 13.39 0.41 -5.42
N THR D 69 13.07 1.64 -5.02
CA THR D 69 12.90 2.77 -5.93
C THR D 69 13.84 3.88 -5.50
N ILE D 70 14.71 4.30 -6.39
CA ILE D 70 15.61 5.41 -6.12
C ILE D 70 14.92 6.70 -6.54
N SER D 71 15.20 7.78 -5.83
CA SER D 71 14.61 9.07 -6.21
C SER D 71 15.48 10.18 -5.66
N ARG D 72 15.20 11.40 -6.09
CA ARG D 72 16.04 12.52 -5.66
C ARG D 72 15.22 13.80 -5.64
N ASP D 73 15.68 14.74 -4.83
CA ASP D 73 15.09 16.08 -4.74
C ASP D 73 16.25 17.07 -4.86
N ASN D 74 16.44 17.60 -6.07
CA ASN D 74 17.60 18.42 -6.37
C ASN D 74 17.65 19.67 -5.50
N ALA D 75 16.53 20.40 -5.43
CA ALA D 75 16.51 21.63 -4.63
C ALA D 75 16.73 21.36 -3.16
N GLU D 76 16.41 20.17 -2.68
CA GLU D 76 16.63 19.80 -1.29
C GLU D 76 17.96 19.09 -1.10
N ASN D 77 18.72 18.90 -2.18
CA ASN D 77 20.01 18.22 -2.13
C ASN D 77 19.84 16.86 -1.43
N THR D 78 18.79 16.14 -1.81
CA THR D 78 18.48 14.88 -1.15
C THR D 78 18.36 13.72 -2.13
N LEU D 79 18.78 12.54 -1.69
CA LEU D 79 18.70 11.30 -2.44
C LEU D 79 17.88 10.32 -1.60
N TYR D 80 17.01 9.53 -2.22
CA TYR D 80 16.22 8.58 -1.46
C TYR D 80 16.35 7.18 -2.06
N LEU D 81 16.10 6.20 -1.19
CA LEU D 81 15.96 4.80 -1.58
C LEU D 81 14.79 4.17 -0.83
N GLU D 82 13.69 3.92 -1.53
CA GLU D 82 12.52 3.28 -0.96
C GLU D 82 12.68 1.77 -1.11
N MET D 83 12.59 1.03 -0.01
CA MET D 83 12.80 -0.41 -0.04
C MET D 83 11.60 -1.15 0.53
N ASN D 84 11.11 -2.12 -0.23
CA ASN D 84 10.01 -2.99 0.15
C ASN D 84 10.47 -4.44 0.09
N SER D 85 9.63 -5.33 0.63
CA SER D 85 9.84 -6.78 0.61
C SER D 85 11.28 -7.17 0.96
N LEU D 86 11.78 -6.61 2.05
CA LEU D 86 13.15 -6.86 2.48
C LEU D 86 13.29 -8.27 3.05
N THR D 87 14.43 -8.91 2.78
CA THR D 87 14.72 -10.24 3.29
C THR D 87 16.09 -10.21 3.96
N ALA D 88 16.45 -11.29 4.64
CA ALA D 88 17.77 -11.37 5.30
C ALA D 88 18.95 -11.15 4.36
N ASP D 89 18.82 -11.43 3.07
CA ASP D 89 19.91 -11.18 2.13
C ASP D 89 20.23 -9.69 2.01
N ASP D 90 19.30 -8.81 2.38
CA ASP D 90 19.47 -7.36 2.26
C ASP D 90 20.07 -6.68 3.49
N THR D 91 20.29 -7.39 4.59
CA THR D 91 20.92 -6.74 5.75
C THR D 91 22.31 -6.26 5.34
N ALA D 92 22.58 -4.98 5.57
CA ALA D 92 23.87 -4.41 5.14
C ALA D 92 23.94 -2.95 5.54
N VAL D 93 25.12 -2.38 5.38
CA VAL D 93 25.32 -0.93 5.46
C VAL D 93 25.08 -0.38 4.06
N TYR D 94 24.32 0.71 3.97
CA TYR D 94 24.02 1.33 2.69
C TYR D 94 24.72 2.69 2.62
N TYR D 95 25.52 2.85 1.57
CA TYR D 95 26.32 4.04 1.31
C TYR D 95 25.71 4.84 0.16
N CYS D 96 25.65 6.15 0.39
CA CYS D 96 25.29 7.14 -0.63
C CYS D 96 26.57 7.56 -1.32
N VAL D 97 26.58 7.54 -2.66
CA VAL D 97 27.81 7.75 -3.40
C VAL D 97 27.59 8.67 -4.59
N ARG D 98 28.53 9.59 -4.81
CA ARG D 98 28.48 10.52 -5.93
C ARG D 98 29.36 10.04 -7.07
N ASP D 99 28.90 10.21 -8.32
CA ASP D 99 29.77 9.94 -9.47
C ASP D 99 30.35 11.30 -9.87
N GLY D 100 31.48 11.66 -9.27
CA GLY D 100 32.09 12.95 -9.59
C GLY D 100 32.78 13.05 -10.93
N VAL D 101 33.30 11.94 -11.45
CA VAL D 101 34.03 12.00 -12.72
C VAL D 101 33.09 12.24 -13.89
N ARG D 102 31.93 11.57 -13.93
CA ARG D 102 31.01 11.76 -15.04
C ARG D 102 30.68 13.24 -15.19
N PHE D 103 30.63 13.96 -14.07
CA PHE D 103 30.44 15.40 -14.13
C PHE D 103 31.47 16.07 -15.04
N TYR D 104 32.67 15.52 -15.11
CA TYR D 104 33.73 16.14 -15.91
C TYR D 104 33.50 15.99 -17.40
N TYR D 105 32.72 15.01 -17.82
CA TYR D 105 32.42 14.75 -19.23
C TYR D 105 31.04 15.25 -19.64
N ASP D 106 30.04 15.07 -18.80
CA ASP D 106 28.68 15.56 -19.05
C ASP D 106 28.28 16.35 -17.81
N SER D 107 28.47 17.68 -17.89
CA SER D 107 28.16 18.55 -16.78
C SER D 107 26.67 18.65 -16.50
N THR D 108 25.82 18.12 -17.39
CA THR D 108 24.39 18.14 -17.09
C THR D 108 24.00 16.96 -16.22
N GLY D 109 24.74 15.86 -16.31
CA GLY D 109 24.42 14.65 -15.59
C GLY D 109 23.16 13.97 -16.06
N TYR D 110 22.68 14.29 -17.25
CA TYR D 110 21.44 13.74 -17.77
C TYR D 110 21.62 12.50 -18.65
N TYR D 111 22.48 12.61 -19.67
CA TYR D 111 22.56 11.61 -20.72
C TYR D 111 23.02 10.25 -20.22
N PRO D 112 22.21 9.16 -20.46
CA PRO D 112 22.54 7.80 -20.01
C PRO D 112 23.28 6.98 -21.07
N ASP D 113 24.40 7.52 -21.53
CA ASP D 113 25.18 6.84 -22.56
C ASP D 113 25.67 5.49 -22.07
N SER D 114 25.65 4.51 -22.98
CA SER D 114 26.08 3.18 -22.61
C SER D 114 27.56 3.16 -22.22
N PHE D 115 27.84 2.50 -21.10
CA PHE D 115 29.21 2.28 -20.63
C PHE D 115 30.01 3.59 -20.54
N PHE D 116 29.40 4.62 -19.98
CA PHE D 116 30.11 5.90 -19.92
C PHE D 116 31.12 5.88 -18.78
N LYS D 117 32.19 6.67 -18.95
CA LYS D 117 33.22 6.78 -17.93
C LYS D 117 32.62 7.30 -16.63
N TYR D 118 32.93 6.61 -15.53
CA TYR D 118 32.33 6.91 -14.24
C TYR D 118 33.39 6.72 -13.17
N GLY D 119 33.08 7.22 -11.97
CA GLY D 119 33.96 7.10 -10.82
C GLY D 119 33.27 7.47 -9.55
N MET D 120 33.21 6.56 -8.58
CA MET D 120 32.52 6.83 -7.31
C MET D 120 33.52 7.46 -6.34
N ASP D 121 33.67 8.78 -6.43
CA ASP D 121 34.72 9.50 -5.73
C ASP D 121 34.33 10.05 -4.36
N VAL D 122 33.04 10.18 -4.06
CA VAL D 122 32.58 10.67 -2.77
C VAL D 122 31.61 9.66 -2.17
N TRP D 123 31.89 9.23 -0.94
CA TRP D 123 31.09 8.23 -0.24
C TRP D 123 30.63 8.79 1.11
N GLY D 124 29.40 8.45 1.50
CA GLY D 124 28.92 8.74 2.83
C GLY D 124 29.46 7.76 3.84
N GLN D 125 29.14 8.00 5.12
CA GLN D 125 29.57 7.06 6.14
C GLN D 125 28.75 5.77 6.15
N GLY D 126 27.56 5.77 5.57
CA GLY D 126 26.72 4.59 5.49
C GLY D 126 25.74 4.49 6.65
N THR D 127 24.56 3.94 6.36
CA THR D 127 23.55 3.71 7.38
C THR D 127 23.30 2.22 7.50
N THR D 128 23.21 1.71 8.73
CA THR D 128 23.03 0.27 8.92
C THR D 128 21.56 -0.14 8.81
N VAL D 129 21.28 -1.10 7.95
CA VAL D 129 19.95 -1.71 7.83
C VAL D 129 20.05 -3.17 8.28
N THR D 130 19.28 -3.53 9.31
CA THR D 130 19.24 -4.90 9.83
C THR D 130 17.82 -5.45 9.70
N VAL D 131 17.61 -6.40 8.79
CA VAL D 131 16.31 -7.02 8.59
C VAL D 131 16.24 -8.32 9.40
N SER D 132 15.52 -8.28 10.53
CA SER D 132 15.51 -9.37 11.50
C SER D 132 14.13 -9.45 12.14
N SER D 133 14.01 -10.30 13.18
CA SER D 133 12.73 -10.51 13.84
C SER D 133 12.88 -11.04 15.27
N ALA D 134 13.60 -10.30 16.11
CA ALA D 134 13.57 -10.48 17.55
C ALA D 134 13.97 -9.17 18.22
N SER D 135 13.73 -9.06 19.53
CA SER D 135 14.01 -7.80 20.21
C SER D 135 14.92 -7.88 21.44
N THR D 136 14.57 -8.70 22.44
CA THR D 136 15.47 -8.92 23.56
C THR D 136 15.40 -10.40 23.90
N LYS D 137 16.53 -10.95 24.36
CA LYS D 137 16.65 -12.35 24.78
C LYS D 137 17.90 -12.64 25.58
N GLY D 138 17.83 -13.28 26.73
CA GLY D 138 19.10 -13.61 27.34
C GLY D 138 19.56 -14.81 26.53
N PRO D 139 20.87 -15.05 26.48
CA PRO D 139 21.41 -16.13 25.64
C PRO D 139 21.28 -17.50 26.29
N SER D 140 21.33 -18.53 25.45
CA SER D 140 21.59 -19.87 25.96
C SER D 140 23.07 -20.19 25.78
N VAL D 141 23.71 -20.61 26.87
CA VAL D 141 25.14 -20.87 26.92
C VAL D 141 25.41 -22.35 27.06
N PHE D 142 26.25 -22.88 26.17
CA PHE D 142 26.59 -24.29 26.17
C PHE D 142 28.10 -24.43 26.27
N PRO D 143 28.60 -25.45 26.97
CA PRO D 143 30.05 -25.63 27.10
C PRO D 143 30.70 -26.28 25.88
N LEU D 144 31.90 -25.82 25.52
CA LEU D 144 32.65 -26.52 24.48
C LEU D 144 33.78 -27.19 25.25
N ALA D 145 33.54 -28.45 25.63
CA ALA D 145 34.46 -29.20 26.48
C ALA D 145 35.81 -29.49 25.82
N PRO D 146 36.89 -29.49 26.60
CA PRO D 146 38.22 -29.73 26.01
C PRO D 146 38.22 -31.13 25.41
N SER D 147 38.93 -31.33 24.30
CA SER D 147 39.11 -32.72 23.86
C SER D 147 40.59 -33.12 23.82
N THR D 155 48.93 -28.38 25.14
CA THR D 155 47.85 -27.47 25.50
C THR D 155 46.50 -27.95 24.96
N ALA D 156 45.42 -27.43 25.54
CA ALA D 156 44.07 -27.73 25.08
C ALA D 156 43.25 -26.44 25.02
N ALA D 157 42.31 -26.41 24.08
CA ALA D 157 41.38 -25.30 23.90
C ALA D 157 40.01 -25.69 24.44
N LEU D 158 39.42 -24.83 25.28
CA LEU D 158 38.06 -25.04 25.75
C LEU D 158 37.29 -23.74 25.64
N GLY D 159 35.96 -23.81 25.73
CA GLY D 159 35.23 -22.57 25.51
C GLY D 159 33.78 -22.62 25.92
N CYS D 160 33.06 -21.57 25.53
CA CYS D 160 31.62 -21.43 25.75
C CYS D 160 30.97 -20.87 24.48
N LEU D 161 29.86 -21.48 24.09
CA LEU D 161 29.05 -21.05 22.95
C LEU D 161 27.82 -20.31 23.47
N VAL D 162 27.64 -19.08 23.00
CA VAL D 162 26.55 -18.21 23.45
C VAL D 162 25.58 -18.00 22.28
N LYS D 163 24.49 -18.75 22.32
CA LYS D 163 23.56 -18.95 21.22
C LYS D 163 22.28 -18.14 21.40
N ASP D 164 21.86 -17.51 20.30
CA ASP D 164 20.52 -16.96 20.09
C ASP D 164 20.16 -15.84 21.07
N TYR D 165 20.92 -14.74 21.00
CA TYR D 165 20.61 -13.56 21.79
C TYR D 165 20.40 -12.39 20.85
N PHE D 166 19.77 -11.33 21.37
CA PHE D 166 19.56 -10.14 20.55
C PHE D 166 19.22 -9.00 21.52
N PRO D 167 19.75 -7.79 21.28
CA PRO D 167 20.75 -7.36 20.30
C PRO D 167 22.18 -7.56 20.79
N GLU D 168 23.11 -6.94 20.08
CA GLU D 168 24.50 -6.87 20.54
C GLU D 168 24.60 -5.79 21.60
N PRO D 169 25.61 -5.88 22.50
CA PRO D 169 26.65 -6.90 22.56
C PRO D 169 26.52 -7.87 23.74
N VAL D 170 27.35 -8.92 23.71
CA VAL D 170 27.54 -9.83 24.83
C VAL D 170 28.99 -9.74 25.27
N THR D 171 29.22 -9.71 26.58
CA THR D 171 30.58 -9.79 27.09
C THR D 171 30.79 -11.12 27.80
N VAL D 172 32.01 -11.62 27.73
CA VAL D 172 32.40 -12.88 28.37
C VAL D 172 33.69 -12.65 29.15
N SER D 173 33.72 -13.09 30.40
CA SER D 173 34.96 -13.21 31.15
C SER D 173 35.13 -14.66 31.58
N TRP D 174 36.30 -14.98 32.12
CA TRP D 174 36.58 -16.32 32.62
C TRP D 174 37.03 -16.26 34.07
N ASN D 175 36.46 -17.15 34.89
CA ASN D 175 36.78 -17.23 36.32
C ASN D 175 36.66 -15.87 36.98
N SER D 176 35.59 -15.16 36.66
CA SER D 176 35.28 -13.85 37.24
C SER D 176 36.38 -12.85 36.93
N GLY D 177 37.08 -13.02 35.80
CA GLY D 177 38.13 -12.11 35.42
C GLY D 177 39.50 -12.56 35.84
N ALA D 178 39.59 -13.67 36.59
CA ALA D 178 40.89 -14.17 37.02
C ALA D 178 41.67 -14.81 35.89
N LEU D 179 41.00 -15.38 34.90
CA LEU D 179 41.65 -16.02 33.77
C LEU D 179 41.58 -15.10 32.56
N THR D 180 42.74 -14.56 32.15
CA THR D 180 42.78 -13.61 31.05
C THR D 180 43.76 -14.05 29.97
N SER D 181 44.82 -14.77 30.35
CA SER D 181 45.77 -15.23 29.36
C SER D 181 45.13 -16.27 28.45
N GLY D 182 45.36 -16.13 27.15
CA GLY D 182 44.89 -17.10 26.19
C GLY D 182 43.40 -17.04 25.91
N VAL D 183 42.71 -16.00 26.39
CA VAL D 183 41.28 -15.85 26.15
C VAL D 183 41.07 -15.07 24.85
N HIS D 184 40.18 -15.59 24.00
CA HIS D 184 39.74 -14.91 22.79
C HIS D 184 38.22 -15.02 22.65
N THR D 185 37.53 -13.90 22.81
CA THR D 185 36.09 -13.81 22.59
C THR D 185 35.86 -13.32 21.15
N PHE D 186 35.19 -14.15 20.34
CA PHE D 186 35.00 -13.99 18.90
C PHE D 186 33.84 -13.04 18.58
N PRO D 187 33.94 -12.31 17.47
CA PRO D 187 32.80 -11.51 16.99
C PRO D 187 31.56 -12.37 16.77
N ALA D 188 30.39 -11.78 17.04
CA ALA D 188 29.16 -12.54 16.85
C ALA D 188 28.83 -12.71 15.38
N VAL D 189 28.15 -13.81 15.06
CA VAL D 189 27.53 -14.05 13.77
C VAL D 189 26.05 -13.76 13.87
N LEU D 190 25.47 -13.15 12.84
CA LEU D 190 24.01 -13.05 12.72
C LEU D 190 23.49 -14.22 11.89
N GLN D 191 22.59 -14.99 12.47
CA GLN D 191 22.04 -16.19 11.83
C GLN D 191 20.81 -15.83 10.99
N SER D 192 20.37 -16.81 10.19
CA SER D 192 19.16 -16.63 9.39
C SER D 192 17.93 -16.40 10.24
N SER D 193 17.95 -16.85 11.50
CA SER D 193 16.86 -16.64 12.44
C SER D 193 16.75 -15.20 12.91
N GLY D 194 17.76 -14.37 12.65
CA GLY D 194 17.81 -13.01 13.15
C GLY D 194 18.41 -12.85 14.52
N LEU D 195 18.90 -13.92 15.13
CA LEU D 195 19.57 -13.93 16.42
C LEU D 195 21.08 -14.02 16.22
N TYR D 196 21.81 -13.55 17.22
CA TYR D 196 23.27 -13.57 17.16
C TYR D 196 23.79 -14.74 17.97
N SER D 197 24.97 -15.23 17.60
CA SER D 197 25.72 -16.17 18.41
C SER D 197 27.19 -15.82 18.36
N LEU D 198 27.90 -16.08 19.45
CA LEU D 198 29.36 -15.95 19.45
C LEU D 198 29.95 -17.08 20.29
N SER D 199 31.27 -17.21 20.23
CA SER D 199 31.98 -18.16 21.06
C SER D 199 33.16 -17.48 21.74
N SER D 200 33.50 -17.96 22.93
CA SER D 200 34.69 -17.53 23.64
C SER D 200 35.54 -18.74 23.99
N VAL D 201 36.84 -18.64 23.71
CA VAL D 201 37.73 -19.77 23.91
C VAL D 201 38.91 -19.34 24.78
N VAL D 202 39.48 -20.29 25.49
CA VAL D 202 40.74 -20.10 26.19
C VAL D 202 41.60 -21.33 25.98
N THR D 203 42.87 -21.11 25.67
CA THR D 203 43.85 -22.18 25.52
C THR D 203 44.66 -22.27 26.81
N VAL D 204 44.64 -23.43 27.44
CA VAL D 204 45.22 -23.62 28.76
C VAL D 204 46.12 -24.85 28.66
N PRO D 205 47.06 -25.04 29.59
CA PRO D 205 47.83 -26.29 29.55
C PRO D 205 46.91 -27.48 29.75
N SER D 206 47.10 -28.50 28.91
CA SER D 206 46.30 -29.71 28.99
C SER D 206 46.44 -30.38 30.34
N SER D 207 47.60 -30.23 30.96
CA SER D 207 47.84 -30.82 32.27
C SER D 207 46.96 -30.22 33.37
N SER D 208 46.39 -29.03 33.16
CA SER D 208 45.56 -28.35 34.17
C SER D 208 44.12 -28.80 34.12
N LEU D 209 43.75 -29.56 33.08
CA LEU D 209 42.36 -29.91 32.79
C LEU D 209 41.69 -30.69 33.91
N GLY D 210 42.43 -31.55 34.60
CA GLY D 210 41.83 -32.27 35.72
C GLY D 210 41.71 -31.47 36.99
N THR D 211 42.51 -30.42 37.18
CA THR D 211 42.63 -29.78 38.47
C THR D 211 41.91 -28.44 38.52
N GLN D 212 42.19 -27.56 37.58
CA GLN D 212 41.68 -26.19 37.60
C GLN D 212 40.26 -26.14 37.04
N THR D 213 39.36 -25.54 37.82
CA THR D 213 37.99 -25.30 37.35
C THR D 213 37.97 -24.11 36.40
N TYR D 214 37.21 -24.23 35.31
CA TYR D 214 37.05 -23.15 34.35
C TYR D 214 35.58 -22.77 34.24
N ILE D 215 35.25 -21.52 34.54
CA ILE D 215 33.89 -21.03 34.47
C ILE D 215 33.86 -19.78 33.59
N CYS D 216 32.97 -19.77 32.60
CA CYS D 216 32.77 -18.60 31.76
C CYS D 216 31.58 -17.81 32.28
N ASN D 217 31.76 -16.50 32.34
CA ASN D 217 30.76 -15.56 32.85
C ASN D 217 30.27 -14.71 31.69
N VAL D 218 29.04 -14.99 31.25
CA VAL D 218 28.45 -14.31 30.10
C VAL D 218 27.49 -13.27 30.64
N ASN D 219 27.63 -12.04 30.14
CA ASN D 219 26.79 -10.91 30.51
C ASN D 219 26.16 -10.34 29.25
N HIS D 220 24.84 -10.28 29.23
CA HIS D 220 24.05 -9.66 28.17
C HIS D 220 23.22 -8.53 28.79
N LYS D 221 23.82 -7.34 28.85
CA LYS D 221 23.18 -6.18 29.47
C LYS D 221 21.83 -5.84 28.85
N PRO D 222 21.62 -5.87 27.53
CA PRO D 222 20.31 -5.47 26.99
C PRO D 222 19.16 -6.28 27.58
N SER D 223 19.38 -7.55 27.90
CA SER D 223 18.33 -8.33 28.52
C SER D 223 18.55 -8.46 30.01
N ASN D 224 19.60 -7.82 30.53
CA ASN D 224 19.95 -7.89 31.94
C ASN D 224 20.08 -9.34 32.40
N THR D 225 20.77 -10.15 31.60
CA THR D 225 20.95 -11.56 31.89
C THR D 225 22.43 -11.88 32.11
N LYS D 226 22.72 -12.66 33.14
CA LYS D 226 24.05 -13.20 33.37
C LYS D 226 23.95 -14.70 33.59
N VAL D 227 24.88 -15.45 32.97
CA VAL D 227 24.97 -16.89 33.09
C VAL D 227 26.42 -17.27 33.39
N ASP D 228 26.62 -18.13 34.39
CA ASP D 228 27.94 -18.69 34.70
C ASP D 228 28.03 -20.19 34.43
N LYS D 229 28.68 -20.57 33.33
CA LYS D 229 28.75 -21.96 32.88
C LYS D 229 30.13 -22.54 33.17
N ARG D 230 30.15 -23.66 33.89
CA ARG D 230 31.37 -24.40 34.16
C ARG D 230 31.68 -25.35 33.02
N VAL D 231 32.93 -25.34 32.56
CA VAL D 231 33.37 -26.16 31.44
C VAL D 231 34.37 -27.17 31.95
N GLU D 232 34.01 -28.44 31.86
CA GLU D 232 34.83 -29.57 32.29
C GLU D 232 34.99 -30.55 31.14
N PRO D 233 36.06 -31.37 31.17
CA PRO D 233 36.28 -32.35 30.09
C PRO D 233 35.16 -33.38 29.97
N GLN E 3 -26.52 10.31 18.42
CA GLN E 3 -25.75 9.57 19.40
C GLN E 3 -26.67 8.87 20.39
N SER E 4 -26.12 7.86 21.09
CA SER E 4 -26.80 7.08 22.13
C SER E 4 -25.84 6.00 22.62
N VAL E 5 -25.76 5.83 23.94
CA VAL E 5 -24.86 4.84 24.54
C VAL E 5 -25.67 3.91 25.45
N LEU E 6 -25.53 2.60 25.22
CA LEU E 6 -26.28 1.62 26.02
C LEU E 6 -25.36 0.99 27.06
N THR E 7 -25.84 1.01 28.30
CA THR E 7 -25.19 0.49 29.49
C THR E 7 -26.00 -0.64 30.11
N GLN E 8 -25.32 -1.68 30.55
CA GLN E 8 -25.91 -2.82 31.22
C GLN E 8 -25.19 -3.09 32.53
N PRO E 9 -25.84 -3.80 33.46
CA PRO E 9 -25.13 -4.23 34.67
C PRO E 9 -23.97 -5.14 34.33
N VAL E 10 -22.91 -5.05 35.13
CA VAL E 10 -21.73 -5.86 34.84
C VAL E 10 -22.02 -7.33 35.06
N SER E 11 -22.82 -7.65 36.08
CA SER E 11 -23.07 -9.05 36.42
C SER E 11 -24.41 -9.17 37.13
N VAL E 12 -25.02 -10.35 36.99
CA VAL E 12 -26.28 -10.67 37.65
C VAL E 12 -26.21 -12.14 38.06
N SER E 13 -26.53 -12.41 39.32
CA SER E 13 -26.42 -13.76 39.88
C SER E 13 -27.79 -14.26 40.30
N GLY E 14 -28.12 -15.47 39.87
CA GLY E 14 -29.43 -16.04 40.11
C GLY E 14 -29.32 -17.47 40.55
N SER E 15 -30.40 -17.99 41.12
CA SER E 15 -30.44 -19.36 41.57
C SER E 15 -31.33 -20.17 40.64
N PRO E 16 -31.13 -21.49 40.56
CA PRO E 16 -31.96 -22.31 39.67
C PRO E 16 -33.42 -22.18 40.03
N GLY E 17 -34.27 -22.10 39.00
CA GLY E 17 -35.69 -21.97 39.20
C GLY E 17 -36.17 -20.54 39.35
N GLN E 18 -35.26 -19.61 39.64
CA GLN E 18 -35.58 -18.22 39.87
C GLN E 18 -35.73 -17.45 38.56
N SER E 19 -36.29 -16.25 38.66
CA SER E 19 -36.50 -15.36 37.53
C SER E 19 -35.65 -14.11 37.73
N ILE E 20 -34.75 -13.87 36.79
CA ILE E 20 -33.79 -12.76 36.85
C ILE E 20 -34.10 -11.81 35.70
N THR E 21 -33.84 -10.52 35.93
CA THR E 21 -34.05 -9.49 34.93
C THR E 21 -32.80 -8.64 34.72
N ILE E 22 -32.38 -8.54 33.46
CA ILE E 22 -31.21 -7.77 33.06
C ILE E 22 -31.71 -6.51 32.36
N SER E 23 -31.25 -5.36 32.82
CA SER E 23 -31.63 -4.06 32.29
C SER E 23 -30.63 -3.55 31.26
N CYS E 24 -31.15 -2.73 30.34
CA CYS E 24 -30.39 -2.08 29.30
C CYS E 24 -30.88 -0.64 29.31
N THR E 25 -30.04 0.29 29.77
CA THR E 25 -30.43 1.69 29.83
C THR E 25 -29.54 2.50 28.89
N GLY E 26 -30.08 3.61 28.42
CA GLY E 26 -29.43 4.38 27.37
C GLY E 26 -29.22 5.82 27.76
N THR E 27 -28.18 6.43 27.19
CA THR E 27 -27.99 7.86 27.29
C THR E 27 -28.23 8.45 25.91
N SER E 28 -28.78 9.67 25.91
CA SER E 28 -29.20 10.35 24.68
C SER E 28 -30.14 9.47 23.86
N SER E 29 -30.99 8.70 24.55
CA SER E 29 -31.89 7.75 23.94
C SER E 29 -33.35 8.17 24.17
N ASN E 30 -34.26 7.51 23.47
CA ASN E 30 -35.68 7.79 23.56
C ASN E 30 -36.47 6.50 23.40
N ALA E 31 -37.80 6.62 23.35
CA ALA E 31 -38.68 5.46 23.24
C ALA E 31 -38.37 4.59 22.03
N ASP E 32 -37.98 5.21 20.91
CA ASP E 32 -37.64 4.42 19.73
C ASP E 32 -36.39 3.56 19.92
N THR E 33 -35.42 4.05 20.71
CA THR E 33 -34.24 3.23 21.00
C THR E 33 -34.65 1.89 21.60
N TYR E 34 -35.51 1.93 22.62
CA TYR E 34 -35.94 0.73 23.34
C TYR E 34 -36.95 -0.07 22.53
N ASN E 35 -37.75 0.57 21.68
CA ASN E 35 -38.67 -0.17 20.81
C ASN E 35 -37.90 -1.09 19.88
N LEU E 36 -36.65 -0.75 19.56
CA LEU E 36 -35.82 -1.48 18.61
C LEU E 36 -34.74 -2.30 19.30
N VAL E 37 -34.79 -2.42 20.64
CA VAL E 37 -33.77 -3.15 21.36
C VAL E 37 -33.84 -4.63 20.99
N SER E 38 -32.68 -5.23 20.77
CA SER E 38 -32.56 -6.67 20.59
C SER E 38 -31.62 -7.25 21.64
N TRP E 39 -31.84 -8.51 22.01
CA TRP E 39 -31.02 -9.18 23.01
C TRP E 39 -30.32 -10.37 22.39
N TYR E 40 -29.05 -10.56 22.79
CA TYR E 40 -28.22 -11.64 22.29
C TYR E 40 -27.58 -12.41 23.43
N GLN E 41 -27.58 -13.74 23.33
CA GLN E 41 -26.93 -14.61 24.31
C GLN E 41 -25.63 -15.15 23.72
N GLN E 42 -24.54 -15.04 24.49
CA GLN E 42 -23.23 -15.57 24.12
C GLN E 42 -22.64 -16.47 25.20
N ARG E 43 -22.73 -17.78 25.00
CA ARG E 43 -22.14 -18.72 25.94
C ARG E 43 -20.62 -18.70 25.76
N PRO E 44 -19.86 -19.06 26.81
CA PRO E 44 -18.38 -19.02 26.70
C PRO E 44 -17.81 -19.80 25.52
N GLY E 45 -17.07 -19.09 24.68
CA GLY E 45 -16.44 -19.68 23.50
C GLY E 45 -17.37 -19.96 22.35
N LYS E 46 -18.62 -19.50 22.42
CA LYS E 46 -19.60 -19.72 21.37
C LYS E 46 -19.96 -18.41 20.69
N ALA E 47 -20.55 -18.52 19.50
CA ALA E 47 -21.02 -17.35 18.80
C ALA E 47 -22.30 -16.81 19.42
N PRO E 48 -22.55 -15.51 19.28
CA PRO E 48 -23.80 -14.94 19.79
C PRO E 48 -25.02 -15.56 19.12
N LYS E 49 -26.13 -15.51 19.83
CA LYS E 49 -27.41 -16.05 19.37
C LYS E 49 -28.47 -15.00 19.61
N LEU E 50 -29.33 -14.79 18.62
CA LEU E 50 -30.38 -13.80 18.76
C LEU E 50 -31.45 -14.32 19.72
N MET E 51 -31.72 -13.54 20.76
CA MET E 51 -32.69 -13.93 21.78
C MET E 51 -33.96 -13.12 21.70
N ILE E 52 -33.86 -11.82 21.40
CA ILE E 52 -35.02 -10.94 21.35
C ILE E 52 -34.80 -9.90 20.27
N TYR E 53 -35.88 -9.51 19.60
CA TYR E 53 -35.83 -8.43 18.63
C TYR E 53 -37.07 -7.57 18.79
N GLU E 54 -37.00 -6.35 18.26
CA GLU E 54 -38.11 -5.39 18.33
C GLU E 54 -38.57 -5.18 19.77
N GLY E 55 -37.60 -5.11 20.67
CA GLY E 55 -37.88 -4.87 22.06
C GLY E 55 -38.48 -6.04 22.82
N THR E 56 -39.46 -6.74 22.25
CA THR E 56 -40.14 -7.81 22.99
C THR E 56 -40.43 -9.09 22.21
N LYS E 57 -40.15 -9.17 20.91
CA LYS E 57 -40.50 -10.35 20.14
C LYS E 57 -39.44 -11.44 20.25
N ARG E 58 -39.89 -12.68 20.50
CA ARG E 58 -38.98 -13.81 20.63
C ARG E 58 -39.01 -14.65 19.36
N PRO E 59 -37.88 -14.86 18.70
CA PRO E 59 -37.86 -15.72 17.51
C PRO E 59 -38.18 -17.18 17.86
N SER E 60 -38.68 -17.90 16.87
CA SER E 60 -38.97 -19.31 17.07
C SER E 60 -37.68 -20.07 17.35
N GLY E 61 -37.78 -21.09 18.20
CA GLY E 61 -36.66 -21.87 18.64
C GLY E 61 -36.11 -21.43 19.98
N VAL E 62 -36.23 -20.14 20.29
CA VAL E 62 -35.78 -19.61 21.57
C VAL E 62 -36.78 -20.04 22.64
N SER E 63 -36.26 -20.61 23.73
CA SER E 63 -37.09 -21.11 24.81
C SER E 63 -38.11 -20.07 25.29
N ASN E 64 -39.34 -20.54 25.55
CA ASN E 64 -40.44 -19.70 26.05
C ASN E 64 -40.22 -19.19 27.48
N ARG E 65 -39.15 -19.61 28.13
CA ARG E 65 -38.76 -19.12 29.44
C ARG E 65 -38.15 -17.73 29.38
N PHE E 66 -37.81 -17.28 28.19
CA PHE E 66 -37.24 -15.97 27.94
C PHE E 66 -38.34 -15.04 27.43
N SER E 67 -38.49 -13.92 28.11
CA SER E 67 -39.45 -12.89 27.70
C SER E 67 -38.77 -11.54 27.89
N ALA E 68 -39.37 -10.50 27.33
CA ALA E 68 -38.77 -9.19 27.40
C ALA E 68 -39.85 -8.13 27.52
N SER E 69 -39.43 -7.01 28.10
CA SER E 69 -40.25 -5.83 28.32
C SER E 69 -39.43 -4.61 27.96
N LYS E 70 -40.13 -3.50 27.79
CA LYS E 70 -39.46 -2.25 27.45
C LYS E 70 -40.24 -1.10 28.03
N SER E 71 -39.53 -0.04 28.38
CA SER E 71 -40.17 1.16 28.88
C SER E 71 -39.68 2.37 28.10
N ALA E 72 -40.02 3.58 28.54
CA ALA E 72 -39.52 4.74 27.84
C ALA E 72 -38.10 5.12 28.26
N THR E 73 -37.56 4.46 29.28
CA THR E 73 -36.25 4.79 29.82
C THR E 73 -35.29 3.61 29.82
N ALA E 74 -35.78 2.39 29.62
CA ALA E 74 -34.93 1.22 29.66
C ALA E 74 -35.66 0.06 28.97
N ALA E 75 -34.90 -0.99 28.70
CA ALA E 75 -35.41 -2.22 28.15
C ALA E 75 -34.91 -3.33 29.06
N SER E 76 -35.71 -4.38 29.23
CA SER E 76 -35.29 -5.45 30.11
C SER E 76 -35.59 -6.82 29.53
N LEU E 77 -34.70 -7.74 29.84
CA LEU E 77 -34.87 -9.15 29.49
C LEU E 77 -35.11 -9.88 30.80
N THR E 78 -36.12 -10.74 30.80
CA THR E 78 -36.48 -11.53 31.97
C THR E 78 -36.40 -13.02 31.65
N ILE E 79 -35.72 -13.75 32.52
CA ILE E 79 -35.55 -15.19 32.44
C ILE E 79 -36.27 -15.83 33.61
N SER E 80 -37.28 -16.62 33.31
CA SER E 80 -38.06 -17.32 34.31
C SER E 80 -37.61 -18.76 34.39
N GLY E 81 -37.37 -19.23 35.62
CA GLY E 81 -36.94 -20.59 35.88
C GLY E 81 -35.51 -20.93 35.50
N LEU E 82 -34.56 -20.13 36.00
CA LEU E 82 -33.14 -20.26 35.68
C LEU E 82 -32.63 -21.71 35.74
N GLN E 83 -31.92 -22.13 34.68
CA GLN E 83 -31.30 -23.45 34.59
C GLN E 83 -29.79 -23.31 34.40
N PRO E 84 -29.02 -24.30 34.86
CA PRO E 84 -27.56 -24.28 34.65
C PRO E 84 -27.14 -24.03 33.21
N GLU E 85 -27.94 -24.46 32.23
CA GLU E 85 -27.60 -24.28 30.83
C GLU E 85 -27.59 -22.82 30.35
N ASP E 86 -28.12 -21.86 31.10
CA ASP E 86 -28.09 -20.45 30.67
C ASP E 86 -27.13 -19.66 31.57
N GLU E 87 -25.82 -19.86 31.36
CA GLU E 87 -24.81 -19.14 32.13
C GLU E 87 -23.91 -18.38 31.15
N ALA E 88 -24.52 -17.52 30.34
CA ALA E 88 -23.90 -16.80 29.25
C ALA E 88 -23.72 -15.31 29.56
N ASP E 89 -23.06 -14.62 28.64
CA ASP E 89 -23.01 -13.17 28.64
C ASP E 89 -24.16 -12.71 27.75
N TYR E 90 -24.89 -11.70 28.22
CA TYR E 90 -26.01 -11.16 27.47
C TYR E 90 -25.74 -9.73 27.05
N TYR E 91 -26.03 -9.42 25.79
CA TYR E 91 -25.81 -8.09 25.23
C TYR E 91 -27.11 -7.51 24.68
N CYS E 92 -27.36 -6.24 24.95
CA CYS E 92 -28.45 -5.53 24.28
C CYS E 92 -27.89 -4.74 23.11
N CYS E 93 -28.75 -4.45 22.14
CA CYS E 93 -28.33 -3.72 20.96
C CYS E 93 -29.45 -2.82 20.46
N SER E 94 -29.10 -1.63 19.99
CA SER E 94 -30.10 -0.77 19.34
C SER E 94 -29.38 0.19 18.40
N TYR E 95 -30.11 1.17 17.88
CA TYR E 95 -29.52 2.19 17.01
C TYR E 95 -28.82 3.29 17.79
N ALA E 96 -27.61 3.63 17.35
CA ALA E 96 -26.90 4.78 17.91
C ALA E 96 -27.34 6.06 17.20
N THR E 97 -27.58 5.96 15.90
CA THR E 97 -28.08 7.03 15.06
C THR E 97 -29.07 6.40 14.09
N SER E 98 -29.62 7.21 13.20
CA SER E 98 -30.58 6.69 12.23
C SER E 98 -29.97 5.61 11.35
N ARG E 99 -28.65 5.61 11.20
CA ARG E 99 -27.96 4.70 10.30
C ARG E 99 -27.07 3.67 10.98
N THR E 100 -26.75 3.83 12.26
CA THR E 100 -25.72 3.03 12.91
C THR E 100 -26.24 2.37 14.19
N LEU E 101 -25.75 1.17 14.45
CA LEU E 101 -26.11 0.38 15.63
C LEU E 101 -25.00 0.43 16.68
N VAL E 102 -25.38 0.09 17.92
CA VAL E 102 -24.45 0.00 19.05
C VAL E 102 -24.92 -1.13 19.97
N PHE E 103 -23.95 -1.84 20.57
CA PHE E 103 -24.19 -2.85 21.59
C PHE E 103 -23.96 -2.29 22.99
N GLY E 104 -24.61 -2.90 23.97
CA GLY E 104 -24.30 -2.65 25.36
C GLY E 104 -22.97 -3.27 25.78
N GLY E 105 -22.52 -2.91 26.99
CA GLY E 105 -21.26 -3.45 27.47
C GLY E 105 -21.29 -4.91 27.85
N GLY E 106 -22.47 -5.51 27.95
CA GLY E 106 -22.68 -6.90 28.30
C GLY E 106 -22.89 -7.14 29.77
N THR E 107 -23.68 -8.16 30.08
CA THR E 107 -23.96 -8.59 31.45
C THR E 107 -23.63 -10.07 31.59
N LYS E 108 -22.78 -10.41 32.55
CA LYS E 108 -22.48 -11.82 32.79
C LYS E 108 -23.48 -12.33 33.82
N LEU E 109 -24.30 -13.28 33.39
CA LEU E 109 -25.29 -13.90 34.26
C LEU E 109 -24.76 -15.22 34.80
N THR E 110 -24.69 -15.30 36.12
CA THR E 110 -24.27 -16.53 36.78
C THR E 110 -25.48 -17.25 37.37
N VAL E 111 -25.53 -18.55 37.11
CA VAL E 111 -26.52 -19.48 37.62
C VAL E 111 -25.85 -20.21 38.77
N VAL E 112 -26.38 -20.03 39.98
CA VAL E 112 -25.71 -20.57 41.16
C VAL E 112 -26.00 -22.06 41.19
N GLY E 113 -24.96 -22.85 40.96
CA GLY E 113 -25.07 -24.28 40.99
C GLY E 113 -24.50 -24.85 42.26
N GLN E 114 -23.42 -24.26 42.78
CA GLN E 114 -22.74 -24.72 43.98
C GLN E 114 -22.75 -23.54 44.95
N PRO E 115 -22.35 -23.68 46.22
CA PRO E 115 -22.45 -22.55 47.13
C PRO E 115 -21.55 -21.40 46.73
N LYS E 116 -22.01 -20.18 47.02
CA LYS E 116 -21.17 -19.01 46.80
C LYS E 116 -19.89 -19.15 47.59
N ALA E 117 -18.78 -18.81 46.94
CA ALA E 117 -17.47 -18.81 47.56
C ALA E 117 -16.76 -17.49 47.31
N ALA E 118 -16.28 -16.87 48.37
CA ALA E 118 -15.65 -15.59 48.20
C ALA E 118 -14.23 -15.86 47.67
N PRO E 119 -13.68 -14.97 46.86
CA PRO E 119 -12.36 -15.23 46.31
C PRO E 119 -11.26 -15.10 47.35
N SER E 120 -10.25 -15.94 47.18
CA SER E 120 -8.98 -15.76 47.85
C SER E 120 -8.08 -14.99 46.93
N VAL E 121 -7.39 -14.00 47.49
CA VAL E 121 -6.55 -13.08 46.72
C VAL E 121 -5.15 -13.12 47.28
N THR E 122 -4.20 -13.35 46.38
CA THR E 122 -2.77 -13.33 46.67
C THR E 122 -2.16 -12.29 45.75
N LEU E 123 -1.38 -11.37 46.30
CA LEU E 123 -0.75 -10.34 45.50
C LEU E 123 0.75 -10.60 45.61
N PHE E 124 1.38 -10.76 44.46
CA PHE E 124 2.80 -10.92 44.41
C PHE E 124 3.45 -9.66 43.88
N PRO E 125 4.54 -9.24 44.51
CA PRO E 125 5.34 -8.14 44.01
C PRO E 125 6.22 -8.59 42.86
N PRO E 126 6.86 -7.65 42.16
CA PRO E 126 7.85 -8.03 41.16
C PRO E 126 8.95 -8.87 41.79
N SER E 127 9.40 -9.89 41.07
CA SER E 127 10.53 -10.69 41.50
C SER E 127 11.83 -9.91 41.33
N SER E 128 12.79 -10.21 42.20
CA SER E 128 14.12 -9.59 42.09
C SER E 128 14.70 -9.81 40.70
N GLU E 129 14.45 -10.99 40.12
CA GLU E 129 14.95 -11.29 38.79
C GLU E 129 14.38 -10.31 37.77
N GLU E 130 13.07 -10.09 37.82
CA GLU E 130 12.44 -9.17 36.87
C GLU E 130 12.94 -7.75 37.07
N LEU E 131 13.09 -7.32 38.34
CA LEU E 131 13.63 -5.99 38.61
C LEU E 131 15.02 -5.85 38.03
N GLN E 132 15.81 -6.92 38.07
CA GLN E 132 17.13 -6.88 37.46
C GLN E 132 17.03 -6.72 35.95
N ALA E 133 15.91 -7.13 35.35
CA ALA E 133 15.66 -6.96 33.93
C ALA E 133 15.03 -5.60 33.61
N ASN E 134 15.02 -4.67 34.58
CA ASN E 134 14.52 -3.30 34.40
C ASN E 134 13.04 -3.30 34.08
N LYS E 135 12.35 -4.23 34.71
CA LYS E 135 10.92 -4.37 34.52
C LYS E 135 10.27 -4.62 35.87
N ALA E 136 8.94 -4.50 35.94
CA ALA E 136 8.25 -4.80 37.20
C ALA E 136 6.82 -5.18 36.86
N THR E 137 6.32 -6.26 37.44
CA THR E 137 4.95 -6.69 37.21
C THR E 137 4.36 -7.14 38.53
N LEU E 138 3.24 -6.53 38.91
CA LEU E 138 2.48 -6.96 40.06
C LEU E 138 1.45 -7.97 39.60
N VAL E 139 1.40 -9.10 40.30
CA VAL E 139 0.60 -10.25 39.90
C VAL E 139 -0.48 -10.49 40.95
N CYS E 140 -1.73 -10.37 40.56
CA CYS E 140 -2.84 -10.49 41.51
C CYS E 140 -3.64 -11.73 41.14
N LEU E 141 -3.53 -12.72 42.01
CA LEU E 141 -4.06 -14.06 41.85
C LEU E 141 -5.40 -14.14 42.58
N ILE E 142 -6.44 -14.54 41.86
CA ILE E 142 -7.79 -14.63 42.38
C ILE E 142 -8.25 -16.06 42.17
N SER E 143 -8.64 -16.72 43.27
CA SER E 143 -8.97 -18.14 43.14
C SER E 143 -10.14 -18.52 44.02
N ASP E 144 -10.72 -19.69 43.69
CA ASP E 144 -11.70 -20.39 44.50
C ASP E 144 -12.96 -19.56 44.76
N PHE E 145 -13.41 -18.82 43.77
CA PHE E 145 -14.63 -18.04 43.95
C PHE E 145 -15.75 -18.60 43.08
N TYR E 146 -16.98 -18.37 43.53
CA TYR E 146 -18.15 -18.75 42.78
C TYR E 146 -19.16 -17.78 43.39
N PRO E 147 -19.97 -17.13 42.55
CA PRO E 147 -19.94 -17.24 41.09
C PRO E 147 -18.70 -16.70 40.39
N GLY E 148 -18.61 -16.93 39.08
CA GLY E 148 -17.38 -16.67 38.36
C GLY E 148 -17.36 -15.27 37.78
N ALA E 149 -17.80 -14.29 38.56
CA ALA E 149 -17.75 -12.88 38.18
C ALA E 149 -17.05 -12.11 39.29
N VAL E 150 -15.98 -11.40 38.93
CA VAL E 150 -15.25 -10.53 39.83
C VAL E 150 -14.94 -9.24 39.07
N THR E 151 -14.73 -8.17 39.83
CA THR E 151 -14.18 -6.97 39.22
C THR E 151 -12.86 -6.67 39.92
N VAL E 152 -11.92 -6.07 39.18
CA VAL E 152 -10.60 -5.80 39.72
C VAL E 152 -10.27 -4.33 39.56
N ALA E 153 -9.78 -3.72 40.63
CA ALA E 153 -9.28 -2.36 40.68
C ALA E 153 -7.86 -2.35 41.22
N TRP E 154 -6.96 -1.59 40.60
CA TRP E 154 -5.61 -1.42 41.14
C TRP E 154 -5.45 -0.02 41.70
N LYS E 155 -4.60 0.11 42.73
CA LYS E 155 -4.30 1.42 43.29
C LYS E 155 -2.81 1.59 43.55
N ALA E 156 -2.29 2.78 43.24
CA ALA E 156 -0.96 3.21 43.63
C ALA E 156 -1.11 4.13 44.84
N ASP E 157 -0.64 3.69 46.01
CA ASP E 157 -1.03 4.35 47.25
C ASP E 157 -2.55 4.34 47.37
N SER E 158 -3.17 5.52 47.33
CA SER E 158 -4.62 5.65 47.37
C SER E 158 -5.21 6.02 46.01
N SER E 159 -4.38 6.17 44.98
CA SER E 159 -4.83 6.66 43.68
C SER E 159 -5.20 5.50 42.76
N PRO E 160 -6.45 5.39 42.32
CA PRO E 160 -6.80 4.32 41.37
C PRO E 160 -5.93 4.38 40.11
N VAL E 161 -5.51 3.22 39.65
CA VAL E 161 -4.62 3.08 38.50
C VAL E 161 -5.32 2.22 37.46
N LYS E 162 -5.32 2.69 36.20
CA LYS E 162 -5.83 1.86 35.12
C LYS E 162 -4.81 1.62 34.01
N ALA E 163 -3.83 2.49 33.85
CA ALA E 163 -2.76 2.29 32.86
C ALA E 163 -1.96 1.04 33.15
N GLY E 164 -1.73 0.21 32.13
CA GLY E 164 -0.93 -0.98 32.31
C GLY E 164 -1.60 -2.19 32.94
N VAL E 165 -2.89 -2.11 33.25
CA VAL E 165 -3.60 -3.20 33.90
C VAL E 165 -4.20 -4.12 32.84
N GLU E 166 -3.94 -5.43 32.97
CA GLU E 166 -4.51 -6.44 32.08
C GLU E 166 -5.03 -7.60 32.91
N THR E 167 -6.32 -7.93 32.76
CA THR E 167 -6.98 -8.94 33.56
C THR E 167 -7.62 -10.01 32.68
N THR E 168 -7.41 -11.27 33.06
CA THR E 168 -8.00 -12.41 32.37
C THR E 168 -9.48 -12.56 32.70
N THR E 169 -10.20 -13.20 31.80
CA THR E 169 -11.56 -13.66 32.06
C THR E 169 -11.54 -14.88 32.98
N PRO E 170 -12.37 -14.92 34.03
CA PRO E 170 -12.32 -16.05 34.96
C PRO E 170 -12.51 -17.37 34.24
N SER E 171 -11.77 -18.37 34.68
CA SER E 171 -11.83 -19.72 34.11
C SER E 171 -12.05 -20.76 35.20
N LYS E 172 -12.74 -21.83 34.82
CA LYS E 172 -13.06 -22.91 35.74
C LYS E 172 -11.77 -23.61 36.21
N GLN E 173 -11.66 -23.81 37.51
CA GLN E 173 -10.63 -24.61 38.13
C GLN E 173 -11.00 -26.09 38.08
N SER E 174 -10.04 -26.94 38.49
CA SER E 174 -10.30 -28.38 38.53
C SER E 174 -11.44 -28.74 39.48
N ASN E 175 -11.79 -27.85 40.41
CA ASN E 175 -12.87 -28.11 41.35
C ASN E 175 -14.18 -27.43 40.98
N ASN E 176 -14.32 -26.93 39.75
CA ASN E 176 -15.53 -26.28 39.23
C ASN E 176 -15.75 -24.87 39.77
N LYS E 177 -14.88 -24.35 40.64
CA LYS E 177 -14.97 -22.94 40.99
C LYS E 177 -14.08 -22.18 40.02
N TYR E 178 -14.05 -20.85 40.14
CA TYR E 178 -13.37 -20.08 39.13
C TYR E 178 -12.11 -19.41 39.69
N ALA E 179 -11.18 -19.14 38.77
CA ALA E 179 -9.96 -18.39 39.02
C ALA E 179 -9.76 -17.32 37.96
N ALA E 180 -9.09 -16.23 38.34
CA ALA E 180 -8.73 -15.19 37.40
C ALA E 180 -7.44 -14.54 37.86
N SER E 181 -6.78 -13.84 36.93
CA SER E 181 -5.50 -13.22 37.18
C SER E 181 -5.51 -11.78 36.66
N SER E 182 -4.75 -10.91 37.33
CA SER E 182 -4.67 -9.51 36.99
C SER E 182 -3.21 -9.06 37.05
N TYR E 183 -2.80 -8.24 36.09
CA TYR E 183 -1.42 -7.80 35.97
C TYR E 183 -1.35 -6.28 36.01
N LEU E 184 -0.39 -5.74 36.75
CA LEU E 184 -0.09 -4.32 36.72
C LEU E 184 1.37 -4.21 36.26
N SER E 185 1.58 -3.65 35.07
CA SER E 185 2.92 -3.51 34.54
C SER E 185 3.53 -2.14 34.82
N LEU E 186 4.71 -2.13 35.43
CA LEU E 186 5.37 -0.92 35.88
C LEU E 186 6.84 -0.98 35.48
N THR E 187 7.47 0.18 35.47
CA THR E 187 8.92 0.29 35.48
C THR E 187 9.42 0.13 36.91
N PRO E 188 10.67 -0.29 37.10
CA PRO E 188 11.19 -0.33 38.48
C PRO E 188 11.10 1.02 39.18
N GLU E 189 11.32 2.11 38.45
CA GLU E 189 11.22 3.44 39.04
C GLU E 189 9.80 3.75 39.49
N GLN E 190 8.81 3.39 38.67
CA GLN E 190 7.41 3.54 39.08
C GLN E 190 7.09 2.75 40.34
N TRP E 191 7.41 1.46 40.35
CA TRP E 191 7.16 0.65 41.53
C TRP E 191 7.76 1.30 42.76
N LYS E 192 9.02 1.71 42.66
CA LYS E 192 9.76 2.26 43.78
C LYS E 192 9.32 3.67 44.14
N SER E 193 8.55 4.35 43.27
CA SER E 193 8.22 5.74 43.57
C SER E 193 7.07 5.88 44.56
N HIS E 194 6.29 4.81 44.79
CA HIS E 194 5.14 4.87 45.69
C HIS E 194 5.41 4.08 46.97
N ARG E 195 4.66 4.41 48.02
CA ARG E 195 4.72 3.67 49.27
C ARG E 195 4.12 2.28 49.18
N SER E 196 3.07 2.07 48.39
CA SER E 196 2.46 0.75 48.32
C SER E 196 1.63 0.65 47.05
N TYR E 197 1.26 -0.59 46.71
CA TYR E 197 0.27 -0.86 45.69
C TYR E 197 -0.82 -1.78 46.24
N SER E 198 -2.05 -1.66 45.71
CA SER E 198 -3.15 -2.51 46.15
C SER E 198 -3.88 -3.14 44.97
N CYS E 199 -4.35 -4.37 45.18
CA CYS E 199 -5.25 -5.12 44.30
C CYS E 199 -6.59 -5.31 44.99
N GLN E 200 -7.66 -4.79 44.37
CA GLN E 200 -9.02 -4.84 44.92
C GLN E 200 -9.92 -5.73 44.09
N VAL E 201 -10.44 -6.81 44.69
CA VAL E 201 -11.31 -7.78 44.03
C VAL E 201 -12.72 -7.62 44.59
N THR E 202 -13.70 -7.35 43.74
CA THR E 202 -15.08 -7.24 44.18
C THR E 202 -15.84 -8.46 43.68
N HIS E 203 -16.55 -9.12 44.59
CA HIS E 203 -17.31 -10.33 44.31
C HIS E 203 -18.59 -10.26 45.11
N GLU E 204 -19.74 -10.31 44.42
CA GLU E 204 -21.08 -10.32 45.03
C GLU E 204 -21.27 -9.17 46.01
N GLY E 205 -20.78 -7.99 45.61
CA GLY E 205 -20.96 -6.78 46.37
C GLY E 205 -20.01 -6.57 47.53
N SER E 206 -19.07 -7.48 47.77
CA SER E 206 -18.07 -7.28 48.80
C SER E 206 -16.69 -7.16 48.17
N THR E 207 -15.79 -6.44 48.84
CA THR E 207 -14.49 -6.12 48.29
C THR E 207 -13.39 -6.63 49.20
N VAL E 208 -12.38 -7.26 48.61
CA VAL E 208 -11.19 -7.73 49.30
C VAL E 208 -10.01 -7.01 48.66
N GLU E 209 -9.21 -6.33 49.47
CA GLU E 209 -8.07 -5.57 48.97
C GLU E 209 -6.80 -6.04 49.66
N LYS E 210 -5.80 -6.42 48.86
CA LYS E 210 -4.48 -6.77 49.36
C LYS E 210 -3.49 -5.70 48.95
N THR E 211 -2.53 -5.42 49.82
CA THR E 211 -1.57 -4.35 49.62
C THR E 211 -0.16 -4.88 49.85
N VAL E 212 0.77 -4.45 49.01
CA VAL E 212 2.19 -4.77 49.14
C VAL E 212 2.99 -3.49 48.97
N ALA E 213 4.20 -3.48 49.52
CA ALA E 213 4.95 -2.25 49.47
C ALA E 213 6.34 -2.53 48.94
N PRO E 214 6.95 -1.56 48.24
CA PRO E 214 8.34 -1.74 47.79
C PRO E 214 9.34 -2.00 48.91
N THR E 215 9.11 -1.42 50.08
CA THR E 215 10.07 -1.52 51.18
C THR E 215 9.84 -2.76 52.01
N GLN F 3 25.60 -9.11 -19.37
CA GLN F 3 26.03 -9.71 -18.12
C GLN F 3 27.54 -9.63 -17.99
N SER F 4 28.04 -9.77 -16.75
CA SER F 4 29.47 -9.78 -16.42
C SER F 4 29.69 -9.89 -14.92
N VAL F 5 30.61 -10.77 -14.53
CA VAL F 5 30.96 -11.02 -13.13
C VAL F 5 32.46 -10.82 -12.96
N LEU F 6 32.86 -9.98 -12.00
CA LEU F 6 34.27 -9.68 -11.75
C LEU F 6 34.72 -10.45 -10.51
N THR F 7 35.83 -11.16 -10.67
CA THR F 7 36.48 -12.00 -9.67
C THR F 7 37.87 -11.45 -9.35
N GLN F 8 38.21 -11.46 -8.06
CA GLN F 8 39.51 -11.03 -7.57
C GLN F 8 40.10 -12.13 -6.68
N PRO F 9 41.42 -12.12 -6.47
CA PRO F 9 42.01 -13.05 -5.51
C PRO F 9 41.48 -12.79 -4.10
N VAL F 10 41.36 -13.87 -3.33
CA VAL F 10 40.82 -13.72 -1.99
C VAL F 10 41.78 -12.93 -1.10
N SER F 11 43.08 -13.13 -1.29
CA SER F 11 44.06 -12.49 -0.43
C SER F 11 45.38 -12.34 -1.17
N VAL F 12 46.16 -11.34 -0.77
CA VAL F 12 47.48 -11.08 -1.32
C VAL F 12 48.35 -10.60 -0.16
N SER F 13 49.52 -11.21 -0.01
CA SER F 13 50.41 -10.90 1.10
C SER F 13 51.71 -10.36 0.55
N GLY F 14 52.14 -9.22 1.10
CA GLY F 14 53.31 -8.53 0.60
C GLY F 14 54.16 -8.08 1.78
N SER F 15 55.41 -7.76 1.48
CA SER F 15 56.30 -7.28 2.53
C SER F 15 56.52 -5.79 2.35
N PRO F 16 56.87 -5.09 3.43
CA PRO F 16 57.09 -3.65 3.31
C PRO F 16 58.17 -3.36 2.28
N GLY F 17 57.95 -2.33 1.49
CA GLY F 17 58.88 -1.95 0.45
C GLY F 17 58.67 -2.66 -0.87
N GLN F 18 57.93 -3.76 -0.88
CA GLN F 18 57.67 -4.57 -2.05
C GLN F 18 56.55 -3.97 -2.89
N SER F 19 56.42 -4.49 -4.11
CA SER F 19 55.39 -4.06 -5.05
C SER F 19 54.45 -5.22 -5.32
N ILE F 20 53.17 -5.03 -5.03
CA ILE F 20 52.16 -6.08 -5.15
C ILE F 20 51.16 -5.68 -6.23
N THR F 21 50.63 -6.69 -6.92
CA THR F 21 49.63 -6.51 -7.98
C THR F 21 48.40 -7.37 -7.73
N ILE F 22 47.23 -6.72 -7.73
CA ILE F 22 45.94 -7.37 -7.54
C ILE F 22 45.22 -7.38 -8.88
N SER F 23 44.79 -8.56 -9.30
CA SER F 23 44.09 -8.74 -10.57
C SER F 23 42.58 -8.72 -10.39
N CYS F 24 41.90 -8.29 -11.45
CA CYS F 24 40.44 -8.23 -11.52
C CYS F 24 40.10 -8.83 -12.88
N THR F 25 39.49 -10.01 -12.88
CA THR F 25 39.14 -10.69 -14.13
C THR F 25 37.63 -10.82 -14.25
N GLY F 26 37.15 -10.90 -15.48
CA GLY F 26 35.73 -10.87 -15.75
C GLY F 26 35.31 -12.07 -16.55
N THR F 27 34.04 -12.46 -16.40
CA THR F 27 33.47 -13.46 -17.29
C THR F 27 32.45 -12.78 -18.17
N SER F 28 32.33 -13.27 -19.42
CA SER F 28 31.46 -12.62 -20.40
C SER F 28 31.76 -11.13 -20.53
N SER F 29 33.04 -10.79 -20.41
CA SER F 29 33.51 -9.41 -20.42
C SER F 29 34.37 -9.15 -21.65
N ASN F 30 34.68 -7.88 -21.89
CA ASN F 30 35.48 -7.50 -23.05
C ASN F 30 36.37 -6.31 -22.68
N ALA F 31 37.06 -5.79 -23.70
CA ALA F 31 37.99 -4.68 -23.51
C ALA F 31 37.33 -3.46 -22.88
N ASP F 32 36.06 -3.20 -23.22
CA ASP F 32 35.38 -2.06 -22.60
C ASP F 32 35.16 -2.25 -21.10
N THR F 33 34.93 -3.48 -20.65
CA THR F 33 34.80 -3.72 -19.22
C THR F 33 36.02 -3.21 -18.45
N TYR F 34 37.21 -3.60 -18.91
CA TYR F 34 38.47 -3.24 -18.27
C TYR F 34 38.86 -1.79 -18.53
N ASN F 35 38.48 -1.24 -19.68
CA ASN F 35 38.75 0.17 -19.93
C ASN F 35 38.06 1.05 -18.91
N LEU F 36 36.94 0.58 -18.35
CA LEU F 36 36.12 1.35 -17.42
C LEU F 36 36.27 0.88 -15.97
N VAL F 37 37.23 -0.01 -15.70
CA VAL F 37 37.41 -0.53 -14.35
C VAL F 37 37.84 0.58 -13.42
N SER F 38 37.25 0.61 -12.22
CA SER F 38 37.69 1.49 -11.15
C SER F 38 38.09 0.67 -9.94
N TRP F 39 39.02 1.20 -9.14
CA TRP F 39 39.50 0.51 -7.95
C TRP F 39 39.21 1.34 -6.71
N TYR F 40 38.82 0.65 -5.63
CA TYR F 40 38.47 1.26 -4.36
C TYR F 40 39.21 0.62 -3.20
N GLN F 41 39.72 1.44 -2.29
CA GLN F 41 40.39 0.96 -1.08
C GLN F 41 39.45 1.13 0.11
N GLN F 42 39.30 0.08 0.89
CA GLN F 42 38.51 0.09 2.12
C GLN F 42 39.30 -0.42 3.33
N ARG F 43 39.77 0.50 4.16
CA ARG F 43 40.48 0.12 5.36
C ARG F 43 39.46 -0.39 6.38
N PRO F 44 39.88 -1.25 7.32
CA PRO F 44 38.91 -1.80 8.30
C PRO F 44 38.10 -0.76 9.05
N GLY F 45 36.77 -0.86 8.94
CA GLY F 45 35.83 0.02 9.60
C GLY F 45 35.68 1.39 8.97
N LYS F 46 36.26 1.62 7.80
CA LYS F 46 36.17 2.89 7.11
C LYS F 46 35.38 2.77 5.83
N ALA F 47 34.93 3.92 5.32
CA ALA F 47 34.22 3.94 4.07
C ALA F 47 35.19 3.75 2.90
N PRO F 48 34.71 3.22 1.78
CA PRO F 48 35.57 3.06 0.60
C PRO F 48 36.07 4.40 0.08
N LYS F 49 37.21 4.33 -0.61
CA LYS F 49 37.87 5.49 -1.18
C LYS F 49 38.22 5.17 -2.62
N LEU F 50 37.96 6.11 -3.51
CA LEU F 50 38.27 5.90 -4.92
C LEU F 50 39.77 5.94 -5.14
N MET F 51 40.32 4.87 -5.70
CA MET F 51 41.74 4.78 -5.96
C MET F 51 42.09 4.88 -7.43
N ILE F 52 41.26 4.33 -8.32
CA ILE F 52 41.54 4.34 -9.74
C ILE F 52 40.23 4.43 -10.50
N TYR F 53 40.25 5.14 -11.62
CA TYR F 53 39.10 5.20 -12.51
C TYR F 53 39.58 5.12 -13.94
N GLU F 54 38.66 4.77 -14.84
CA GLU F 54 38.93 4.66 -16.27
C GLU F 54 40.10 3.70 -16.53
N GLY F 55 40.13 2.62 -15.75
CA GLY F 55 41.13 1.60 -15.89
C GLY F 55 42.51 1.97 -15.36
N THR F 56 43.02 3.17 -15.65
CA THR F 56 44.38 3.49 -15.23
C THR F 56 44.59 4.89 -14.66
N LYS F 57 43.60 5.79 -14.65
CA LYS F 57 43.83 7.15 -14.18
C LYS F 57 43.69 7.24 -12.67
N ARG F 58 44.64 7.93 -12.05
CA ARG F 58 44.67 8.09 -10.61
C ARG F 58 44.17 9.47 -10.24
N PRO F 59 43.14 9.58 -9.42
CA PRO F 59 42.66 10.90 -8.99
C PRO F 59 43.68 11.61 -8.13
N SER F 60 43.60 12.95 -8.13
CA SER F 60 44.49 13.74 -7.30
C SER F 60 44.25 13.43 -5.83
N GLY F 61 45.33 13.47 -5.04
CA GLY F 61 45.28 13.14 -3.64
C GLY F 61 45.70 11.70 -3.35
N VAL F 62 45.45 10.81 -4.30
CA VAL F 62 45.83 9.41 -4.15
C VAL F 62 47.34 9.29 -4.33
N SER F 63 47.99 8.62 -3.38
CA SER F 63 49.44 8.45 -3.39
C SER F 63 49.95 7.93 -4.73
N ASN F 64 51.08 8.49 -5.17
CA ASN F 64 51.72 8.07 -6.42
C ASN F 64 52.28 6.66 -6.36
N ARG F 65 52.19 5.98 -5.23
CA ARG F 65 52.59 4.59 -5.10
C ARG F 65 51.57 3.65 -5.72
N PHE F 66 50.39 4.15 -6.03
CA PHE F 66 49.32 3.40 -6.66
C PHE F 66 49.29 3.67 -8.15
N SER F 67 49.35 2.61 -8.94
CA SER F 67 49.25 2.69 -10.39
C SER F 67 48.38 1.55 -10.85
N ALA F 68 47.93 1.61 -12.10
CA ALA F 68 47.05 0.57 -12.59
C ALA F 68 47.30 0.33 -14.07
N SER F 69 46.98 -0.88 -14.50
CA SER F 69 47.10 -1.29 -15.88
C SER F 69 45.85 -2.07 -16.26
N LYS F 70 45.62 -2.19 -17.55
CA LYS F 70 44.46 -2.94 -18.01
C LYS F 70 44.77 -3.53 -19.38
N SER F 71 44.16 -4.69 -19.65
CA SER F 71 44.29 -5.34 -20.93
C SER F 71 42.90 -5.68 -21.46
N ALA F 72 42.83 -6.46 -22.54
CA ALA F 72 41.54 -6.86 -23.05
C ALA F 72 40.97 -8.04 -22.27
N THR F 73 41.75 -8.61 -21.35
CA THR F 73 41.32 -9.78 -20.59
C THR F 73 41.33 -9.61 -19.08
N ALA F 74 41.96 -8.57 -18.56
CA ALA F 74 42.03 -8.37 -17.12
C ALA F 74 42.42 -6.93 -16.81
N ALA F 75 42.24 -6.55 -15.54
CA ALA F 75 42.67 -5.25 -15.06
C ALA F 75 43.50 -5.50 -13.81
N SER F 76 44.52 -4.68 -13.57
CA SER F 76 45.35 -4.89 -12.41
C SER F 76 45.70 -3.58 -11.72
N LEU F 77 45.78 -3.65 -10.40
CA LEU F 77 46.22 -2.54 -9.56
C LEU F 77 47.57 -2.91 -9.00
N THR F 78 48.53 -2.00 -9.07
CA THR F 78 49.86 -2.21 -8.55
C THR F 78 50.18 -1.17 -7.49
N ILE F 79 50.66 -1.64 -6.34
CA ILE F 79 51.07 -0.79 -5.24
C ILE F 79 52.56 -1.01 -5.08
N SER F 80 53.33 0.03 -5.35
CA SER F 80 54.78 -0.02 -5.25
C SER F 80 55.20 0.63 -3.93
N GLY F 81 56.10 -0.04 -3.23
CA GLY F 81 56.55 0.42 -1.94
C GLY F 81 55.51 0.22 -0.85
N LEU F 82 55.06 -1.03 -0.73
CA LEU F 82 54.01 -1.41 0.22
C LEU F 82 54.25 -0.82 1.60
N GLN F 83 53.22 -0.19 2.17
CA GLN F 83 53.31 0.37 3.51
C GLN F 83 52.27 -0.26 4.42
N PRO F 84 52.54 -0.35 5.73
CA PRO F 84 51.53 -0.88 6.65
C PRO F 84 50.16 -0.25 6.51
N GLU F 85 50.08 1.04 6.17
CA GLU F 85 48.79 1.69 5.99
C GLU F 85 48.03 1.17 4.78
N ASP F 86 48.68 0.42 3.89
CA ASP F 86 48.03 -0.15 2.72
C ASP F 86 47.25 -1.42 3.03
N GLU F 87 47.41 -1.99 4.22
CA GLU F 87 46.66 -3.19 4.59
C GLU F 87 45.18 -2.88 4.58
N ALA F 88 44.43 -3.53 3.69
CA ALA F 88 43.03 -3.15 3.53
C ALA F 88 42.35 -4.12 2.58
N ASP F 89 41.03 -3.96 2.43
CA ASP F 89 40.32 -4.67 1.37
C ASP F 89 40.25 -3.77 0.14
N TYR F 90 40.54 -4.35 -1.03
CA TYR F 90 40.50 -3.63 -2.30
C TYR F 90 39.42 -4.24 -3.19
N TYR F 91 38.61 -3.40 -3.80
CA TYR F 91 37.53 -3.86 -4.68
C TYR F 91 37.66 -3.27 -6.07
N CYS F 92 37.47 -4.09 -7.10
CA CYS F 92 37.35 -3.57 -8.45
C CYS F 92 35.87 -3.42 -8.81
N CYS F 93 35.60 -2.54 -9.77
CA CYS F 93 34.23 -2.28 -10.21
C CYS F 93 34.19 -1.96 -11.70
N SER F 94 33.16 -2.44 -12.39
CA SER F 94 32.97 -2.03 -13.78
C SER F 94 31.49 -2.19 -14.13
N TYR F 95 31.15 -2.06 -15.41
CA TYR F 95 29.77 -2.24 -15.85
C TYR F 95 29.42 -3.71 -16.03
N ALA F 96 28.26 -4.10 -15.51
CA ALA F 96 27.74 -5.44 -15.76
C ALA F 96 26.96 -5.48 -17.08
N THR F 97 26.24 -4.41 -17.36
CA THR F 97 25.48 -4.21 -18.58
C THR F 97 25.64 -2.74 -18.96
N SER F 98 24.99 -2.35 -20.05
CA SER F 98 25.10 -0.96 -20.48
C SER F 98 24.62 0.02 -19.42
N ARG F 99 23.75 -0.43 -18.51
CA ARG F 99 23.15 0.45 -17.52
C ARG F 99 23.57 0.17 -16.08
N THR F 100 24.19 -0.97 -15.79
CA THR F 100 24.39 -1.42 -14.42
C THR F 100 25.85 -1.75 -14.13
N LEU F 101 26.27 -1.47 -12.90
CA LEU F 101 27.62 -1.73 -12.43
C LEU F 101 27.66 -2.97 -11.53
N VAL F 102 28.86 -3.51 -11.36
CA VAL F 102 29.13 -4.66 -10.49
C VAL F 102 30.51 -4.50 -9.88
N PHE F 103 30.65 -4.94 -8.63
CA PHE F 103 31.93 -5.00 -7.93
C PHE F 103 32.50 -6.41 -7.96
N GLY F 104 33.82 -6.49 -7.82
CA GLY F 104 34.49 -7.75 -7.58
C GLY F 104 34.26 -8.26 -6.17
N GLY F 105 34.67 -9.51 -5.94
CA GLY F 105 34.49 -10.10 -4.62
C GLY F 105 35.37 -9.52 -3.54
N GLY F 106 36.37 -8.74 -3.90
CA GLY F 106 37.31 -8.11 -2.98
C GLY F 106 38.55 -8.94 -2.74
N THR F 107 39.64 -8.23 -2.48
CA THR F 107 40.94 -8.81 -2.16
C THR F 107 41.44 -8.23 -0.84
N LYS F 108 41.77 -9.10 0.11
CA LYS F 108 42.32 -8.60 1.36
C LYS F 108 43.83 -8.55 1.15
N LEU F 109 44.38 -7.35 1.18
CA LEU F 109 45.81 -7.13 1.02
C LEU F 109 46.41 -7.01 2.41
N THR F 110 47.33 -7.94 2.69
CA THR F 110 48.10 -8.01 3.91
C THR F 110 49.52 -7.49 3.67
N VAL F 111 49.96 -6.63 4.56
CA VAL F 111 51.30 -6.08 4.60
C VAL F 111 52.00 -6.88 5.69
N VAL F 112 53.00 -7.65 5.32
CA VAL F 112 53.63 -8.59 6.24
C VAL F 112 54.58 -7.88 7.18
N GLY F 113 54.24 -7.89 8.46
CA GLY F 113 55.06 -7.39 9.52
C GLY F 113 55.69 -8.56 10.25
N GLN F 114 54.95 -9.67 10.33
CA GLN F 114 55.32 -10.88 11.05
C GLN F 114 55.29 -12.08 10.11
N PRO F 115 56.00 -13.16 10.45
CA PRO F 115 56.04 -14.33 9.55
C PRO F 115 54.67 -14.96 9.39
N LYS F 116 54.44 -15.55 8.21
CA LYS F 116 53.20 -16.29 7.97
C LYS F 116 53.04 -17.42 8.97
N ALA F 117 51.83 -17.54 9.49
CA ALA F 117 51.42 -18.58 10.43
C ALA F 117 50.14 -19.26 9.96
N ALA F 118 50.18 -20.58 9.90
CA ALA F 118 49.10 -21.44 9.44
C ALA F 118 48.08 -21.54 10.56
N PRO F 119 46.81 -21.72 10.25
CA PRO F 119 45.79 -21.80 11.30
C PRO F 119 45.83 -23.10 12.09
N SER F 120 45.51 -22.98 13.39
CA SER F 120 45.17 -24.11 14.22
C SER F 120 43.65 -24.25 14.23
N VAL F 121 43.17 -25.48 14.07
CA VAL F 121 41.74 -25.75 13.94
C VAL F 121 41.29 -26.73 15.02
N THR F 122 40.24 -26.34 15.74
CA THR F 122 39.57 -27.14 16.75
C THR F 122 38.10 -27.25 16.37
N LEU F 123 37.57 -28.47 16.34
CA LEU F 123 36.17 -28.66 15.98
C LEU F 123 35.47 -29.23 17.20
N PHE F 124 34.40 -28.54 17.64
CA PHE F 124 33.59 -29.00 18.73
C PHE F 124 32.26 -29.53 18.24
N PRO F 125 31.83 -30.67 18.78
CA PRO F 125 30.51 -31.20 18.49
C PRO F 125 29.45 -30.48 19.30
N PRO F 126 28.17 -30.71 19.00
CA PRO F 126 27.11 -30.18 19.86
C PRO F 126 27.28 -30.65 21.29
N SER F 127 27.01 -29.75 22.23
CA SER F 127 27.02 -30.12 23.64
C SER F 127 25.77 -30.94 23.98
N SER F 128 25.93 -31.82 24.97
CA SER F 128 24.79 -32.60 25.45
C SER F 128 23.66 -31.67 25.88
N GLU F 129 24.01 -30.53 26.48
CA GLU F 129 23.01 -29.58 26.93
C GLU F 129 22.21 -29.05 25.75
N GLU F 130 22.90 -28.66 24.67
CA GLU F 130 22.20 -28.16 23.49
C GLU F 130 21.33 -29.24 22.86
N LEU F 131 21.85 -30.47 22.78
CA LEU F 131 21.06 -31.59 22.25
C LEU F 131 19.78 -31.79 23.06
N GLN F 132 19.86 -31.58 24.37
CA GLN F 132 18.67 -31.68 25.20
C GLN F 132 17.66 -30.59 24.87
N ALA F 133 18.13 -29.47 24.32
CA ALA F 133 17.27 -28.39 23.86
C ALA F 133 16.79 -28.60 22.42
N ASN F 134 16.98 -29.80 21.85
CA ASN F 134 16.52 -30.15 20.50
C ASN F 134 17.19 -29.30 19.44
N LYS F 135 18.47 -29.03 19.70
CA LYS F 135 19.25 -28.22 18.80
C LYS F 135 20.64 -28.85 18.66
N ALA F 136 21.42 -28.43 17.66
CA ALA F 136 22.79 -28.94 17.53
C ALA F 136 23.57 -27.88 16.77
N THR F 137 24.77 -27.56 17.25
CA THR F 137 25.63 -26.59 16.58
C THR F 137 27.06 -27.11 16.61
N LEU F 138 27.65 -27.26 15.43
CA LEU F 138 29.06 -27.59 15.30
C LEU F 138 29.87 -26.30 15.25
N VAL F 139 30.91 -26.23 16.08
CA VAL F 139 31.68 -25.01 16.28
C VAL F 139 33.11 -25.26 15.81
N CYS F 140 33.54 -24.51 14.79
CA CYS F 140 34.86 -24.71 14.21
C CYS F 140 35.69 -23.46 14.48
N LEU F 141 36.68 -23.65 15.34
CA LEU F 141 37.54 -22.62 15.89
C LEU F 141 38.84 -22.60 15.09
N ILE F 142 39.17 -21.42 14.57
CA ILE F 142 40.35 -21.22 13.74
C ILE F 142 41.17 -20.13 14.41
N SER F 143 42.42 -20.41 14.73
CA SER F 143 43.19 -19.44 15.48
C SER F 143 44.64 -19.39 15.03
N ASP F 144 45.30 -18.29 15.42
CA ASP F 144 46.75 -18.13 15.31
C ASP F 144 47.24 -18.22 13.87
N PHE F 145 46.49 -17.66 12.92
CA PHE F 145 46.92 -17.68 11.54
C PHE F 145 47.27 -16.28 11.07
N TYR F 146 48.14 -16.21 10.07
CA TYR F 146 48.52 -14.96 9.43
C TYR F 146 49.03 -15.31 8.04
N PRO F 147 48.59 -14.56 7.01
CA PRO F 147 47.66 -13.42 7.08
C PRO F 147 46.22 -13.82 7.45
N GLY F 148 45.36 -12.81 7.63
CA GLY F 148 44.05 -13.00 8.21
C GLY F 148 42.97 -13.28 7.19
N ALA F 149 43.29 -14.16 6.23
CA ALA F 149 42.33 -14.63 5.23
C ALA F 149 42.32 -16.16 5.25
N VAL F 150 41.15 -16.74 5.45
CA VAL F 150 40.92 -18.18 5.41
C VAL F 150 39.64 -18.45 4.64
N THR F 151 39.54 -19.65 4.09
CA THR F 151 38.26 -20.09 3.54
C THR F 151 37.83 -21.32 4.32
N VAL F 152 36.51 -21.50 4.46
CA VAL F 152 35.95 -22.60 5.24
C VAL F 152 34.96 -23.38 4.39
N ALA F 153 35.10 -24.70 4.41
CA ALA F 153 34.19 -25.65 3.79
C ALA F 153 33.71 -26.65 4.83
N TRP F 154 32.41 -26.95 4.85
CA TRP F 154 31.90 -27.99 5.74
C TRP F 154 31.50 -29.22 4.93
N LYS F 155 31.61 -30.40 5.54
CA LYS F 155 31.17 -31.63 4.89
C LYS F 155 30.38 -32.52 5.83
N ALA F 156 29.31 -33.11 5.31
CA ALA F 156 28.57 -34.18 5.98
C ALA F 156 29.00 -35.50 5.33
N ASP F 157 29.71 -36.34 6.09
CA ASP F 157 30.43 -37.46 5.48
C ASP F 157 31.41 -36.90 4.46
N SER F 158 31.19 -37.22 3.18
CA SER F 158 32.03 -36.69 2.11
C SER F 158 31.32 -35.61 1.29
N SER F 159 30.09 -35.26 1.63
CA SER F 159 29.28 -34.35 0.84
C SER F 159 29.42 -32.92 1.33
N PRO F 160 29.92 -31.99 0.51
CA PRO F 160 29.99 -30.59 0.95
C PRO F 160 28.64 -30.05 1.37
N VAL F 161 28.63 -29.27 2.45
CA VAL F 161 27.42 -28.71 3.04
C VAL F 161 27.55 -27.20 3.06
N LYS F 162 26.50 -26.50 2.60
CA LYS F 162 26.48 -25.06 2.72
C LYS F 162 25.26 -24.51 3.47
N ALA F 163 24.15 -25.26 3.52
CA ALA F 163 22.99 -24.84 4.28
C ALA F 163 23.30 -24.73 5.77
N GLY F 164 22.90 -23.62 6.40
CA GLY F 164 23.10 -23.45 7.82
C GLY F 164 24.48 -23.03 8.27
N VAL F 165 25.41 -22.78 7.36
CA VAL F 165 26.77 -22.41 7.72
C VAL F 165 26.89 -20.90 7.83
N GLU F 166 27.44 -20.43 8.96
CA GLU F 166 27.70 -19.01 9.18
C GLU F 166 29.11 -18.83 9.75
N THR F 167 29.92 -18.03 9.07
CA THR F 167 31.33 -17.84 9.42
C THR F 167 31.63 -16.36 9.64
N THR F 168 32.37 -16.07 10.72
CA THR F 168 32.81 -14.73 11.05
C THR F 168 33.97 -14.29 10.17
N THR F 169 34.10 -12.98 10.03
CA THR F 169 35.29 -12.36 9.44
C THR F 169 36.46 -12.45 10.42
N PRO F 170 37.65 -12.87 9.98
CA PRO F 170 38.78 -13.02 10.91
C PRO F 170 39.05 -11.71 11.64
N SER F 171 39.40 -11.84 12.92
CA SER F 171 39.71 -10.71 13.78
C SER F 171 41.05 -10.90 14.48
N LYS F 172 41.73 -9.77 14.72
CA LYS F 172 43.03 -9.79 15.36
C LYS F 172 42.93 -10.31 16.79
N GLN F 173 43.81 -11.24 17.12
CA GLN F 173 44.01 -11.74 18.47
C GLN F 173 44.88 -10.80 19.29
N SER F 174 44.99 -11.10 20.59
CA SER F 174 45.85 -10.29 21.45
C SER F 174 47.30 -10.34 21.02
N ASN F 175 47.69 -11.33 20.22
CA ASN F 175 49.06 -11.44 19.75
C ASN F 175 49.26 -10.94 18.33
N ASN F 176 48.29 -10.22 17.76
CA ASN F 176 48.35 -9.64 16.41
C ASN F 176 48.16 -10.67 15.31
N LYS F 177 47.98 -11.95 15.62
CA LYS F 177 47.59 -12.90 14.60
C LYS F 177 46.07 -12.95 14.57
N TYR F 178 45.50 -13.72 13.65
CA TYR F 178 44.06 -13.65 13.48
C TYR F 178 43.38 -14.94 13.93
N ALA F 179 42.10 -14.78 14.28
CA ALA F 179 41.20 -15.86 14.62
C ALA F 179 39.88 -15.68 13.88
N ALA F 180 39.22 -16.80 13.60
CA ALA F 180 37.88 -16.79 13.01
C ALA F 180 37.12 -18.02 13.48
N SER F 181 35.80 -17.94 13.36
CA SER F 181 34.91 -19.02 13.82
C SER F 181 33.88 -19.33 12.74
N SER F 182 33.47 -20.59 12.69
CA SER F 182 32.50 -21.08 11.72
C SER F 182 31.50 -21.96 12.43
N TYR F 183 30.23 -21.82 12.06
CA TYR F 183 29.15 -22.55 12.71
C TYR F 183 28.39 -23.36 11.67
N LEU F 184 28.06 -24.60 12.02
CA LEU F 184 27.17 -25.46 11.23
C LEU F 184 26.00 -25.78 12.14
N SER F 185 24.81 -25.27 11.80
CA SER F 185 23.62 -25.50 12.60
C SER F 185 22.78 -26.66 12.08
N LEU F 186 22.50 -27.61 12.97
CA LEU F 186 21.82 -28.85 12.62
C LEU F 186 20.73 -29.13 13.65
N THR F 187 19.79 -29.98 13.26
CA THR F 187 18.89 -30.63 14.20
C THR F 187 19.61 -31.84 14.80
N PRO F 188 19.21 -32.30 15.98
CA PRO F 188 19.81 -33.54 16.50
C PRO F 188 19.66 -34.70 15.54
N GLU F 189 18.51 -34.80 14.85
CA GLU F 189 18.32 -35.87 13.89
C GLU F 189 19.29 -35.77 12.72
N GLN F 190 19.50 -34.55 12.21
CA GLN F 190 20.50 -34.34 11.16
C GLN F 190 21.89 -34.74 11.62
N TRP F 191 22.35 -34.22 12.76
CA TRP F 191 23.67 -34.58 13.27
C TRP F 191 23.80 -36.09 13.34
N LYS F 192 22.81 -36.75 13.93
CA LYS F 192 22.86 -38.18 14.17
C LYS F 192 22.65 -38.99 12.89
N SER F 193 22.21 -38.38 11.78
CA SER F 193 21.91 -39.18 10.60
C SER F 193 23.16 -39.52 9.79
N HIS F 194 24.27 -38.83 10.01
CA HIS F 194 25.49 -39.06 9.25
C HIS F 194 26.55 -39.71 10.13
N ARG F 195 27.51 -40.36 9.47
CA ARG F 195 28.66 -40.96 10.15
C ARG F 195 29.63 -39.92 10.70
N SER F 196 29.82 -38.78 10.04
CA SER F 196 30.78 -37.80 10.55
C SER F 196 30.48 -36.44 9.94
N TYR F 197 31.09 -35.41 10.52
CA TYR F 197 31.13 -34.08 9.93
C TYR F 197 32.58 -33.59 9.87
N SER F 198 32.89 -32.73 8.90
CA SER F 198 34.23 -32.17 8.76
C SER F 198 34.19 -30.65 8.58
N CYS F 199 35.20 -29.99 9.15
CA CYS F 199 35.51 -28.58 8.97
C CYS F 199 36.84 -28.45 8.22
N GLN F 200 36.80 -27.80 7.05
CA GLN F 200 37.97 -27.63 6.19
C GLN F 200 38.39 -26.17 6.10
N VAL F 201 39.60 -25.87 6.58
CA VAL F 201 40.14 -24.51 6.59
C VAL F 201 41.26 -24.42 5.54
N THR F 202 41.13 -23.50 4.58
CA THR F 202 42.18 -23.29 3.59
C THR F 202 42.86 -21.97 3.88
N HIS F 203 44.19 -22.00 3.96
CA HIS F 203 45.01 -20.83 4.27
C HIS F 203 46.26 -20.93 3.41
N GLU F 204 46.48 -19.91 2.57
CA GLU F 204 47.67 -19.79 1.71
C GLU F 204 47.88 -21.06 0.87
N GLY F 205 46.77 -21.58 0.34
CA GLY F 205 46.79 -22.71 -0.55
C GLY F 205 46.88 -24.08 0.10
N SER F 206 46.93 -24.17 1.42
CA SER F 206 46.92 -25.47 2.08
C SER F 206 45.64 -25.63 2.89
N THR F 207 45.22 -26.88 3.07
CA THR F 207 43.95 -27.18 3.70
C THR F 207 44.16 -28.08 4.90
N VAL F 208 43.50 -27.73 6.01
CA VAL F 208 43.48 -28.52 7.24
C VAL F 208 42.04 -28.90 7.48
N GLU F 209 41.76 -30.19 7.62
CA GLU F 209 40.41 -30.67 7.83
C GLU F 209 40.34 -31.46 9.12
N LYS F 210 39.42 -31.08 10.00
CA LYS F 210 39.16 -31.82 11.23
C LYS F 210 37.78 -32.45 11.13
N THR F 211 37.65 -33.65 11.68
CA THR F 211 36.42 -34.42 11.58
C THR F 211 36.00 -34.91 12.97
N VAL F 212 34.69 -34.87 13.22
CA VAL F 212 34.11 -35.38 14.45
C VAL F 212 32.90 -36.24 14.08
N ALA F 213 32.56 -37.16 14.97
CA ALA F 213 31.49 -38.06 14.61
C ALA F 213 30.46 -38.11 15.74
N PRO F 214 29.19 -38.34 15.39
CA PRO F 214 28.17 -38.50 16.44
C PRO F 214 28.45 -39.63 17.41
N THR F 215 29.07 -40.70 16.95
CA THR F 215 29.30 -41.88 17.78
C THR F 215 30.60 -41.75 18.57
#